data_2BUI
#
_entry.id   2BUI
#
_cell.length_a   59.037
_cell.length_b   138.662
_cell.length_c   212.275
_cell.angle_alpha   90.00
_cell.angle_beta   90.00
_cell.angle_gamma   90.00
#
_symmetry.space_group_name_H-M   'P 21 21 21'
#
loop_
_entity.id
_entity.type
_entity.pdbx_description
1 polymer '3-OXOACYL-[ACYL-CARRIER-PROTEIN] SYNTHASE I'
2 non-polymer 'AMMONIUM ION'
3 non-polymer 'OCTANOIC ACID (CAPRYLIC ACID)'
4 water water
#
_entity_poly.entity_id   1
_entity_poly.type   'polypeptide(L)'
_entity_poly.pdbx_seq_one_letter_code
;MKRAVITGLGIVSSIGNNQQEVLASLREGRSGITFSQELKDSGMRSHVWGNVKLDTTGLIDRKVVRFMSDASIYAFLSME
QAIADAGLSPEAYQNNPRVGLIAGSGGGSPRFQVFGADAMRGPRGLKAVGPYVVTKAMASGVSACLATPFKIHGVNYSIS
SACATSAHCIGNAVEQIQLGKQDIVFAGGGEELCWEMACEFDAMGALSTKYNDTPEKASRTYDAHRDGFVIAGGGGMVVV
EELEHALARGAHIYAEIVGYGATSDGADMVAPSGEGAVRCMKMAMHGVDTPIDYLNSHGTSTPVGDVKELAAIREVFGDK
SPAISATKAMTGHSLGAAGVQEAIYSLLMLEHGFIAPSINIEELDEQAAGLNIVTETTDRELTTVMSNSFGFGGTNATLV
MRKLKD
;
_entity_poly.pdbx_strand_id   A,B,C,D
#
loop_
_chem_comp.id
_chem_comp.type
_chem_comp.name
_chem_comp.formula
NH4 non-polymer 'AMMONIUM ION' 'H4 N 1'
OCA non-polymer 'OCTANOIC ACID (CAPRYLIC ACID)' 'C8 H16 O2'
#
# COMPACT_ATOMS: atom_id res chain seq x y z
N MET A 1 -24.76 -9.81 -45.27
CA MET A 1 -23.92 -10.06 -44.07
C MET A 1 -22.46 -9.73 -44.33
N LYS A 2 -21.96 -8.71 -43.64
CA LYS A 2 -20.58 -8.28 -43.79
C LYS A 2 -19.64 -9.03 -42.85
N ARG A 3 -18.34 -9.00 -43.18
CA ARG A 3 -17.34 -9.68 -42.38
C ARG A 3 -16.64 -8.76 -41.39
N ALA A 4 -16.29 -9.29 -40.23
CA ALA A 4 -15.62 -8.52 -39.20
C ALA A 4 -14.26 -9.11 -38.89
N VAL A 5 -13.25 -8.25 -38.89
CA VAL A 5 -11.88 -8.65 -38.60
C VAL A 5 -11.38 -7.82 -37.42
N ILE A 6 -10.35 -8.32 -36.74
CA ILE A 6 -9.74 -7.62 -35.62
C ILE A 6 -8.49 -6.94 -36.18
N THR A 7 -8.45 -5.62 -36.05
CA THR A 7 -7.36 -4.81 -36.59
C THR A 7 -6.48 -4.13 -35.53
N GLY A 8 -6.71 -4.46 -34.27
CA GLY A 8 -5.92 -3.87 -33.21
C GLY A 8 -6.32 -4.46 -31.87
N LEU A 9 -5.38 -4.47 -30.92
CA LEU A 9 -5.67 -5.02 -29.60
C LEU A 9 -4.85 -4.33 -28.52
N GLY A 10 -5.34 -4.41 -27.29
CA GLY A 10 -4.66 -3.81 -26.16
C GLY A 10 -4.94 -4.67 -24.95
N ILE A 11 -4.02 -4.68 -23.99
CA ILE A 11 -4.23 -5.52 -22.82
C ILE A 11 -3.39 -5.16 -21.59
N VAL A 12 -4.04 -5.21 -20.42
CA VAL A 12 -3.40 -4.96 -19.15
C VAL A 12 -3.71 -6.25 -18.38
N SER A 13 -2.70 -7.09 -18.23
CA SER A 13 -2.87 -8.38 -17.58
C SER A 13 -1.89 -8.72 -16.47
N SER A 14 -2.18 -9.80 -15.76
CA SER A 14 -1.34 -10.26 -14.68
C SER A 14 0.00 -10.71 -15.24
N ILE A 15 0.02 -11.05 -16.53
CA ILE A 15 1.24 -11.49 -17.19
C ILE A 15 1.76 -10.47 -18.23
N GLY A 16 1.32 -9.22 -18.13
CA GLY A 16 1.79 -8.23 -19.07
C GLY A 16 0.96 -6.96 -19.14
N ASN A 17 1.65 -5.82 -19.26
CA ASN A 17 0.98 -4.53 -19.34
C ASN A 17 0.75 -4.11 -20.80
N ASN A 18 1.05 -5.02 -21.71
CA ASN A 18 0.85 -4.79 -23.15
C ASN A 18 1.05 -6.11 -23.89
N GLN A 19 0.77 -6.13 -25.18
CA GLN A 19 0.90 -7.37 -25.92
C GLN A 19 2.30 -7.93 -25.99
N GLN A 20 3.31 -7.06 -25.89
CA GLN A 20 4.69 -7.51 -25.92
C GLN A 20 5.01 -8.27 -24.64
N GLU A 21 4.68 -7.68 -23.50
CA GLU A 21 4.91 -8.34 -22.23
C GLU A 21 4.08 -9.63 -22.14
N VAL A 22 2.87 -9.60 -22.69
CA VAL A 22 1.99 -10.77 -22.68
C VAL A 22 2.58 -11.88 -23.56
N LEU A 23 3.12 -11.49 -24.70
CA LEU A 23 3.72 -12.46 -25.62
C LEU A 23 4.90 -13.16 -24.93
N ALA A 24 5.76 -12.36 -24.29
CA ALA A 24 6.93 -12.87 -23.59
C ALA A 24 6.58 -13.84 -22.47
N SER A 25 5.49 -13.55 -21.76
CA SER A 25 5.06 -14.40 -20.65
C SER A 25 4.49 -15.72 -21.16
N LEU A 26 3.64 -15.64 -22.18
CA LEU A 26 3.02 -16.83 -22.74
C LEU A 26 4.02 -17.86 -23.26
N ARG A 27 4.99 -17.42 -24.04
CA ARG A 27 5.98 -18.35 -24.58
C ARG A 27 6.84 -18.94 -23.48
N GLU A 28 7.11 -18.13 -22.47
CA GLU A 28 7.93 -18.55 -21.34
C GLU A 28 7.12 -19.40 -20.37
N GLY A 29 5.79 -19.34 -20.47
CA GLY A 29 4.94 -20.10 -19.57
C GLY A 29 5.01 -19.46 -18.20
N ARG A 30 5.30 -18.16 -18.20
CA ARG A 30 5.42 -17.40 -16.96
C ARG A 30 4.08 -17.20 -16.26
N SER A 31 4.12 -17.26 -14.93
CA SER A 31 2.93 -17.11 -14.09
C SER A 31 2.73 -15.67 -13.64
N GLY A 32 1.49 -15.29 -13.44
CA GLY A 32 1.19 -13.94 -12.99
C GLY A 32 0.58 -13.90 -11.60
N ILE A 33 0.51 -15.05 -10.93
CA ILE A 33 -0.07 -15.14 -9.59
C ILE A 33 0.95 -14.78 -8.51
N THR A 34 0.52 -14.00 -7.52
CA THR A 34 1.39 -13.57 -6.45
C THR A 34 0.68 -13.73 -5.11
N PHE A 35 1.42 -13.62 -4.02
CA PHE A 35 0.82 -13.70 -2.69
C PHE A 35 0.17 -12.35 -2.45
N SER A 36 -1.03 -12.36 -1.89
CA SER A 36 -1.74 -11.13 -1.62
C SER A 36 -1.95 -10.89 -0.13
N GLN A 37 -1.28 -9.89 0.41
CA GLN A 37 -1.42 -9.57 1.83
C GLN A 37 -2.84 -9.09 2.08
N GLU A 38 -3.39 -8.38 1.09
CA GLU A 38 -4.75 -7.86 1.19
C GLU A 38 -5.77 -8.98 1.40
N LEU A 39 -5.70 -10.01 0.57
CA LEU A 39 -6.65 -11.11 0.70
C LEU A 39 -6.52 -11.78 2.06
N LYS A 40 -5.27 -12.03 2.47
CA LYS A 40 -5.03 -12.66 3.76
C LYS A 40 -5.58 -11.79 4.89
N ASP A 41 -5.29 -10.49 4.85
CA ASP A 41 -5.78 -9.58 5.89
C ASP A 41 -7.31 -9.53 5.98
N SER A 42 -7.98 -9.62 4.84
CA SER A 42 -9.44 -9.58 4.83
C SER A 42 -10.02 -10.79 5.57
N GLY A 43 -9.18 -11.80 5.79
CA GLY A 43 -9.62 -12.98 6.49
C GLY A 43 -9.98 -14.15 5.58
N MET A 44 -9.60 -14.04 4.32
CA MET A 44 -9.89 -15.08 3.34
C MET A 44 -8.96 -16.28 3.48
N ARG A 45 -9.35 -17.37 2.83
CA ARG A 45 -8.58 -18.60 2.86
C ARG A 45 -7.67 -18.61 1.64
N SER A 46 -8.12 -17.93 0.58
CA SER A 46 -7.35 -17.83 -0.65
C SER A 46 -6.46 -16.61 -0.49
N HIS A 47 -5.15 -16.82 -0.57
CA HIS A 47 -4.19 -15.72 -0.41
C HIS A 47 -3.41 -15.42 -1.68
N VAL A 48 -3.91 -15.92 -2.81
CA VAL A 48 -3.25 -15.68 -4.08
C VAL A 48 -4.16 -15.02 -5.11
N TRP A 49 -3.56 -14.25 -6.01
CA TRP A 49 -4.32 -13.58 -7.05
C TRP A 49 -3.44 -13.17 -8.23
N GLY A 50 -4.09 -12.90 -9.37
CA GLY A 50 -3.36 -12.47 -10.55
C GLY A 50 -3.55 -10.97 -10.65
N ASN A 51 -2.67 -10.24 -9.98
CA ASN A 51 -2.75 -8.78 -9.95
C ASN A 51 -2.05 -8.10 -11.12
N VAL A 52 -2.45 -6.86 -11.38
CA VAL A 52 -1.85 -6.07 -12.45
C VAL A 52 -0.64 -5.39 -11.80
N LYS A 53 0.54 -5.64 -12.35
CA LYS A 53 1.76 -5.05 -11.81
C LYS A 53 2.02 -3.75 -12.56
N LEU A 54 1.27 -2.69 -12.21
CA LEU A 54 1.43 -1.41 -12.90
C LEU A 54 0.96 -0.23 -12.07
N ASP A 55 1.79 0.79 -11.96
CA ASP A 55 1.42 2.00 -11.23
C ASP A 55 0.70 2.90 -12.23
N THR A 56 -0.63 2.90 -12.17
CA THR A 56 -1.42 3.69 -13.11
C THR A 56 -1.52 5.17 -12.78
N THR A 57 -0.82 5.61 -11.72
CA THR A 57 -0.86 7.01 -11.35
C THR A 57 -0.41 7.90 -12.50
N GLY A 58 -1.20 8.93 -12.78
CA GLY A 58 -0.87 9.86 -13.84
C GLY A 58 -1.02 9.37 -15.27
N LEU A 59 -1.47 8.13 -15.46
CA LEU A 59 -1.64 7.59 -16.80
C LEU A 59 -2.91 8.06 -17.47
N ILE A 60 -3.88 8.50 -16.68
CA ILE A 60 -5.14 8.99 -17.21
C ILE A 60 -5.38 10.39 -16.69
N ASP A 61 -5.88 11.25 -17.56
CA ASP A 61 -6.17 12.64 -17.21
C ASP A 61 -7.00 12.74 -15.93
N ARG A 62 -6.62 13.68 -15.07
CA ARG A 62 -7.29 13.92 -13.79
C ARG A 62 -8.81 14.01 -13.87
N LYS A 63 -9.30 14.84 -14.79
CA LYS A 63 -10.73 15.04 -14.96
C LYS A 63 -11.44 13.84 -15.57
N VAL A 64 -10.67 12.89 -16.10
CA VAL A 64 -11.23 11.69 -16.72
C VAL A 64 -11.25 10.51 -15.75
N VAL A 65 -10.13 10.31 -15.06
CA VAL A 65 -9.99 9.19 -14.14
C VAL A 65 -10.82 9.34 -12.86
N ARG A 66 -11.23 10.55 -12.54
CA ARG A 66 -12.01 10.81 -11.32
C ARG A 66 -13.37 10.10 -11.32
N PHE A 67 -13.83 9.66 -12.48
CA PHE A 67 -15.11 8.96 -12.57
C PHE A 67 -14.92 7.46 -12.65
N MET A 68 -13.66 7.04 -12.78
CA MET A 68 -13.33 5.63 -12.97
C MET A 68 -12.98 4.74 -11.78
N SER A 69 -13.33 3.47 -11.93
CA SER A 69 -13.03 2.44 -10.95
C SER A 69 -11.93 1.66 -11.65
N ASP A 70 -11.30 0.71 -10.97
CA ASP A 70 -10.22 -0.04 -11.60
C ASP A 70 -10.60 -0.75 -12.88
N ALA A 71 -11.78 -1.36 -12.93
CA ALA A 71 -12.21 -2.06 -14.14
C ALA A 71 -12.17 -1.11 -15.34
N SER A 72 -12.67 0.11 -15.14
CA SER A 72 -12.69 1.11 -16.20
C SER A 72 -11.27 1.54 -16.58
N ILE A 73 -10.42 1.74 -15.58
CA ILE A 73 -9.04 2.15 -15.80
C ILE A 73 -8.28 1.13 -16.66
N TYR A 74 -8.39 -0.14 -16.31
CA TYR A 74 -7.72 -1.19 -17.05
C TYR A 74 -8.22 -1.23 -18.49
N ALA A 75 -9.52 -1.10 -18.69
CA ALA A 75 -10.11 -1.12 -20.03
C ALA A 75 -9.69 0.12 -20.83
N PHE A 76 -9.62 1.26 -20.15
CA PHE A 76 -9.22 2.50 -20.80
C PHE A 76 -7.81 2.38 -21.36
N LEU A 77 -6.88 1.91 -20.54
CA LEU A 77 -5.50 1.75 -20.97
C LEU A 77 -5.43 0.74 -22.10
N SER A 78 -6.26 -0.30 -22.04
CA SER A 78 -6.29 -1.31 -23.07
C SER A 78 -6.76 -0.69 -24.38
N MET A 79 -7.75 0.19 -24.29
CA MET A 79 -8.29 0.84 -25.47
C MET A 79 -7.26 1.77 -26.13
N GLU A 80 -6.49 2.49 -25.32
CA GLU A 80 -5.46 3.39 -25.84
C GLU A 80 -4.47 2.55 -26.66
N GLN A 81 -4.12 1.39 -26.13
CA GLN A 81 -3.22 0.49 -26.82
C GLN A 81 -3.85 0.01 -28.12
N ALA A 82 -5.11 -0.40 -28.05
CA ALA A 82 -5.83 -0.89 -29.23
C ALA A 82 -5.88 0.17 -30.32
N ILE A 83 -6.19 1.42 -29.93
CA ILE A 83 -6.27 2.52 -30.89
C ILE A 83 -4.95 2.72 -31.65
N ALA A 84 -3.85 2.82 -30.90
CA ALA A 84 -2.52 3.00 -31.48
C ALA A 84 -2.13 1.81 -32.33
N ASP A 85 -2.38 0.61 -31.82
CA ASP A 85 -2.04 -0.62 -32.53
C ASP A 85 -2.89 -0.81 -33.79
N ALA A 86 -4.03 -0.13 -33.85
CA ALA A 86 -4.90 -0.23 -35.02
C ALA A 86 -4.54 0.80 -36.09
N GLY A 87 -3.75 1.80 -35.69
CA GLY A 87 -3.33 2.83 -36.63
C GLY A 87 -4.40 3.90 -36.81
N LEU A 88 -5.27 4.02 -35.81
CA LEU A 88 -6.35 5.01 -35.88
C LEU A 88 -6.01 6.29 -35.14
N SER A 89 -6.51 7.40 -35.67
CA SER A 89 -6.30 8.71 -35.05
C SER A 89 -7.66 9.34 -34.79
N PRO A 90 -7.71 10.34 -33.87
CA PRO A 90 -8.97 11.03 -33.51
C PRO A 90 -9.89 11.37 -34.67
N GLU A 91 -9.32 11.98 -35.70
CA GLU A 91 -10.08 12.39 -36.87
C GLU A 91 -10.92 11.25 -37.45
N ALA A 92 -10.46 10.02 -37.28
CA ALA A 92 -11.15 8.87 -37.84
C ALA A 92 -12.12 8.10 -36.96
N TYR A 93 -11.90 8.08 -35.64
CA TYR A 93 -12.79 7.32 -34.77
C TYR A 93 -13.62 8.13 -33.78
N GLN A 94 -13.29 9.42 -33.64
CA GLN A 94 -14.03 10.30 -32.73
C GLN A 94 -15.13 11.06 -33.46
N ASN A 95 -16.22 11.33 -32.76
CA ASN A 95 -17.36 12.05 -33.32
C ASN A 95 -17.82 11.40 -34.61
N ASN A 96 -17.76 10.08 -34.67
CA ASN A 96 -18.15 9.32 -35.84
C ASN A 96 -19.25 8.33 -35.49
N PRO A 97 -20.49 8.59 -35.96
CA PRO A 97 -21.65 7.73 -35.71
C PRO A 97 -21.41 6.27 -36.09
N ARG A 98 -20.46 6.05 -36.99
CA ARG A 98 -20.15 4.70 -37.47
C ARG A 98 -19.13 3.94 -36.60
N VAL A 99 -18.76 4.50 -35.46
CA VAL A 99 -17.81 3.88 -34.56
C VAL A 99 -18.38 3.80 -33.15
N GLY A 100 -18.45 2.58 -32.60
CA GLY A 100 -19.00 2.41 -31.27
C GLY A 100 -18.11 1.69 -30.28
N LEU A 101 -18.69 1.41 -29.12
CA LEU A 101 -17.98 0.72 -28.04
C LEU A 101 -18.89 -0.20 -27.25
N ILE A 102 -18.50 -1.48 -27.15
CA ILE A 102 -19.25 -2.45 -26.38
C ILE A 102 -18.23 -3.16 -25.50
N ALA A 103 -18.21 -2.79 -24.22
CA ALA A 103 -17.27 -3.35 -23.26
C ALA A 103 -17.88 -3.34 -21.87
N GLY A 104 -17.61 -4.41 -21.11
CA GLY A 104 -18.17 -4.48 -19.77
C GLY A 104 -17.32 -5.20 -18.75
N SER A 105 -17.86 -5.35 -17.55
CA SER A 105 -17.19 -6.04 -16.46
C SER A 105 -18.17 -7.02 -15.83
N GLY A 106 -17.64 -7.92 -15.01
CA GLY A 106 -18.48 -8.91 -14.36
C GLY A 106 -19.19 -8.40 -13.12
N GLY A 107 -18.52 -7.55 -12.34
CA GLY A 107 -19.13 -7.05 -11.13
C GLY A 107 -19.20 -5.56 -10.92
N GLY A 108 -18.92 -4.78 -11.97
CA GLY A 108 -18.93 -3.33 -11.83
C GLY A 108 -17.81 -2.94 -10.90
N SER A 109 -18.14 -2.46 -9.71
CA SER A 109 -17.13 -2.10 -8.74
C SER A 109 -17.54 -2.30 -7.29
N PRO A 110 -17.40 -3.53 -6.79
CA PRO A 110 -17.76 -3.83 -5.39
C PRO A 110 -16.99 -2.91 -4.44
N ARG A 111 -15.74 -2.62 -4.78
CA ARG A 111 -14.90 -1.76 -3.94
C ARG A 111 -15.50 -0.37 -3.75
N PHE A 112 -15.93 0.26 -4.83
CA PHE A 112 -16.51 1.59 -4.67
C PHE A 112 -17.94 1.55 -4.15
N GLN A 113 -18.58 0.39 -4.29
CA GLN A 113 -19.94 0.26 -3.75
C GLN A 113 -19.77 0.20 -2.24
N VAL A 114 -18.78 -0.55 -1.79
CA VAL A 114 -18.50 -0.68 -0.36
C VAL A 114 -17.94 0.63 0.20
N PHE A 115 -17.16 1.35 -0.62
CA PHE A 115 -16.60 2.63 -0.18
C PHE A 115 -17.73 3.62 0.05
N GLY A 116 -18.71 3.61 -0.85
CA GLY A 116 -19.85 4.51 -0.73
C GLY A 116 -20.65 4.26 0.54
N ALA A 117 -20.91 2.98 0.82
CA ALA A 117 -21.67 2.60 2.01
C ALA A 117 -20.87 2.92 3.28
N ASP A 118 -19.59 2.56 3.26
CA ASP A 118 -18.72 2.83 4.41
C ASP A 118 -18.69 4.33 4.69
N ALA A 119 -18.44 5.12 3.66
CA ALA A 119 -18.36 6.57 3.80
C ALA A 119 -19.69 7.19 4.24
N MET A 120 -20.78 6.77 3.61
CA MET A 120 -22.12 7.29 3.95
C MET A 120 -22.45 7.03 5.41
N ARG A 121 -22.07 5.85 5.90
CA ARG A 121 -22.34 5.48 7.29
C ARG A 121 -21.41 6.20 8.27
N GLY A 122 -20.44 6.93 7.73
CA GLY A 122 -19.53 7.68 8.56
C GLY A 122 -20.20 8.95 9.03
N PRO A 123 -19.53 9.78 9.85
CA PRO A 123 -20.13 11.02 10.34
C PRO A 123 -20.24 12.15 9.31
N ARG A 124 -19.55 12.02 8.19
CA ARG A 124 -19.57 13.03 7.13
C ARG A 124 -20.68 12.80 6.11
N GLY A 125 -21.23 11.59 6.11
CA GLY A 125 -22.32 11.25 5.20
C GLY A 125 -22.07 11.52 3.72
N LEU A 126 -23.03 12.20 3.08
CA LEU A 126 -22.95 12.52 1.66
C LEU A 126 -21.64 13.19 1.27
N LYS A 127 -21.12 14.04 2.14
CA LYS A 127 -19.87 14.74 1.87
C LYS A 127 -18.73 13.75 1.72
N ALA A 128 -18.74 12.67 2.51
CA ALA A 128 -17.69 11.67 2.46
C ALA A 128 -17.81 10.78 1.23
N VAL A 129 -19.04 10.53 0.78
CA VAL A 129 -19.28 9.69 -0.39
C VAL A 129 -18.68 10.34 -1.64
N GLY A 130 -18.91 11.64 -1.81
CA GLY A 130 -18.40 12.32 -2.99
C GLY A 130 -19.38 12.19 -4.14
N PRO A 131 -19.22 12.97 -5.22
CA PRO A 131 -20.12 12.91 -6.37
C PRO A 131 -19.64 12.02 -7.53
N TYR A 132 -18.71 11.12 -7.26
CA TYR A 132 -18.16 10.26 -8.32
C TYR A 132 -18.37 8.76 -8.09
N VAL A 133 -19.22 8.38 -7.14
CA VAL A 133 -19.42 6.97 -6.88
C VAL A 133 -20.27 6.23 -7.91
N VAL A 134 -21.34 6.87 -8.38
CA VAL A 134 -22.22 6.23 -9.35
C VAL A 134 -21.52 5.71 -10.61
N THR A 135 -20.72 6.54 -11.25
CA THR A 135 -20.01 6.14 -12.47
C THR A 135 -18.96 5.06 -12.22
N LYS A 136 -18.46 4.97 -10.99
CA LYS A 136 -17.47 3.96 -10.65
C LYS A 136 -18.14 2.63 -10.33
N ALA A 137 -19.26 2.71 -9.62
CA ALA A 137 -20.00 1.53 -9.18
C ALA A 137 -21.02 0.97 -10.16
N MET A 138 -21.57 1.80 -11.04
CA MET A 138 -22.58 1.31 -11.98
C MET A 138 -22.00 0.24 -12.90
N ALA A 139 -22.81 -0.78 -13.18
CA ALA A 139 -22.42 -1.91 -14.01
C ALA A 139 -21.86 -1.52 -15.38
N SER A 140 -22.34 -0.40 -15.91
CA SER A 140 -21.90 0.07 -17.22
C SER A 140 -20.70 1.03 -17.14
N GLY A 141 -20.02 1.03 -15.99
CA GLY A 141 -18.86 1.89 -15.81
C GLY A 141 -17.83 1.76 -16.92
N VAL A 142 -17.49 0.52 -17.26
CA VAL A 142 -16.50 0.22 -18.28
C VAL A 142 -16.80 0.84 -19.65
N SER A 143 -18.05 0.82 -20.07
CA SER A 143 -18.38 1.42 -21.36
C SER A 143 -18.59 2.92 -21.24
N ALA A 144 -19.25 3.34 -20.17
CA ALA A 144 -19.51 4.75 -19.93
C ALA A 144 -18.24 5.57 -19.80
N CYS A 145 -17.31 5.07 -19.00
CA CYS A 145 -16.04 5.77 -18.76
C CYS A 145 -15.08 5.76 -19.94
N LEU A 146 -15.40 5.03 -21.00
CA LEU A 146 -14.53 4.99 -22.17
C LEU A 146 -15.15 5.73 -23.36
N ALA A 147 -16.42 5.46 -23.64
CA ALA A 147 -17.11 6.10 -24.74
C ALA A 147 -17.12 7.63 -24.62
N THR A 148 -17.21 8.13 -23.39
CA THR A 148 -17.25 9.58 -23.19
C THR A 148 -15.93 10.29 -23.50
N PRO A 149 -14.82 9.91 -22.81
CA PRO A 149 -13.54 10.58 -23.09
C PRO A 149 -12.99 10.29 -24.48
N PHE A 150 -13.30 9.13 -25.04
CA PHE A 150 -12.83 8.78 -26.37
C PHE A 150 -13.74 9.30 -27.47
N LYS A 151 -14.78 10.03 -27.07
CA LYS A 151 -15.73 10.65 -27.98
C LYS A 151 -16.46 9.72 -28.96
N ILE A 152 -16.85 8.54 -28.49
CA ILE A 152 -17.57 7.62 -29.34
C ILE A 152 -18.99 8.17 -29.57
N HIS A 153 -19.50 8.00 -30.79
CA HIS A 153 -20.84 8.45 -31.14
C HIS A 153 -21.78 7.32 -31.57
N GLY A 154 -21.23 6.13 -31.84
CA GLY A 154 -22.06 5.01 -32.25
C GLY A 154 -22.66 4.30 -31.04
N VAL A 155 -22.75 2.96 -31.08
CA VAL A 155 -23.29 2.20 -29.96
C VAL A 155 -22.45 2.46 -28.71
N ASN A 156 -23.06 2.31 -27.55
CA ASN A 156 -22.35 2.51 -26.32
C ASN A 156 -23.11 1.92 -25.15
N TYR A 157 -22.71 0.70 -24.78
CA TYR A 157 -23.29 -0.03 -23.67
C TYR A 157 -22.41 -1.19 -23.30
N SER A 158 -22.71 -1.82 -22.18
CA SER A 158 -21.93 -2.96 -21.71
C SER A 158 -22.75 -4.25 -21.74
N ILE A 159 -22.11 -5.32 -22.20
CA ILE A 159 -22.77 -6.62 -22.16
C ILE A 159 -22.11 -7.21 -20.91
N SER A 160 -22.90 -7.80 -20.03
CA SER A 160 -22.34 -8.40 -18.82
C SER A 160 -22.93 -9.78 -18.69
N SER A 161 -22.06 -10.77 -18.50
CA SER A 161 -22.50 -12.15 -18.38
C SER A 161 -21.47 -12.96 -17.60
N ALA A 162 -21.18 -12.47 -16.39
CA ALA A 162 -20.23 -13.14 -15.52
C ALA A 162 -18.89 -13.39 -16.23
N CYS A 163 -18.41 -14.62 -16.17
CA CYS A 163 -17.13 -14.98 -16.78
C CYS A 163 -17.15 -15.10 -18.29
N ALA A 164 -18.24 -14.67 -18.90
CA ALA A 164 -18.37 -14.73 -20.36
C ALA A 164 -18.55 -13.31 -20.87
N THR A 165 -18.57 -12.36 -19.94
CA THR A 165 -18.77 -10.95 -20.25
C THR A 165 -18.11 -10.39 -21.50
N SER A 166 -16.78 -10.23 -21.46
CA SER A 166 -16.04 -9.67 -22.59
C SER A 166 -16.06 -10.48 -23.88
N ALA A 167 -16.48 -11.74 -23.80
CA ALA A 167 -16.56 -12.57 -25.01
C ALA A 167 -17.84 -12.18 -25.74
N HIS A 168 -18.92 -11.99 -24.97
CA HIS A 168 -20.18 -11.60 -25.57
C HIS A 168 -20.07 -10.19 -26.16
N CYS A 169 -19.31 -9.32 -25.51
CA CYS A 169 -19.13 -7.96 -26.03
C CYS A 169 -18.54 -8.02 -27.44
N ILE A 170 -17.54 -8.88 -27.60
CA ILE A 170 -16.88 -9.04 -28.90
C ILE A 170 -17.83 -9.61 -29.95
N GLY A 171 -18.57 -10.66 -29.59
CA GLY A 171 -19.52 -11.24 -30.53
C GLY A 171 -20.61 -10.25 -30.89
N ASN A 172 -21.00 -9.43 -29.93
CA ASN A 172 -22.04 -8.43 -30.17
C ASN A 172 -21.50 -7.33 -31.07
N ALA A 173 -20.21 -7.04 -30.94
CA ALA A 173 -19.57 -6.03 -31.77
C ALA A 173 -19.59 -6.55 -33.19
N VAL A 174 -19.36 -7.86 -33.34
CA VAL A 174 -19.39 -8.50 -34.66
C VAL A 174 -20.78 -8.34 -35.29
N GLU A 175 -21.81 -8.55 -34.47
CA GLU A 175 -23.18 -8.43 -34.95
C GLU A 175 -23.48 -7.04 -35.47
N GLN A 176 -22.83 -6.02 -34.90
CA GLN A 176 -23.05 -4.65 -35.34
C GLN A 176 -22.49 -4.46 -36.76
N ILE A 177 -21.33 -5.06 -37.02
CA ILE A 177 -20.72 -4.97 -38.33
C ILE A 177 -21.55 -5.77 -39.34
N GLN A 178 -22.01 -6.95 -38.92
CA GLN A 178 -22.83 -7.80 -39.80
C GLN A 178 -24.15 -7.13 -40.15
N LEU A 179 -24.70 -6.37 -39.22
CA LEU A 179 -25.98 -5.69 -39.44
C LEU A 179 -25.76 -4.40 -40.24
N GLY A 180 -24.49 -4.04 -40.44
CA GLY A 180 -24.19 -2.84 -41.20
C GLY A 180 -24.39 -1.55 -40.42
N LYS A 181 -24.57 -1.67 -39.10
CA LYS A 181 -24.78 -0.50 -38.25
C LYS A 181 -23.50 0.25 -37.90
N GLN A 182 -22.38 -0.47 -37.81
CA GLN A 182 -21.12 0.16 -37.46
C GLN A 182 -19.95 -0.32 -38.34
N ASP A 183 -18.97 0.55 -38.53
CA ASP A 183 -17.80 0.18 -39.32
C ASP A 183 -16.72 -0.32 -38.36
N ILE A 184 -16.74 0.22 -37.14
CA ILE A 184 -15.78 -0.15 -36.11
C ILE A 184 -16.44 -0.14 -34.74
N VAL A 185 -16.10 -1.14 -33.93
CA VAL A 185 -16.61 -1.23 -32.57
C VAL A 185 -15.49 -1.71 -31.66
N PHE A 186 -15.11 -0.86 -30.71
CA PHE A 186 -14.08 -1.25 -29.76
C PHE A 186 -14.78 -2.17 -28.77
N ALA A 187 -14.27 -3.39 -28.60
CA ALA A 187 -14.89 -4.35 -27.70
C ALA A 187 -13.95 -5.02 -26.73
N GLY A 188 -14.47 -5.33 -25.55
CA GLY A 188 -13.67 -5.99 -24.54
C GLY A 188 -14.22 -5.69 -23.15
N GLY A 189 -13.34 -5.39 -22.22
CA GLY A 189 -13.78 -5.09 -20.87
C GLY A 189 -12.66 -5.12 -19.85
N GLY A 190 -13.04 -5.01 -18.59
CA GLY A 190 -12.06 -5.03 -17.52
C GLY A 190 -12.72 -5.49 -16.24
N GLU A 191 -11.92 -5.74 -15.22
CA GLU A 191 -12.41 -6.20 -13.94
C GLU A 191 -11.40 -5.81 -12.89
N GLU A 192 -11.88 -5.29 -11.76
CA GLU A 192 -10.99 -4.91 -10.69
C GLU A 192 -10.65 -6.13 -9.86
N LEU A 193 -9.65 -5.99 -8.99
CA LEU A 193 -9.23 -7.09 -8.13
C LEU A 193 -9.25 -6.53 -6.71
N CYS A 194 -10.09 -7.12 -5.86
CA CYS A 194 -10.22 -6.65 -4.49
C CYS A 194 -10.81 -7.71 -3.57
N TRP A 195 -10.50 -7.64 -2.28
CA TRP A 195 -11.03 -8.61 -1.34
C TRP A 195 -12.56 -8.46 -1.28
N GLU A 196 -13.05 -7.24 -1.49
CA GLU A 196 -14.49 -6.98 -1.45
C GLU A 196 -15.26 -7.96 -2.34
N MET A 197 -14.72 -8.23 -3.52
CA MET A 197 -15.35 -9.14 -4.47
C MET A 197 -14.85 -10.57 -4.29
N ALA A 198 -13.54 -10.72 -4.13
CA ALA A 198 -12.92 -12.03 -3.96
C ALA A 198 -13.51 -12.86 -2.82
N CYS A 199 -13.77 -12.22 -1.69
CA CYS A 199 -14.31 -12.93 -0.53
C CYS A 199 -15.66 -13.57 -0.80
N GLU A 200 -16.33 -13.11 -1.87
CA GLU A 200 -17.61 -13.68 -2.23
C GLU A 200 -17.38 -15.03 -2.91
N PHE A 201 -16.26 -15.14 -3.61
CA PHE A 201 -15.91 -16.39 -4.29
C PHE A 201 -15.37 -17.41 -3.30
N ASP A 202 -14.63 -16.92 -2.31
CA ASP A 202 -14.07 -17.78 -1.29
C ASP A 202 -15.24 -18.34 -0.48
N ALA A 203 -16.19 -17.46 -0.15
CA ALA A 203 -17.35 -17.85 0.63
C ALA A 203 -18.17 -18.98 0.00
N MET A 204 -18.00 -19.19 -1.31
CA MET A 204 -18.72 -20.28 -1.98
C MET A 204 -17.74 -21.39 -2.35
N GLY A 205 -16.53 -21.32 -1.78
CA GLY A 205 -15.50 -22.31 -2.01
C GLY A 205 -15.01 -22.45 -3.44
N ALA A 206 -15.07 -21.37 -4.21
CA ALA A 206 -14.66 -21.42 -5.60
C ALA A 206 -13.17 -21.12 -5.82
N LEU A 207 -12.52 -20.54 -4.80
CA LEU A 207 -11.12 -20.18 -4.91
C LEU A 207 -10.15 -21.20 -4.31
N SER A 208 -8.97 -21.28 -4.92
CA SER A 208 -7.90 -22.16 -4.46
C SER A 208 -7.45 -21.68 -3.07
N THR A 209 -7.20 -22.62 -2.16
CA THR A 209 -6.78 -22.26 -0.81
C THR A 209 -5.63 -23.11 -0.28
N LYS A 210 -5.28 -24.16 -0.99
CA LYS A 210 -4.22 -25.07 -0.56
C LYS A 210 -2.79 -24.71 -0.96
N TYR A 211 -2.63 -23.76 -1.87
CA TYR A 211 -1.28 -23.43 -2.32
C TYR A 211 -0.83 -22.01 -2.03
N ASN A 212 -1.30 -21.44 -0.92
CA ASN A 212 -0.90 -20.07 -0.57
C ASN A 212 0.59 -19.89 -0.36
N ASP A 213 1.31 -21.00 -0.19
CA ASP A 213 2.76 -20.95 0.02
C ASP A 213 3.54 -20.99 -1.30
N THR A 214 2.93 -21.57 -2.34
CA THR A 214 3.54 -21.66 -3.66
C THR A 214 2.58 -21.03 -4.68
N PRO A 215 2.39 -19.70 -4.60
CA PRO A 215 1.51 -18.91 -5.46
C PRO A 215 1.46 -19.30 -6.93
N GLU A 216 2.63 -19.36 -7.57
CA GLU A 216 2.68 -19.70 -8.99
C GLU A 216 2.19 -21.09 -9.35
N LYS A 217 1.81 -21.87 -8.34
CA LYS A 217 1.33 -23.23 -8.60
C LYS A 217 -0.12 -23.44 -8.22
N ALA A 218 -0.73 -22.46 -7.55
CA ALA A 218 -2.12 -22.55 -7.13
C ALA A 218 -3.06 -22.80 -8.31
N SER A 219 -2.87 -22.06 -9.39
CA SER A 219 -3.69 -22.21 -10.59
C SER A 219 -3.09 -23.35 -11.41
N ARG A 220 -3.81 -24.47 -11.47
CA ARG A 220 -3.32 -25.64 -12.20
C ARG A 220 -4.41 -26.41 -12.93
N THR A 221 -5.01 -25.79 -13.93
CA THR A 221 -6.08 -26.41 -14.70
C THR A 221 -5.74 -27.79 -15.21
N TYR A 222 -6.67 -28.73 -15.01
CA TYR A 222 -6.53 -30.12 -15.44
C TYR A 222 -5.66 -30.99 -14.55
N ASP A 223 -5.02 -30.38 -13.55
CA ASP A 223 -4.19 -31.15 -12.62
C ASP A 223 -5.12 -31.80 -11.61
N ALA A 224 -4.95 -33.10 -11.42
CA ALA A 224 -5.78 -33.88 -10.51
C ALA A 224 -5.89 -33.26 -9.12
N HIS A 225 -4.98 -32.34 -8.80
CA HIS A 225 -4.99 -31.71 -7.49
C HIS A 225 -5.44 -30.26 -7.50
N ARG A 226 -6.23 -29.89 -8.51
CA ARG A 226 -6.74 -28.53 -8.60
C ARG A 226 -7.75 -28.34 -7.46
N ASP A 227 -7.92 -27.11 -7.00
CA ASP A 227 -8.86 -26.86 -5.90
C ASP A 227 -9.55 -25.50 -5.99
N GLY A 228 -9.96 -25.12 -7.19
CA GLY A 228 -10.63 -23.83 -7.37
C GLY A 228 -9.73 -22.87 -8.14
N PHE A 229 -10.33 -21.86 -8.78
CA PHE A 229 -9.55 -20.91 -9.57
C PHE A 229 -8.88 -19.82 -8.74
N VAL A 230 -7.94 -19.12 -9.36
CA VAL A 230 -7.22 -18.02 -8.73
C VAL A 230 -7.78 -16.74 -9.32
N ILE A 231 -8.42 -15.91 -8.50
CA ILE A 231 -9.02 -14.67 -8.99
C ILE A 231 -7.97 -13.69 -9.48
N ALA A 232 -8.32 -12.94 -10.53
CA ALA A 232 -7.41 -11.97 -11.12
C ALA A 232 -8.15 -10.71 -11.59
N GLY A 233 -7.37 -9.67 -11.90
CA GLY A 233 -7.92 -8.42 -12.37
C GLY A 233 -7.25 -7.99 -13.67
N GLY A 234 -7.79 -6.96 -14.33
CA GLY A 234 -7.18 -6.52 -15.57
C GLY A 234 -8.18 -6.08 -16.63
N GLY A 235 -7.69 -5.88 -17.85
CA GLY A 235 -8.57 -5.45 -18.92
C GLY A 235 -8.07 -5.90 -20.29
N GLY A 236 -8.93 -5.77 -21.29
CA GLY A 236 -8.58 -6.15 -22.64
C GLY A 236 -9.48 -5.41 -23.63
N MET A 237 -8.99 -5.20 -24.85
CA MET A 237 -9.76 -4.47 -25.85
C MET A 237 -9.28 -4.77 -27.27
N VAL A 238 -10.22 -5.14 -28.14
CA VAL A 238 -9.88 -5.41 -29.54
C VAL A 238 -10.71 -4.48 -30.42
N VAL A 239 -10.17 -4.16 -31.59
CA VAL A 239 -10.87 -3.29 -32.54
C VAL A 239 -11.55 -4.18 -33.58
N VAL A 240 -12.86 -4.31 -33.47
CA VAL A 240 -13.63 -5.13 -34.41
C VAL A 240 -14.01 -4.20 -35.56
N GLU A 241 -13.55 -4.54 -36.76
CA GLU A 241 -13.77 -3.71 -37.93
C GLU A 241 -14.38 -4.43 -39.13
N GLU A 242 -15.16 -3.71 -39.93
CA GLU A 242 -15.75 -4.30 -41.13
C GLU A 242 -14.60 -4.54 -42.10
N LEU A 243 -14.66 -5.65 -42.83
CA LEU A 243 -13.60 -6.04 -43.77
C LEU A 243 -13.15 -5.02 -44.82
N GLU A 244 -14.08 -4.58 -45.67
CA GLU A 244 -13.71 -3.63 -46.70
C GLU A 244 -13.16 -2.34 -46.10
N HIS A 245 -13.80 -1.87 -45.04
CA HIS A 245 -13.36 -0.64 -44.38
C HIS A 245 -11.92 -0.76 -43.91
N ALA A 246 -11.56 -1.95 -43.42
CA ALA A 246 -10.20 -2.19 -42.93
C ALA A 246 -9.19 -2.33 -44.07
N LEU A 247 -9.60 -3.00 -45.15
CA LEU A 247 -8.69 -3.18 -46.29
C LEU A 247 -8.44 -1.84 -46.95
N ALA A 248 -9.48 -1.03 -47.09
CA ALA A 248 -9.37 0.27 -47.71
C ALA A 248 -8.34 1.19 -47.05
N ARG A 249 -8.14 1.06 -45.74
CA ARG A 249 -7.18 1.90 -45.03
C ARG A 249 -5.85 1.21 -44.80
N GLY A 250 -5.65 0.08 -45.47
CA GLY A 250 -4.42 -0.68 -45.30
C GLY A 250 -4.14 -1.07 -43.87
N ALA A 251 -5.18 -1.48 -43.16
CA ALA A 251 -5.04 -1.87 -41.76
C ALA A 251 -4.36 -3.23 -41.58
N HIS A 252 -3.77 -3.43 -40.40
CA HIS A 252 -3.14 -4.70 -40.10
C HIS A 252 -4.26 -5.58 -39.55
N ILE A 253 -4.44 -6.76 -40.14
CA ILE A 253 -5.49 -7.66 -39.74
C ILE A 253 -4.99 -8.93 -39.04
N TYR A 254 -5.22 -9.01 -37.73
CA TYR A 254 -4.82 -10.16 -36.94
C TYR A 254 -5.57 -11.40 -37.44
N ALA A 255 -6.87 -11.26 -37.60
CA ALA A 255 -7.70 -12.38 -38.05
C ALA A 255 -9.14 -11.94 -38.24
N GLU A 256 -9.94 -12.86 -38.75
CA GLU A 256 -11.35 -12.60 -38.97
C GLU A 256 -12.13 -13.44 -37.96
N ILE A 257 -13.20 -12.85 -37.42
CA ILE A 257 -14.05 -13.55 -36.47
C ILE A 257 -15.04 -14.30 -37.35
N VAL A 258 -14.71 -15.53 -37.68
CA VAL A 258 -15.56 -16.35 -38.54
C VAL A 258 -16.65 -17.10 -37.78
N GLY A 259 -16.60 -17.06 -36.46
CA GLY A 259 -17.60 -17.77 -35.68
C GLY A 259 -17.87 -17.17 -34.32
N TYR A 260 -19.14 -17.12 -33.95
CA TYR A 260 -19.55 -16.58 -32.66
C TYR A 260 -20.72 -17.38 -32.11
N GLY A 261 -20.50 -18.02 -30.97
CA GLY A 261 -21.55 -18.81 -30.37
C GLY A 261 -21.99 -18.24 -29.04
N ALA A 262 -23.30 -18.24 -28.82
CA ALA A 262 -23.88 -17.73 -27.58
C ALA A 262 -25.11 -18.60 -27.26
N THR A 263 -25.02 -19.34 -26.15
CA THR A 263 -26.11 -20.21 -25.74
C THR A 263 -26.34 -20.13 -24.23
N SER A 264 -27.29 -20.92 -23.74
CA SER A 264 -27.65 -20.93 -22.33
C SER A 264 -27.91 -22.37 -21.86
N ASP A 265 -27.44 -22.71 -20.67
CA ASP A 265 -27.65 -24.06 -20.14
C ASP A 265 -29.08 -24.28 -19.68
N GLY A 266 -29.60 -23.36 -18.88
CA GLY A 266 -30.95 -23.50 -18.36
C GLY A 266 -30.96 -24.71 -17.44
N ALA A 267 -29.97 -24.78 -16.56
CA ALA A 267 -29.83 -25.89 -15.62
C ALA A 267 -29.41 -25.47 -14.22
N ASP A 268 -28.11 -25.33 -13.99
CA ASP A 268 -27.60 -24.95 -12.68
C ASP A 268 -27.08 -23.53 -12.66
N MET A 269 -27.21 -22.88 -11.49
CA MET A 269 -26.77 -21.51 -11.33
C MET A 269 -25.25 -21.33 -11.32
N VAL A 270 -24.52 -22.23 -10.66
CA VAL A 270 -23.07 -22.09 -10.60
C VAL A 270 -22.28 -23.22 -11.23
N ALA A 271 -22.97 -24.20 -11.82
CA ALA A 271 -22.28 -25.32 -12.44
C ALA A 271 -22.66 -25.44 -13.91
N PRO A 272 -21.69 -25.85 -14.76
CA PRO A 272 -21.97 -26.01 -16.19
C PRO A 272 -22.72 -27.30 -16.48
N SER A 273 -23.54 -27.30 -17.53
CA SER A 273 -24.32 -28.48 -17.89
C SER A 273 -23.61 -29.29 -18.97
N GLY A 274 -22.74 -28.62 -19.72
CA GLY A 274 -22.02 -29.29 -20.79
C GLY A 274 -22.83 -29.30 -22.07
N GLU A 275 -24.12 -29.60 -21.95
CA GLU A 275 -24.99 -29.63 -23.13
C GLU A 275 -24.96 -28.24 -23.79
N GLY A 276 -24.97 -27.20 -22.96
CA GLY A 276 -24.93 -25.85 -23.48
C GLY A 276 -23.63 -25.50 -24.21
N ALA A 277 -22.50 -25.96 -23.64
CA ALA A 277 -21.20 -25.71 -24.24
C ALA A 277 -21.10 -26.38 -25.60
N VAL A 278 -21.72 -27.55 -25.72
CA VAL A 278 -21.69 -28.28 -26.99
C VAL A 278 -22.37 -27.46 -28.07
N ARG A 279 -23.59 -27.03 -27.80
CA ARG A 279 -24.32 -26.24 -28.78
C ARG A 279 -23.58 -24.93 -29.11
N CYS A 280 -23.02 -24.29 -28.08
CA CYS A 280 -22.29 -23.04 -28.25
C CYS A 280 -21.10 -23.20 -29.22
N MET A 281 -20.31 -24.26 -29.03
CA MET A 281 -19.16 -24.50 -29.90
C MET A 281 -19.54 -24.84 -31.33
N LYS A 282 -20.53 -25.71 -31.49
CA LYS A 282 -20.96 -26.10 -32.83
C LYS A 282 -21.55 -24.90 -33.56
N MET A 283 -22.15 -23.98 -32.81
CA MET A 283 -22.75 -22.79 -33.40
C MET A 283 -21.66 -21.90 -33.98
N ALA A 284 -20.53 -21.82 -33.27
CA ALA A 284 -19.43 -20.98 -33.70
C ALA A 284 -18.61 -21.64 -34.82
N MET A 285 -18.84 -22.93 -35.05
CA MET A 285 -18.11 -23.68 -36.08
C MET A 285 -18.95 -23.84 -37.35
N HIS A 286 -20.23 -23.49 -37.26
CA HIS A 286 -21.13 -23.62 -38.40
C HIS A 286 -20.67 -22.77 -39.58
N GLY A 287 -20.33 -23.44 -40.67
CA GLY A 287 -19.88 -22.72 -41.86
C GLY A 287 -18.38 -22.63 -41.97
N VAL A 288 -17.67 -22.85 -40.87
CA VAL A 288 -16.21 -22.79 -40.88
C VAL A 288 -15.64 -24.02 -41.59
N ASP A 289 -15.17 -23.82 -42.83
CA ASP A 289 -14.62 -24.91 -43.64
C ASP A 289 -13.18 -25.29 -43.32
N THR A 290 -12.67 -24.82 -42.19
CA THR A 290 -11.31 -25.17 -41.79
C THR A 290 -11.37 -25.80 -40.40
N PRO A 291 -10.43 -26.69 -40.08
CA PRO A 291 -10.44 -27.33 -38.76
C PRO A 291 -9.91 -26.40 -37.67
N ILE A 292 -10.26 -26.69 -36.43
CA ILE A 292 -9.80 -25.89 -35.31
C ILE A 292 -8.41 -26.38 -34.95
N ASP A 293 -7.41 -25.52 -35.15
CA ASP A 293 -6.02 -25.88 -34.89
C ASP A 293 -5.66 -25.79 -33.41
N TYR A 294 -6.29 -24.87 -32.71
CA TYR A 294 -6.03 -24.68 -31.29
C TYR A 294 -7.28 -24.20 -30.55
N LEU A 295 -7.37 -24.54 -29.27
CA LEU A 295 -8.52 -24.16 -28.47
C LEU A 295 -8.11 -23.65 -27.09
N ASN A 296 -8.38 -22.37 -26.84
CA ASN A 296 -8.06 -21.75 -25.56
C ASN A 296 -9.30 -21.95 -24.68
N SER A 297 -9.29 -23.04 -23.93
CA SER A 297 -10.40 -23.42 -23.06
C SER A 297 -10.71 -22.43 -21.95
N HIS A 298 -11.89 -22.59 -21.37
CA HIS A 298 -12.33 -21.76 -20.27
C HIS A 298 -11.53 -22.22 -19.05
N GLY A 299 -11.34 -23.54 -18.96
CA GLY A 299 -10.59 -24.17 -17.88
C GLY A 299 -10.08 -23.27 -16.78
N THR A 300 -10.84 -23.19 -15.68
CA THR A 300 -10.49 -22.32 -14.56
C THR A 300 -9.68 -22.97 -13.44
N SER A 301 -9.49 -24.28 -13.54
CA SER A 301 -8.75 -25.05 -12.53
C SER A 301 -9.68 -25.46 -11.39
N THR A 302 -10.90 -25.87 -11.74
CA THR A 302 -11.88 -26.33 -10.78
C THR A 302 -12.16 -27.79 -11.06
N PRO A 303 -12.44 -28.59 -10.02
CA PRO A 303 -12.74 -30.02 -10.14
C PRO A 303 -13.75 -30.40 -11.20
N VAL A 304 -15.00 -30.00 -11.01
CA VAL A 304 -16.06 -30.32 -11.96
C VAL A 304 -15.92 -29.56 -13.27
N GLY A 305 -15.75 -28.24 -13.16
CA GLY A 305 -15.64 -27.39 -14.33
C GLY A 305 -14.70 -27.84 -15.44
N ASP A 306 -13.42 -28.01 -15.10
CA ASP A 306 -12.42 -28.42 -16.08
C ASP A 306 -12.88 -29.64 -16.88
N VAL A 307 -13.26 -30.70 -16.18
CA VAL A 307 -13.70 -31.94 -16.83
C VAL A 307 -14.99 -31.83 -17.63
N LYS A 308 -15.91 -30.99 -17.19
CA LYS A 308 -17.17 -30.81 -17.90
C LYS A 308 -16.94 -30.27 -19.31
N GLU A 309 -16.06 -29.28 -19.41
CA GLU A 309 -15.75 -28.68 -20.71
C GLU A 309 -15.07 -29.69 -21.64
N LEU A 310 -14.09 -30.42 -21.10
CA LEU A 310 -13.38 -31.43 -21.90
C LEU A 310 -14.39 -32.42 -22.48
N ALA A 311 -15.34 -32.85 -21.66
CA ALA A 311 -16.36 -33.79 -22.10
C ALA A 311 -17.16 -33.17 -23.25
N ALA A 312 -17.44 -31.87 -23.16
CA ALA A 312 -18.17 -31.17 -24.20
C ALA A 312 -17.33 -31.12 -25.47
N ILE A 313 -16.03 -30.91 -25.29
CA ILE A 313 -15.12 -30.84 -26.43
C ILE A 313 -15.02 -32.19 -27.15
N ARG A 314 -14.96 -33.29 -26.40
CA ARG A 314 -14.89 -34.63 -27.00
C ARG A 314 -16.17 -34.83 -27.79
N GLU A 315 -17.27 -34.39 -27.21
CA GLU A 315 -18.58 -34.50 -27.83
C GLU A 315 -18.65 -33.74 -29.15
N VAL A 316 -17.92 -32.63 -29.24
CA VAL A 316 -17.93 -31.82 -30.45
C VAL A 316 -16.98 -32.32 -31.54
N PHE A 317 -15.73 -32.57 -31.16
CA PHE A 317 -14.73 -33.01 -32.12
C PHE A 317 -14.55 -34.53 -32.27
N GLY A 318 -15.00 -35.28 -31.27
CA GLY A 318 -14.85 -36.72 -31.34
C GLY A 318 -13.38 -37.10 -31.28
N ASP A 319 -12.90 -37.83 -32.28
CA ASP A 319 -11.50 -38.25 -32.32
C ASP A 319 -10.59 -37.19 -32.94
N LYS A 320 -11.16 -36.04 -33.31
CA LYS A 320 -10.37 -34.98 -33.90
C LYS A 320 -10.22 -33.76 -32.99
N SER A 321 -9.88 -34.04 -31.73
CA SER A 321 -9.67 -32.99 -30.74
C SER A 321 -8.53 -32.07 -31.15
N PRO A 322 -8.72 -30.75 -31.01
CA PRO A 322 -7.67 -29.79 -31.37
C PRO A 322 -6.70 -29.64 -30.21
N ALA A 323 -5.56 -29.00 -30.46
CA ALA A 323 -4.59 -28.79 -29.41
C ALA A 323 -5.32 -27.92 -28.39
N ILE A 324 -5.19 -28.25 -27.11
CA ILE A 324 -5.87 -27.49 -26.07
C ILE A 324 -4.91 -26.93 -25.02
N SER A 325 -5.23 -25.74 -24.55
CA SER A 325 -4.38 -25.08 -23.56
C SER A 325 -5.25 -24.20 -22.67
N ALA A 326 -4.96 -24.20 -21.37
CA ALA A 326 -5.70 -23.37 -20.43
C ALA A 326 -4.77 -22.28 -19.88
N THR A 327 -4.74 -21.14 -20.57
CA THR A 327 -3.88 -20.04 -20.15
C THR A 327 -4.17 -19.51 -18.76
N LYS A 328 -5.34 -19.83 -18.22
CA LYS A 328 -5.68 -19.35 -16.88
C LYS A 328 -4.71 -19.94 -15.86
N ALA A 329 -4.07 -21.05 -16.22
CA ALA A 329 -3.11 -21.70 -15.33
C ALA A 329 -1.97 -20.75 -14.98
N MET A 330 -1.67 -19.80 -15.88
CA MET A 330 -0.61 -18.85 -15.59
C MET A 330 -1.11 -17.42 -15.35
N THR A 331 -2.28 -17.10 -15.90
CA THR A 331 -2.83 -15.74 -15.74
C THR A 331 -3.81 -15.58 -14.58
N GLY A 332 -4.58 -16.62 -14.31
CA GLY A 332 -5.57 -16.53 -13.26
C GLY A 332 -6.92 -16.31 -13.93
N HIS A 333 -7.95 -16.07 -13.14
CA HIS A 333 -9.29 -15.86 -13.69
C HIS A 333 -9.69 -14.39 -13.56
N SER A 334 -9.65 -13.65 -14.66
CA SER A 334 -10.01 -12.23 -14.61
C SER A 334 -11.52 -12.02 -14.76
N LEU A 335 -12.27 -13.09 -14.52
CA LEU A 335 -13.73 -13.05 -14.58
C LEU A 335 -14.27 -12.36 -15.84
N GLY A 336 -14.75 -11.12 -15.68
CA GLY A 336 -15.32 -10.40 -16.81
C GLY A 336 -14.35 -10.02 -17.92
N ALA A 337 -13.07 -9.88 -17.58
CA ALA A 337 -12.05 -9.50 -18.56
C ALA A 337 -11.44 -10.72 -19.25
N ALA A 338 -11.74 -11.90 -18.73
CA ALA A 338 -11.21 -13.15 -19.27
C ALA A 338 -11.49 -13.34 -20.76
N GLY A 339 -12.74 -13.15 -21.16
CA GLY A 339 -13.12 -13.33 -22.55
C GLY A 339 -12.24 -12.61 -23.58
N VAL A 340 -12.03 -11.31 -23.39
CA VAL A 340 -11.22 -10.53 -24.33
C VAL A 340 -9.73 -10.81 -24.17
N GLN A 341 -9.28 -10.97 -22.93
CA GLN A 341 -7.86 -11.25 -22.69
C GLN A 341 -7.46 -12.56 -23.35
N GLU A 342 -8.33 -13.56 -23.23
CA GLU A 342 -8.08 -14.88 -23.82
C GLU A 342 -8.30 -14.89 -25.32
N ALA A 343 -9.09 -13.95 -25.81
CA ALA A 343 -9.31 -13.84 -27.24
C ALA A 343 -7.98 -13.29 -27.77
N ILE A 344 -7.39 -12.39 -27.00
CA ILE A 344 -6.12 -11.76 -27.34
C ILE A 344 -4.95 -12.74 -27.28
N TYR A 345 -4.91 -13.59 -26.25
CA TYR A 345 -3.85 -14.59 -26.14
C TYR A 345 -3.92 -15.47 -27.38
N SER A 346 -5.13 -15.81 -27.80
CA SER A 346 -5.35 -16.64 -28.97
C SER A 346 -4.87 -15.94 -30.25
N LEU A 347 -5.17 -14.65 -30.37
CA LEU A 347 -4.75 -13.90 -31.56
C LEU A 347 -3.22 -13.83 -31.61
N LEU A 348 -2.60 -13.70 -30.46
CA LEU A 348 -1.14 -13.64 -30.42
C LEU A 348 -0.54 -14.96 -30.85
N MET A 349 -1.16 -16.06 -30.41
CA MET A 349 -0.68 -17.38 -30.77
C MET A 349 -0.85 -17.60 -32.27
N LEU A 350 -1.96 -17.11 -32.81
CA LEU A 350 -2.27 -17.23 -34.23
C LEU A 350 -1.37 -16.30 -35.04
N GLU A 351 -0.95 -15.21 -34.42
CA GLU A 351 -0.11 -14.19 -35.05
C GLU A 351 1.37 -14.57 -35.06
N HIS A 352 1.85 -15.13 -33.94
CA HIS A 352 3.25 -15.49 -33.80
C HIS A 352 3.55 -16.98 -34.01
N GLY A 353 2.57 -17.71 -34.52
CA GLY A 353 2.75 -19.14 -34.76
C GLY A 353 3.26 -19.98 -33.61
N PHE A 354 2.43 -20.15 -32.58
CA PHE A 354 2.82 -20.95 -31.43
C PHE A 354 1.63 -21.21 -30.51
N ILE A 355 1.76 -22.23 -29.67
CA ILE A 355 0.71 -22.59 -28.73
C ILE A 355 1.28 -22.50 -27.32
N ALA A 356 0.76 -21.56 -26.53
CA ALA A 356 1.24 -21.40 -25.16
C ALA A 356 0.99 -22.68 -24.37
N PRO A 357 1.81 -22.94 -23.34
CA PRO A 357 1.68 -24.13 -22.52
C PRO A 357 0.61 -24.08 -21.42
N SER A 358 -0.02 -25.23 -21.19
CA SER A 358 -1.00 -25.35 -20.12
C SER A 358 -0.11 -25.82 -18.97
N ILE A 359 0.26 -24.88 -18.09
CA ILE A 359 1.17 -25.21 -17.00
C ILE A 359 0.58 -25.82 -15.73
N ASN A 360 1.49 -26.12 -14.80
CA ASN A 360 1.17 -26.70 -13.50
C ASN A 360 0.46 -28.05 -13.51
N ILE A 361 0.59 -28.80 -14.60
CA ILE A 361 -0.05 -30.11 -14.66
C ILE A 361 0.94 -31.19 -14.19
N GLU A 362 1.10 -31.29 -12.87
CA GLU A 362 2.01 -32.26 -12.26
C GLU A 362 1.47 -33.68 -12.42
N GLU A 363 0.15 -33.78 -12.49
CA GLU A 363 -0.51 -35.07 -12.66
C GLU A 363 -1.81 -34.83 -13.44
N LEU A 364 -1.84 -35.27 -14.69
CA LEU A 364 -3.00 -35.08 -15.55
C LEU A 364 -4.23 -35.83 -15.04
N ASP A 365 -5.34 -35.11 -14.90
CA ASP A 365 -6.60 -35.71 -14.43
C ASP A 365 -6.89 -36.85 -15.40
N GLU A 366 -7.40 -37.95 -14.88
CA GLU A 366 -7.70 -39.10 -15.72
C GLU A 366 -8.82 -38.82 -16.72
N GLN A 367 -9.72 -37.92 -16.36
CA GLN A 367 -10.83 -37.58 -17.25
C GLN A 367 -10.35 -36.68 -18.37
N ALA A 368 -9.05 -36.40 -18.39
CA ALA A 368 -8.45 -35.54 -19.40
C ALA A 368 -7.70 -36.35 -20.45
N ALA A 369 -7.55 -37.65 -20.19
CA ALA A 369 -6.85 -38.53 -21.13
C ALA A 369 -7.59 -38.54 -22.47
N GLY A 370 -6.90 -38.96 -23.52
CA GLY A 370 -7.51 -39.01 -24.83
C GLY A 370 -7.53 -37.69 -25.56
N LEU A 371 -7.16 -36.61 -24.87
CA LEU A 371 -7.15 -35.29 -25.47
C LEU A 371 -5.73 -34.78 -25.71
N ASN A 372 -5.61 -33.78 -26.57
CA ASN A 372 -4.31 -33.21 -26.91
C ASN A 372 -4.02 -31.90 -26.17
N ILE A 373 -3.73 -32.01 -24.87
CA ILE A 373 -3.43 -30.88 -24.02
C ILE A 373 -1.94 -30.56 -24.05
N VAL A 374 -1.58 -29.39 -24.57
CA VAL A 374 -0.17 -29.00 -24.66
C VAL A 374 0.35 -28.42 -23.35
N THR A 375 1.42 -29.00 -22.83
CA THR A 375 2.01 -28.54 -21.58
C THR A 375 3.38 -27.90 -21.78
N GLU A 376 3.72 -27.62 -23.03
CA GLU A 376 5.00 -26.98 -23.36
C GLU A 376 4.79 -25.97 -24.50
N THR A 377 5.47 -24.83 -24.40
CA THR A 377 5.37 -23.83 -25.46
C THR A 377 5.78 -24.56 -26.75
N THR A 378 4.89 -24.57 -27.73
CA THR A 378 5.12 -25.29 -28.98
C THR A 378 4.93 -24.45 -30.25
N ASP A 379 5.94 -24.42 -31.10
CA ASP A 379 5.86 -23.66 -32.35
C ASP A 379 5.03 -24.44 -33.36
N ARG A 380 4.00 -23.80 -33.90
CA ARG A 380 3.13 -24.43 -34.89
C ARG A 380 2.41 -23.34 -35.68
N GLU A 381 2.04 -23.64 -36.92
CA GLU A 381 1.36 -22.68 -37.76
C GLU A 381 -0.14 -22.83 -37.71
N LEU A 382 -0.77 -22.09 -36.79
CA LEU A 382 -2.22 -22.11 -36.63
C LEU A 382 -2.89 -21.29 -37.71
N THR A 383 -4.15 -21.62 -37.98
CA THR A 383 -4.93 -20.92 -38.98
C THR A 383 -6.28 -20.51 -38.38
N THR A 384 -6.90 -21.46 -37.69
CA THR A 384 -8.20 -21.23 -37.06
C THR A 384 -8.12 -21.59 -35.58
N VAL A 385 -8.39 -20.62 -34.71
CA VAL A 385 -8.35 -20.87 -33.28
C VAL A 385 -9.72 -20.65 -32.63
N MET A 386 -9.95 -21.31 -31.50
CA MET A 386 -11.21 -21.22 -30.78
C MET A 386 -10.99 -20.91 -29.31
N SER A 387 -11.82 -20.01 -28.77
CA SER A 387 -11.74 -19.61 -27.38
C SER A 387 -13.12 -19.74 -26.73
N ASN A 388 -13.19 -20.39 -25.56
CA ASN A 388 -14.46 -20.58 -24.86
C ASN A 388 -14.54 -19.78 -23.58
N SER A 389 -15.72 -19.24 -23.32
CA SER A 389 -15.95 -18.46 -22.11
C SER A 389 -17.31 -18.83 -21.54
N PHE A 390 -17.32 -19.38 -20.33
CA PHE A 390 -18.56 -19.78 -19.70
C PHE A 390 -18.71 -19.00 -18.39
N GLY A 391 -19.95 -18.79 -17.95
CA GLY A 391 -20.15 -18.05 -16.72
C GLY A 391 -21.30 -18.57 -15.90
N PHE A 392 -21.38 -18.11 -14.65
CA PHE A 392 -22.47 -18.51 -13.75
C PHE A 392 -23.77 -18.11 -14.41
N GLY A 393 -24.81 -18.89 -14.19
CA GLY A 393 -26.11 -18.60 -14.79
C GLY A 393 -26.24 -19.39 -16.08
N GLY A 394 -25.24 -20.24 -16.33
CA GLY A 394 -25.26 -21.05 -17.53
C GLY A 394 -25.16 -20.25 -18.82
N THR A 395 -24.31 -19.23 -18.81
CA THR A 395 -24.13 -18.38 -19.98
C THR A 395 -22.89 -18.81 -20.76
N ASN A 396 -23.05 -19.17 -22.02
CA ASN A 396 -21.92 -19.62 -22.82
C ASN A 396 -21.57 -18.75 -24.02
N ALA A 397 -20.27 -18.52 -24.20
CA ALA A 397 -19.78 -17.73 -25.33
C ALA A 397 -18.59 -18.46 -25.93
N THR A 398 -18.55 -18.49 -27.25
CA THR A 398 -17.44 -19.13 -27.97
C THR A 398 -17.07 -18.29 -29.18
N LEU A 399 -15.78 -18.08 -29.36
CA LEU A 399 -15.28 -17.31 -30.48
C LEU A 399 -14.25 -18.09 -31.29
N VAL A 400 -14.45 -18.10 -32.60
CA VAL A 400 -13.53 -18.78 -33.51
C VAL A 400 -12.95 -17.71 -34.42
N MET A 401 -11.62 -17.59 -34.39
CA MET A 401 -10.91 -16.60 -35.19
C MET A 401 -10.01 -17.27 -36.21
N ARG A 402 -9.92 -16.70 -37.41
CA ARG A 402 -9.11 -17.30 -38.46
C ARG A 402 -8.30 -16.30 -39.29
N LYS A 403 -7.14 -16.76 -39.79
CA LYS A 403 -6.27 -15.94 -40.64
C LYS A 403 -7.12 -15.46 -41.82
N LEU A 404 -6.86 -14.24 -42.28
CA LEU A 404 -7.65 -13.67 -43.38
C LEU A 404 -7.54 -14.38 -44.73
N LYS A 405 -8.70 -14.45 -45.40
CA LYS A 405 -8.84 -15.07 -46.73
C LYS A 405 -10.08 -14.47 -47.42
N ASP A 406 -9.86 -13.59 -48.38
CA ASP A 406 -10.97 -12.96 -49.10
C ASP A 406 -11.71 -13.94 -50.01
N MET B 1 -35.20 -10.05 -43.74
CA MET B 1 -35.66 -8.79 -43.11
C MET B 1 -36.77 -9.11 -42.11
N LYS B 2 -36.45 -9.96 -41.14
CA LYS B 2 -37.39 -10.40 -40.11
C LYS B 2 -38.01 -9.28 -39.25
N ARG B 3 -39.32 -9.41 -38.99
CA ARG B 3 -40.07 -8.45 -38.19
C ARG B 3 -40.09 -8.89 -36.72
N ALA B 4 -40.02 -7.92 -35.80
CA ALA B 4 -40.05 -8.23 -34.37
C ALA B 4 -41.28 -7.61 -33.69
N VAL B 5 -42.07 -8.44 -33.01
CA VAL B 5 -43.27 -7.96 -32.32
C VAL B 5 -43.29 -8.32 -30.83
N ILE B 6 -44.06 -7.55 -30.05
CA ILE B 6 -44.21 -7.79 -28.62
C ILE B 6 -45.50 -8.56 -28.42
N THR B 7 -45.40 -9.77 -27.89
CA THR B 7 -46.57 -10.63 -27.69
C THR B 7 -46.94 -10.91 -26.23
N GLY B 8 -46.18 -10.35 -25.31
CA GLY B 8 -46.47 -10.56 -23.91
C GLY B 8 -45.73 -9.55 -23.06
N LEU B 9 -46.30 -9.19 -21.92
CA LEU B 9 -45.61 -8.25 -21.05
C LEU B 9 -45.84 -8.56 -19.58
N GLY B 10 -44.92 -8.10 -18.74
CA GLY B 10 -45.01 -8.33 -17.31
C GLY B 10 -44.36 -7.19 -16.58
N ILE B 11 -44.95 -6.78 -15.45
CA ILE B 11 -44.39 -5.65 -14.74
C ILE B 11 -44.66 -5.62 -13.23
N VAL B 12 -43.66 -5.15 -12.49
CA VAL B 12 -43.75 -5.00 -11.04
C VAL B 12 -43.22 -3.58 -10.83
N SER B 13 -44.13 -2.62 -10.62
CA SER B 13 -43.71 -1.23 -10.45
C SER B 13 -44.31 -0.52 -9.25
N SER B 14 -43.82 0.68 -9.00
CA SER B 14 -44.27 1.51 -7.89
C SER B 14 -45.75 1.84 -8.03
N ILE B 15 -46.26 1.72 -9.25
CA ILE B 15 -47.66 2.02 -9.52
C ILE B 15 -48.50 0.81 -9.94
N GLY B 16 -48.02 -0.40 -9.65
CA GLY B 16 -48.77 -1.58 -10.02
C GLY B 16 -47.97 -2.86 -10.13
N ASN B 17 -48.56 -3.98 -9.74
CA ASN B 17 -47.87 -5.28 -9.80
C ASN B 17 -48.28 -6.17 -10.96
N ASN B 18 -49.07 -5.63 -11.89
CA ASN B 18 -49.48 -6.34 -13.09
C ASN B 18 -50.01 -5.28 -14.04
N GLN B 19 -50.20 -5.64 -15.31
CA GLN B 19 -50.66 -4.63 -16.27
C GLN B 19 -52.00 -3.97 -16.00
N GLN B 20 -52.90 -4.66 -15.29
CA GLN B 20 -54.21 -4.07 -14.97
C GLN B 20 -54.10 -2.94 -13.96
N GLU B 21 -53.29 -3.15 -12.92
CA GLU B 21 -53.12 -2.15 -11.88
C GLU B 21 -52.38 -0.94 -12.44
N VAL B 22 -51.41 -1.21 -13.30
CA VAL B 22 -50.60 -0.16 -13.94
C VAL B 22 -51.48 0.65 -14.87
N LEU B 23 -52.37 -0.04 -15.57
CA LEU B 23 -53.29 0.61 -16.49
C LEU B 23 -54.14 1.64 -15.74
N ALA B 24 -54.71 1.22 -14.61
CA ALA B 24 -55.54 2.09 -13.80
C ALA B 24 -54.77 3.30 -13.29
N SER B 25 -53.56 3.06 -12.81
CA SER B 25 -52.74 4.15 -12.28
C SER B 25 -52.44 5.17 -13.36
N LEU B 26 -52.03 4.69 -14.54
CA LEU B 26 -51.71 5.57 -15.65
C LEU B 26 -52.93 6.41 -16.01
N ARG B 27 -54.10 5.78 -16.10
CA ARG B 27 -55.32 6.51 -16.46
C ARG B 27 -55.72 7.53 -15.41
N GLU B 28 -55.39 7.26 -14.16
CA GLU B 28 -55.75 8.16 -13.08
C GLU B 28 -54.63 9.14 -12.70
N GLY B 29 -53.48 9.03 -13.35
CA GLY B 29 -52.37 9.91 -13.04
C GLY B 29 -51.99 9.72 -11.59
N ARG B 30 -52.12 8.49 -11.10
CA ARG B 30 -51.81 8.15 -9.72
C ARG B 30 -50.31 7.96 -9.46
N SER B 31 -49.81 8.67 -8.45
CA SER B 31 -48.40 8.59 -8.08
C SER B 31 -48.05 7.32 -7.29
N GLY B 32 -46.86 6.80 -7.55
CA GLY B 32 -46.40 5.62 -6.83
C GLY B 32 -45.27 5.98 -5.88
N ILE B 33 -45.11 7.27 -5.61
CA ILE B 33 -44.05 7.74 -4.71
C ILE B 33 -44.48 7.88 -3.25
N THR B 34 -43.62 7.41 -2.35
CA THR B 34 -43.92 7.50 -0.92
C THR B 34 -42.72 7.95 -0.10
N PHE B 35 -42.99 8.26 1.17
CA PHE B 35 -41.94 8.68 2.09
C PHE B 35 -41.16 7.44 2.48
N SER B 36 -39.84 7.56 2.53
CA SER B 36 -38.99 6.44 2.89
C SER B 36 -38.20 6.70 4.16
N GLN B 37 -38.59 6.03 5.25
CA GLN B 37 -37.89 6.17 6.51
C GLN B 37 -36.48 5.62 6.35
N GLU B 38 -36.33 4.60 5.50
CA GLU B 38 -35.03 3.99 5.27
C GLU B 38 -34.04 4.99 4.68
N LEU B 39 -34.47 5.75 3.67
CA LEU B 39 -33.59 6.73 3.07
C LEU B 39 -33.24 7.82 4.09
N LYS B 40 -34.23 8.24 4.87
CA LYS B 40 -34.00 9.28 5.86
C LYS B 40 -33.03 8.79 6.93
N ASP B 41 -33.22 7.55 7.39
CA ASP B 41 -32.34 6.99 8.42
C ASP B 41 -30.91 6.79 7.92
N SER B 42 -30.73 6.67 6.61
CA SER B 42 -29.40 6.47 6.04
C SER B 42 -28.60 7.77 6.11
N GLY B 43 -29.30 8.90 6.29
CA GLY B 43 -28.64 10.18 6.37
C GLY B 43 -28.72 10.98 5.07
N MET B 44 -29.59 10.56 4.17
CA MET B 44 -29.75 11.23 2.89
C MET B 44 -30.62 12.48 3.01
N ARG B 45 -30.58 13.32 1.98
CA ARG B 45 -31.40 14.53 1.93
C ARG B 45 -32.73 14.15 1.28
N SER B 46 -32.66 13.25 0.30
CA SER B 46 -33.85 12.78 -0.42
C SER B 46 -34.49 11.68 0.44
N HIS B 47 -35.76 11.87 0.79
CA HIS B 47 -36.49 10.92 1.64
C HIS B 47 -37.74 10.36 0.95
N VAL B 48 -37.70 10.31 -0.38
CA VAL B 48 -38.84 9.81 -1.14
C VAL B 48 -38.38 8.81 -2.18
N TRP B 49 -39.23 7.82 -2.47
CA TRP B 49 -38.89 6.80 -3.46
C TRP B 49 -40.11 6.12 -4.07
N GLY B 50 -39.89 5.51 -5.24
CA GLY B 50 -40.95 4.79 -5.91
C GLY B 50 -40.70 3.33 -5.57
N ASN B 51 -41.38 2.86 -4.52
CA ASN B 51 -41.23 1.50 -4.04
C ASN B 51 -42.26 0.50 -4.55
N VAL B 52 -41.86 -0.76 -4.58
CA VAL B 52 -42.76 -1.80 -5.01
C VAL B 52 -43.57 -2.20 -3.78
N LYS B 53 -44.88 -2.04 -3.86
CA LYS B 53 -45.75 -2.39 -2.75
C LYS B 53 -46.13 -3.87 -2.89
N LEU B 54 -45.23 -4.73 -2.46
CA LEU B 54 -45.47 -6.17 -2.58
C LEU B 54 -44.46 -6.99 -1.79
N ASP B 55 -44.95 -7.80 -0.88
CA ASP B 55 -44.08 -8.67 -0.09
C ASP B 55 -43.88 -9.90 -0.99
N THR B 56 -42.73 -9.97 -1.65
CA THR B 56 -42.44 -11.06 -2.56
C THR B 56 -42.09 -12.39 -1.91
N THR B 57 -42.10 -12.43 -0.58
CA THR B 57 -41.77 -13.65 0.15
C THR B 57 -42.64 -14.83 -0.28
N GLY B 58 -41.99 -15.94 -0.64
CA GLY B 58 -42.71 -17.13 -1.03
C GLY B 58 -43.24 -17.18 -2.45
N LEU B 59 -43.02 -16.13 -3.22
CA LEU B 59 -43.50 -16.11 -4.61
C LEU B 59 -42.54 -16.85 -5.53
N ILE B 60 -41.37 -17.19 -5.02
CA ILE B 60 -40.37 -17.91 -5.81
C ILE B 60 -39.83 -19.12 -5.05
N ASP B 61 -39.67 -20.23 -5.77
CA ASP B 61 -39.14 -21.45 -5.18
C ASP B 61 -37.89 -21.08 -4.38
N ARG B 62 -37.79 -21.58 -3.15
CA ARG B 62 -36.66 -21.28 -2.29
C ARG B 62 -35.36 -21.68 -2.96
N LYS B 63 -35.38 -22.84 -3.61
CA LYS B 63 -34.21 -23.36 -4.29
C LYS B 63 -33.77 -22.43 -5.41
N VAL B 64 -34.67 -21.53 -5.82
CA VAL B 64 -34.38 -20.61 -6.89
C VAL B 64 -34.07 -19.19 -6.41
N VAL B 65 -34.92 -18.67 -5.52
CA VAL B 65 -34.75 -17.32 -5.01
C VAL B 65 -33.54 -17.17 -4.08
N ARG B 66 -32.93 -18.27 -3.70
CA ARG B 66 -31.77 -18.21 -2.82
C ARG B 66 -30.58 -17.53 -3.51
N PHE B 67 -30.53 -17.63 -4.84
CA PHE B 67 -29.46 -17.01 -5.61
C PHE B 67 -29.78 -15.58 -6.06
N MET B 68 -30.99 -15.11 -5.76
CA MET B 68 -31.44 -13.80 -6.24
C MET B 68 -31.39 -12.56 -5.34
N SER B 69 -31.19 -11.41 -5.99
CA SER B 69 -31.22 -10.12 -5.31
C SER B 69 -32.55 -9.54 -5.79
N ASP B 70 -32.99 -8.43 -5.20
CA ASP B 70 -34.25 -7.83 -5.59
C ASP B 70 -34.40 -7.59 -7.09
N ALA B 71 -33.38 -7.02 -7.73
CA ALA B 71 -33.48 -6.77 -9.16
C ALA B 71 -33.86 -8.05 -9.90
N SER B 72 -33.24 -9.17 -9.53
CA SER B 72 -33.54 -10.45 -10.17
C SER B 72 -34.95 -10.92 -9.84
N ILE B 73 -35.39 -10.70 -8.60
CA ILE B 73 -36.73 -11.10 -8.18
C ILE B 73 -37.79 -10.34 -8.99
N TYR B 74 -37.68 -9.02 -9.04
CA TYR B 74 -38.64 -8.20 -9.78
C TYR B 74 -38.75 -8.64 -11.23
N ALA B 75 -37.61 -8.87 -11.88
CA ALA B 75 -37.59 -9.31 -13.27
C ALA B 75 -38.21 -10.70 -13.41
N PHE B 76 -37.93 -11.58 -12.44
CA PHE B 76 -38.46 -12.93 -12.45
C PHE B 76 -39.98 -12.91 -12.44
N LEU B 77 -40.56 -12.18 -11.50
CA LEU B 77 -42.01 -12.08 -11.41
C LEU B 77 -42.56 -11.49 -12.70
N SER B 78 -41.88 -10.47 -13.23
CA SER B 78 -42.31 -9.82 -14.47
C SER B 78 -42.34 -10.84 -15.60
N MET B 79 -41.32 -11.68 -15.66
CA MET B 79 -41.25 -12.68 -16.71
C MET B 79 -42.37 -13.70 -16.60
N GLU B 80 -42.72 -14.11 -15.38
CA GLU B 80 -43.81 -15.07 -15.20
C GLU B 80 -45.08 -14.48 -15.81
N GLN B 81 -45.28 -13.18 -15.59
CA GLN B 81 -46.44 -12.48 -16.12
C GLN B 81 -46.43 -12.50 -17.65
N ALA B 82 -45.30 -12.12 -18.21
CA ALA B 82 -45.14 -12.06 -19.66
C ALA B 82 -45.34 -13.42 -20.33
N ILE B 83 -44.84 -14.49 -19.71
CA ILE B 83 -45.00 -15.82 -20.25
C ILE B 83 -46.48 -16.16 -20.33
N ALA B 84 -47.19 -15.90 -19.24
CA ALA B 84 -48.63 -16.18 -19.20
C ALA B 84 -49.37 -15.26 -20.16
N ASP B 85 -48.99 -13.99 -20.17
CA ASP B 85 -49.66 -13.03 -21.04
C ASP B 85 -49.45 -13.38 -22.51
N ALA B 86 -48.30 -13.98 -22.82
CA ALA B 86 -47.98 -14.38 -24.19
C ALA B 86 -48.63 -15.72 -24.50
N GLY B 87 -49.06 -16.44 -23.47
CA GLY B 87 -49.69 -17.73 -23.68
C GLY B 87 -48.70 -18.80 -24.09
N LEU B 88 -47.51 -18.76 -23.49
CA LEU B 88 -46.48 -19.74 -23.80
C LEU B 88 -46.44 -20.84 -22.76
N SER B 89 -46.67 -22.09 -23.18
CA SER B 89 -46.61 -23.21 -22.26
C SER B 89 -45.14 -23.54 -22.11
N PRO B 90 -44.77 -24.29 -21.06
CA PRO B 90 -43.38 -24.67 -20.82
C PRO B 90 -42.72 -25.28 -22.06
N GLU B 91 -43.38 -26.27 -22.64
CA GLU B 91 -42.85 -26.95 -23.82
C GLU B 91 -42.65 -25.99 -25.00
N ALA B 92 -43.30 -24.85 -24.95
CA ALA B 92 -43.19 -23.88 -26.05
C ALA B 92 -41.94 -23.01 -25.98
N TYR B 93 -41.43 -22.74 -24.78
CA TYR B 93 -40.25 -21.88 -24.66
C TYR B 93 -39.05 -22.45 -23.90
N GLN B 94 -39.23 -23.60 -23.24
CA GLN B 94 -38.15 -24.20 -22.47
C GLN B 94 -37.30 -25.16 -23.29
N ASN B 95 -36.06 -25.32 -22.87
CA ASN B 95 -35.13 -26.22 -23.55
C ASN B 95 -35.18 -26.05 -25.06
N ASN B 96 -35.35 -24.80 -25.49
CA ASN B 96 -35.43 -24.49 -26.91
C ASN B 96 -34.32 -23.50 -27.28
N PRO B 97 -33.33 -23.95 -28.05
CA PRO B 97 -32.20 -23.10 -28.47
C PRO B 97 -32.59 -21.86 -29.26
N ARG B 98 -33.84 -21.81 -29.74
CA ARG B 98 -34.33 -20.66 -30.50
C ARG B 98 -35.00 -19.64 -29.59
N VAL B 99 -34.91 -19.87 -28.28
CA VAL B 99 -35.52 -18.98 -27.29
C VAL B 99 -34.47 -18.46 -26.33
N GLY B 100 -34.28 -17.15 -26.32
CA GLY B 100 -33.27 -16.56 -25.46
C GLY B 100 -33.79 -15.55 -24.45
N LEU B 101 -32.86 -14.92 -23.75
CA LEU B 101 -33.19 -13.93 -22.74
C LEU B 101 -32.09 -12.88 -22.58
N ILE B 102 -32.48 -11.62 -22.73
CA ILE B 102 -31.55 -10.51 -22.61
C ILE B 102 -32.20 -9.53 -21.65
N ALA B 103 -31.63 -9.41 -20.46
CA ALA B 103 -32.18 -8.54 -19.43
C ALA B 103 -31.09 -8.19 -18.43
N GLY B 104 -31.10 -6.96 -17.94
CA GLY B 104 -30.09 -6.59 -16.97
C GLY B 104 -30.59 -5.57 -15.98
N SER B 105 -29.64 -4.99 -15.23
CA SER B 105 -29.95 -3.98 -14.24
C SER B 105 -28.88 -2.89 -14.36
N GLY B 106 -29.14 -1.74 -13.76
CA GLY B 106 -28.17 -0.66 -13.81
C GLY B 106 -27.05 -0.82 -12.79
N GLY B 107 -27.38 -1.25 -11.58
CA GLY B 107 -26.37 -1.40 -10.55
C GLY B 107 -26.11 -2.78 -9.98
N GLY B 108 -26.71 -3.81 -10.58
CA GLY B 108 -26.52 -5.17 -10.05
C GLY B 108 -27.18 -5.22 -8.69
N SER B 109 -26.37 -5.37 -7.63
CA SER B 109 -26.91 -5.37 -6.27
C SER B 109 -25.98 -4.74 -5.26
N PRO B 110 -26.03 -3.40 -5.13
CA PRO B 110 -25.18 -2.73 -4.16
C PRO B 110 -25.42 -3.29 -2.76
N ARG B 111 -26.69 -3.56 -2.45
CA ARG B 111 -27.02 -4.11 -1.15
C ARG B 111 -26.23 -5.37 -0.81
N PHE B 112 -26.25 -6.38 -1.67
CA PHE B 112 -25.50 -7.58 -1.35
C PHE B 112 -23.99 -7.47 -1.50
N GLN B 113 -23.55 -6.47 -2.27
CA GLN B 113 -22.12 -6.23 -2.42
C GLN B 113 -21.65 -5.71 -1.05
N VAL B 114 -22.45 -4.84 -0.45
CA VAL B 114 -22.13 -4.26 0.84
C VAL B 114 -22.34 -5.29 1.96
N PHE B 115 -23.36 -6.12 1.82
CA PHE B 115 -23.63 -7.16 2.82
C PHE B 115 -22.39 -8.05 2.93
N GLY B 116 -21.85 -8.46 1.78
CA GLY B 116 -20.67 -9.31 1.76
C GLY B 116 -19.46 -8.70 2.46
N ALA B 117 -19.19 -7.44 2.21
CA ALA B 117 -18.05 -6.76 2.83
C ALA B 117 -18.28 -6.60 4.32
N ASP B 118 -19.51 -6.30 4.72
CA ASP B 118 -19.84 -6.13 6.14
C ASP B 118 -19.70 -7.45 6.88
N ALA B 119 -20.28 -8.50 6.29
CA ALA B 119 -20.24 -9.82 6.89
C ALA B 119 -18.80 -10.30 7.01
N MET B 120 -18.02 -10.12 5.94
CA MET B 120 -16.64 -10.55 5.91
C MET B 120 -15.79 -9.91 6.99
N ARG B 121 -16.10 -8.65 7.30
CA ARG B 121 -15.36 -7.91 8.30
C ARG B 121 -15.86 -8.16 9.73
N GLY B 122 -16.82 -9.07 9.87
CA GLY B 122 -17.38 -9.38 11.17
C GLY B 122 -16.72 -10.57 11.86
N PRO B 123 -17.20 -10.93 13.06
CA PRO B 123 -16.62 -12.07 13.80
C PRO B 123 -16.76 -13.44 13.13
N ARG B 124 -17.64 -13.56 12.13
CA ARG B 124 -17.83 -14.83 11.45
C ARG B 124 -17.14 -14.94 10.10
N GLY B 125 -16.79 -13.80 9.50
CA GLY B 125 -16.13 -13.81 8.20
C GLY B 125 -16.88 -14.58 7.13
N LEU B 126 -16.16 -15.44 6.42
CA LEU B 126 -16.73 -16.24 5.33
C LEU B 126 -18.06 -16.90 5.68
N LYS B 127 -18.14 -17.46 6.88
CA LYS B 127 -19.36 -18.12 7.34
C LYS B 127 -20.56 -17.17 7.28
N ALA B 128 -20.32 -15.90 7.56
CA ALA B 128 -21.38 -14.90 7.53
C ALA B 128 -21.76 -14.54 6.09
N VAL B 129 -20.76 -14.48 5.22
CA VAL B 129 -20.99 -14.15 3.83
C VAL B 129 -21.96 -15.12 3.16
N GLY B 130 -21.69 -16.42 3.33
CA GLY B 130 -22.54 -17.42 2.72
C GLY B 130 -22.14 -17.66 1.28
N PRO B 131 -22.70 -18.69 0.61
CA PRO B 131 -22.36 -18.97 -0.78
C PRO B 131 -23.36 -18.48 -1.83
N TYR B 132 -24.10 -17.42 -1.53
CA TYR B 132 -25.07 -16.92 -2.50
C TYR B 132 -24.86 -15.45 -2.86
N VAL B 133 -23.77 -14.85 -2.40
CA VAL B 133 -23.53 -13.44 -2.67
C VAL B 133 -23.12 -13.11 -4.11
N VAL B 134 -22.37 -13.99 -4.75
CA VAL B 134 -21.91 -13.74 -6.13
C VAL B 134 -23.04 -13.63 -7.14
N THR B 135 -23.95 -14.59 -7.15
CA THR B 135 -25.05 -14.57 -8.10
C THR B 135 -25.99 -13.38 -7.83
N LYS B 136 -26.02 -12.92 -6.59
CA LYS B 136 -26.87 -11.80 -6.22
C LYS B 136 -26.27 -10.45 -6.61
N ALA B 137 -24.96 -10.32 -6.44
CA ALA B 137 -24.26 -9.07 -6.70
C ALA B 137 -23.67 -8.89 -8.10
N MET B 138 -23.38 -9.98 -8.81
CA MET B 138 -22.81 -9.85 -10.14
C MET B 138 -23.72 -9.02 -11.04
N ALA B 139 -23.13 -8.28 -11.96
CA ALA B 139 -23.90 -7.42 -12.85
C ALA B 139 -24.96 -8.15 -13.68
N SER B 140 -24.69 -9.40 -14.03
CA SER B 140 -25.62 -10.18 -14.83
C SER B 140 -26.62 -10.99 -14.02
N GLY B 141 -26.73 -10.70 -12.73
CA GLY B 141 -27.68 -11.42 -11.89
C GLY B 141 -29.05 -11.54 -12.51
N VAL B 142 -29.58 -10.41 -13.01
CA VAL B 142 -30.90 -10.39 -13.62
C VAL B 142 -31.09 -11.44 -14.72
N SER B 143 -30.11 -11.59 -15.60
CA SER B 143 -30.26 -12.57 -16.68
C SER B 143 -29.90 -14.00 -16.24
N ALA B 144 -28.89 -14.13 -15.40
CA ALA B 144 -28.47 -15.44 -14.93
C ALA B 144 -29.51 -16.11 -14.03
N CYS B 145 -30.14 -15.32 -13.16
CA CYS B 145 -31.13 -15.85 -12.25
C CYS B 145 -32.48 -16.15 -12.88
N LEU B 146 -32.64 -15.81 -14.15
CA LEU B 146 -33.90 -16.05 -14.86
C LEU B 146 -33.72 -17.11 -15.94
N ALA B 147 -32.59 -17.03 -16.66
CA ALA B 147 -32.31 -17.97 -17.73
C ALA B 147 -32.22 -19.41 -17.20
N THR B 148 -31.64 -19.57 -16.02
CA THR B 148 -31.48 -20.90 -15.44
C THR B 148 -32.80 -21.56 -15.00
N PRO B 149 -33.59 -20.90 -14.14
CA PRO B 149 -34.85 -21.55 -13.74
C PRO B 149 -35.88 -21.66 -14.87
N PHE B 150 -35.82 -20.76 -15.85
CA PHE B 150 -36.79 -20.83 -16.94
C PHE B 150 -36.36 -21.76 -18.06
N LYS B 151 -35.29 -22.52 -17.83
CA LYS B 151 -34.82 -23.48 -18.83
C LYS B 151 -34.52 -22.84 -20.18
N ILE B 152 -33.96 -21.63 -20.17
CA ILE B 152 -33.63 -20.93 -21.41
C ILE B 152 -32.39 -21.55 -22.05
N HIS B 153 -32.49 -21.90 -23.33
CA HIS B 153 -31.36 -22.50 -24.04
C HIS B 153 -30.73 -21.60 -25.11
N GLY B 154 -31.39 -20.48 -25.43
CA GLY B 154 -30.88 -19.57 -26.45
C GLY B 154 -29.87 -18.58 -25.90
N VAL B 155 -29.94 -17.31 -26.32
CA VAL B 155 -29.00 -16.33 -25.81
C VAL B 155 -29.29 -16.08 -24.34
N ASN B 156 -28.24 -15.74 -23.59
CA ASN B 156 -28.37 -15.49 -22.17
C ASN B 156 -27.28 -14.54 -21.67
N TYR B 157 -27.65 -13.28 -21.47
CA TYR B 157 -26.73 -12.27 -20.94
C TYR B 157 -27.45 -10.98 -20.64
N SER B 158 -26.74 -10.03 -20.04
CA SER B 158 -27.34 -8.76 -19.69
C SER B 158 -26.66 -7.60 -20.39
N ILE B 159 -27.46 -6.63 -20.82
CA ILE B 159 -26.89 -5.44 -21.40
C ILE B 159 -27.07 -4.44 -20.28
N SER B 160 -26.04 -3.65 -20.03
CA SER B 160 -26.11 -2.67 -18.96
C SER B 160 -25.66 -1.33 -19.53
N SER B 161 -26.47 -0.31 -19.28
CA SER B 161 -26.17 1.01 -19.80
C SER B 161 -26.88 2.04 -18.93
N ALA B 162 -26.66 1.93 -17.63
CA ALA B 162 -27.26 2.82 -16.65
C ALA B 162 -28.77 2.93 -16.86
N CYS B 163 -29.27 4.13 -17.08
CA CYS B 163 -30.71 4.34 -17.25
C CYS B 163 -31.28 3.93 -18.61
N ALA B 164 -30.44 3.40 -19.49
CA ALA B 164 -30.89 2.97 -20.81
C ALA B 164 -30.90 1.44 -20.90
N THR B 165 -30.38 0.82 -19.85
CA THR B 165 -30.26 -0.63 -19.74
C THR B 165 -31.35 -1.49 -20.35
N SER B 166 -32.56 -1.44 -19.80
CA SER B 166 -33.63 -2.29 -20.31
C SER B 166 -34.08 -1.95 -21.72
N ALA B 167 -33.86 -0.72 -22.15
CA ALA B 167 -34.23 -0.31 -23.50
C ALA B 167 -33.29 -1.00 -24.48
N HIS B 168 -31.99 -0.96 -24.18
CA HIS B 168 -30.99 -1.60 -25.02
C HIS B 168 -31.23 -3.11 -25.06
N CYS B 169 -31.70 -3.66 -23.94
CA CYS B 169 -31.99 -5.08 -23.84
C CYS B 169 -33.06 -5.48 -24.86
N ILE B 170 -34.10 -4.67 -24.95
CA ILE B 170 -35.20 -4.91 -25.88
C ILE B 170 -34.70 -4.77 -27.31
N GLY B 171 -33.90 -3.73 -27.54
CA GLY B 171 -33.37 -3.49 -28.87
C GLY B 171 -32.49 -4.64 -29.34
N ASN B 172 -31.62 -5.11 -28.45
CA ASN B 172 -30.72 -6.22 -28.78
C ASN B 172 -31.54 -7.46 -29.11
N ALA B 173 -32.63 -7.65 -28.36
CA ALA B 173 -33.49 -8.81 -28.61
C ALA B 173 -34.03 -8.69 -30.03
N VAL B 174 -34.41 -7.48 -30.41
CA VAL B 174 -34.93 -7.23 -31.76
C VAL B 174 -33.86 -7.65 -32.77
N GLU B 175 -32.62 -7.27 -32.50
CA GLU B 175 -31.52 -7.61 -33.39
C GLU B 175 -31.37 -9.13 -33.54
N GLN B 176 -31.59 -9.86 -32.46
CA GLN B 176 -31.50 -11.32 -32.51
C GLN B 176 -32.57 -11.88 -33.46
N ILE B 177 -33.74 -11.27 -33.44
CA ILE B 177 -34.82 -11.69 -34.32
C ILE B 177 -34.46 -11.34 -35.78
N GLN B 178 -33.85 -10.16 -35.96
CA GLN B 178 -33.47 -9.73 -37.31
C GLN B 178 -32.34 -10.55 -37.89
N LEU B 179 -31.45 -11.04 -37.03
CA LEU B 179 -30.33 -11.85 -37.51
C LEU B 179 -30.78 -13.29 -37.73
N GLY B 180 -32.06 -13.56 -37.46
CA GLY B 180 -32.60 -14.89 -37.62
C GLY B 180 -32.01 -15.87 -36.62
N LYS B 181 -31.35 -15.36 -35.59
CA LYS B 181 -30.75 -16.20 -34.57
C LYS B 181 -31.73 -16.70 -33.50
N GLN B 182 -32.83 -15.99 -33.32
CA GLN B 182 -33.82 -16.38 -32.30
C GLN B 182 -35.26 -16.11 -32.75
N ASP B 183 -36.19 -16.93 -32.27
CA ASP B 183 -37.60 -16.75 -32.58
C ASP B 183 -38.25 -15.97 -31.45
N ILE B 184 -37.71 -16.11 -30.26
CA ILE B 184 -38.25 -15.42 -29.09
C ILE B 184 -37.15 -15.04 -28.12
N VAL B 185 -37.23 -13.83 -27.59
CA VAL B 185 -36.26 -13.35 -26.62
C VAL B 185 -37.00 -12.54 -25.58
N PHE B 186 -36.96 -13.01 -24.34
CA PHE B 186 -37.62 -12.26 -23.27
C PHE B 186 -36.68 -11.11 -22.98
N ALA B 187 -37.18 -9.89 -23.05
CA ALA B 187 -36.34 -8.72 -22.82
C ALA B 187 -36.91 -7.79 -21.75
N GLY B 188 -36.01 -7.20 -20.97
CA GLY B 188 -36.43 -6.30 -19.91
C GLY B 188 -35.34 -6.13 -18.88
N GLY B 189 -35.73 -5.98 -17.62
CA GLY B 189 -34.74 -5.81 -16.58
C GLY B 189 -35.36 -5.56 -15.22
N GLY B 190 -34.51 -5.26 -14.25
CA GLY B 190 -34.99 -4.98 -12.91
C GLY B 190 -33.98 -4.14 -12.16
N GLU B 191 -34.36 -3.61 -11.02
CA GLU B 191 -33.47 -2.80 -10.21
C GLU B 191 -33.94 -2.81 -8.78
N GLU B 192 -33.01 -2.99 -7.83
CA GLU B 192 -33.37 -2.99 -6.43
C GLU B 192 -33.48 -1.54 -5.96
N LEU B 193 -34.09 -1.34 -4.79
CA LEU B 193 -34.27 -0.02 -4.21
C LEU B 193 -33.67 -0.07 -2.81
N CYS B 194 -32.60 0.70 -2.60
CA CYS B 194 -31.91 0.70 -1.32
C CYS B 194 -31.09 1.97 -1.08
N TRP B 195 -30.89 2.32 0.19
CA TRP B 195 -30.12 3.52 0.51
C TRP B 195 -28.70 3.37 -0.02
N GLU B 196 -28.17 2.14 0.03
CA GLU B 196 -26.81 1.86 -0.43
C GLU B 196 -26.53 2.55 -1.78
N MET B 197 -27.40 2.31 -2.75
CA MET B 197 -27.25 2.90 -4.07
C MET B 197 -27.81 4.32 -4.15
N ALA B 198 -28.95 4.55 -3.50
CA ALA B 198 -29.58 5.86 -3.50
C ALA B 198 -28.69 6.98 -2.99
N CYS B 199 -28.00 6.74 -1.87
CA CYS B 199 -27.14 7.80 -1.32
C CYS B 199 -26.07 8.24 -2.32
N GLU B 200 -25.71 7.34 -3.24
CA GLU B 200 -24.70 7.67 -4.24
C GLU B 200 -25.18 8.75 -5.20
N PHE B 201 -26.48 8.71 -5.51
CA PHE B 201 -27.09 9.68 -6.40
C PHE B 201 -27.32 10.97 -5.63
N ASP B 202 -27.72 10.82 -4.37
CA ASP B 202 -27.95 11.97 -3.53
C ASP B 202 -26.64 12.71 -3.34
N ALA B 203 -25.56 11.96 -3.21
CA ALA B 203 -24.24 12.55 -3.01
C ALA B 203 -23.77 13.36 -4.23
N MET B 204 -24.38 13.15 -5.39
CA MET B 204 -24.02 13.93 -6.58
C MET B 204 -25.15 14.91 -6.91
N GLY B 205 -26.08 15.04 -5.96
CA GLY B 205 -27.20 15.95 -6.10
C GLY B 205 -28.26 15.64 -7.16
N ALA B 206 -28.29 14.41 -7.62
CA ALA B 206 -29.24 14.02 -8.65
C ALA B 206 -30.67 13.74 -8.16
N LEU B 207 -30.84 13.57 -6.85
CA LEU B 207 -32.17 13.28 -6.29
C LEU B 207 -32.91 14.51 -5.76
N SER B 208 -34.23 14.45 -5.78
CA SER B 208 -35.09 15.53 -5.28
C SER B 208 -35.01 15.55 -3.74
N THR B 209 -34.93 16.73 -3.15
CA THR B 209 -34.82 16.85 -1.70
C THR B 209 -35.73 17.91 -1.06
N LYS B 210 -36.41 18.70 -1.87
CA LYS B 210 -37.26 19.77 -1.34
C LYS B 210 -38.74 19.45 -1.16
N TYR B 211 -39.17 18.25 -1.55
CA TYR B 211 -40.58 17.89 -1.40
C TYR B 211 -40.82 16.64 -0.56
N ASN B 212 -39.96 16.40 0.43
CA ASN B 212 -40.11 15.24 1.28
C ASN B 212 -41.41 15.24 2.08
N ASP B 213 -41.93 16.42 2.39
CA ASP B 213 -43.18 16.50 3.15
C ASP B 213 -44.38 16.16 2.27
N THR B 214 -44.21 16.31 0.97
CA THR B 214 -45.26 16.00 -0.01
C THR B 214 -44.64 15.08 -1.06
N PRO B 215 -44.42 13.79 -0.70
CA PRO B 215 -43.83 12.77 -1.58
C PRO B 215 -44.37 12.70 -3.01
N GLU B 216 -45.69 12.76 -3.15
CA GLU B 216 -46.31 12.66 -4.48
C GLU B 216 -46.14 13.88 -5.37
N LYS B 217 -45.47 14.91 -4.88
CA LYS B 217 -45.23 16.13 -5.65
C LYS B 217 -43.75 16.28 -6.00
N ALA B 218 -42.92 15.42 -5.41
CA ALA B 218 -41.47 15.48 -5.62
C ALA B 218 -41.06 15.30 -7.08
N SER B 219 -41.58 14.26 -7.73
CA SER B 219 -41.25 14.02 -9.13
C SER B 219 -42.17 14.90 -9.97
N ARG B 220 -41.59 15.90 -10.62
CA ARG B 220 -42.36 16.86 -11.38
C ARG B 220 -41.70 17.29 -12.70
N THR B 221 -41.51 16.34 -13.60
CA THR B 221 -40.89 16.63 -14.88
C THR B 221 -41.51 17.84 -15.59
N TYR B 222 -40.64 18.74 -16.06
CA TYR B 222 -41.02 19.97 -16.77
C TYR B 222 -41.49 21.09 -15.86
N ASP B 223 -41.79 20.79 -14.61
CA ASP B 223 -42.22 21.83 -13.69
C ASP B 223 -41.05 22.75 -13.43
N ALA B 224 -41.32 24.06 -13.40
CA ALA B 224 -40.28 25.05 -13.18
C ALA B 224 -39.50 24.87 -11.89
N HIS B 225 -40.07 24.18 -10.90
CA HIS B 225 -39.37 23.99 -9.64
C HIS B 225 -38.89 22.58 -9.35
N ARG B 226 -38.66 21.79 -10.42
CA ARG B 226 -38.18 20.43 -10.26
C ARG B 226 -36.78 20.51 -9.64
N ASP B 227 -36.41 19.51 -8.85
CA ASP B 227 -35.10 19.55 -8.21
C ASP B 227 -34.39 18.20 -8.17
N GLY B 228 -34.57 17.40 -9.21
CA GLY B 228 -33.93 16.10 -9.26
C GLY B 228 -34.94 14.99 -9.39
N PHE B 229 -34.49 13.78 -9.75
CA PHE B 229 -35.41 12.65 -9.89
C PHE B 229 -35.64 11.89 -8.59
N VAL B 230 -36.72 11.13 -8.54
CA VAL B 230 -37.08 10.33 -7.36
C VAL B 230 -36.72 8.90 -7.67
N ILE B 231 -35.70 8.37 -6.99
CA ILE B 231 -35.28 7.01 -7.26
C ILE B 231 -36.39 5.98 -7.02
N ALA B 232 -36.39 4.92 -7.82
CA ALA B 232 -37.40 3.87 -7.70
C ALA B 232 -36.82 2.51 -8.00
N GLY B 233 -37.58 1.47 -7.68
CA GLY B 233 -37.15 0.12 -7.94
C GLY B 233 -38.25 -0.65 -8.64
N GLY B 234 -37.94 -1.82 -9.18
CA GLY B 234 -38.95 -2.59 -9.85
C GLY B 234 -38.41 -3.40 -11.00
N GLY B 235 -39.31 -3.95 -11.81
CA GLY B 235 -38.88 -4.74 -12.94
C GLY B 235 -39.88 -4.77 -14.06
N GLY B 236 -39.45 -5.28 -15.20
CA GLY B 236 -40.31 -5.37 -16.36
C GLY B 236 -39.77 -6.39 -17.33
N MET B 237 -40.64 -6.93 -18.16
CA MET B 237 -40.23 -7.91 -19.14
C MET B 237 -41.28 -7.96 -20.24
N VAL B 238 -40.83 -8.02 -21.48
CA VAL B 238 -41.72 -8.13 -22.62
C VAL B 238 -41.25 -9.30 -23.46
N VAL B 239 -42.16 -9.88 -24.23
CA VAL B 239 -41.80 -11.00 -25.07
C VAL B 239 -41.60 -10.51 -26.51
N VAL B 240 -40.34 -10.46 -26.95
CA VAL B 240 -40.03 -10.03 -28.31
C VAL B 240 -40.05 -11.31 -29.13
N GLU B 241 -40.92 -11.34 -30.13
CA GLU B 241 -41.08 -12.51 -30.94
C GLU B 241 -41.10 -12.21 -32.45
N GLU B 242 -40.54 -13.13 -33.23
CA GLU B 242 -40.50 -12.99 -34.68
C GLU B 242 -41.96 -13.07 -35.14
N LEU B 243 -42.33 -12.17 -36.04
CA LEU B 243 -43.70 -12.06 -36.55
C LEU B 243 -44.39 -13.34 -37.04
N GLU B 244 -43.74 -14.08 -37.95
CA GLU B 244 -44.33 -15.30 -38.49
C GLU B 244 -44.58 -16.32 -37.38
N HIS B 245 -43.60 -16.47 -36.51
CA HIS B 245 -43.69 -17.40 -35.39
C HIS B 245 -44.89 -17.03 -34.52
N ALA B 246 -45.07 -15.74 -34.28
CA ALA B 246 -46.18 -15.26 -33.45
C ALA B 246 -47.53 -15.54 -34.12
N LEU B 247 -47.66 -15.16 -35.39
CA LEU B 247 -48.89 -15.37 -36.13
C LEU B 247 -49.25 -16.85 -36.20
N ALA B 248 -48.26 -17.68 -36.47
CA ALA B 248 -48.46 -19.12 -36.58
C ALA B 248 -49.18 -19.71 -35.36
N ARG B 249 -48.76 -19.32 -34.16
CA ARG B 249 -49.39 -19.86 -32.95
C ARG B 249 -50.59 -19.02 -32.48
N GLY B 250 -50.96 -18.02 -33.28
CA GLY B 250 -52.11 -17.19 -32.93
C GLY B 250 -51.89 -16.29 -31.72
N ALA B 251 -50.66 -15.82 -31.55
CA ALA B 251 -50.33 -14.95 -30.42
C ALA B 251 -50.97 -13.58 -30.53
N HIS B 252 -51.29 -12.99 -29.38
CA HIS B 252 -51.86 -11.66 -29.34
C HIS B 252 -50.70 -10.69 -29.52
N ILE B 253 -50.78 -9.80 -30.51
CA ILE B 253 -49.71 -8.84 -30.79
C ILE B 253 -50.03 -7.42 -30.35
N TYR B 254 -49.21 -6.88 -29.45
CA TYR B 254 -49.40 -5.51 -28.97
C TYR B 254 -48.98 -4.54 -30.05
N ALA B 255 -47.77 -4.72 -30.57
CA ALA B 255 -47.24 -3.85 -31.60
C ALA B 255 -45.96 -4.43 -32.16
N GLU B 256 -45.43 -3.76 -33.18
CA GLU B 256 -44.18 -4.19 -33.79
C GLU B 256 -43.12 -3.15 -33.46
N ILE B 257 -41.91 -3.61 -33.18
CA ILE B 257 -40.82 -2.71 -32.91
C ILE B 257 -40.35 -2.33 -34.31
N VAL B 258 -40.80 -1.18 -34.80
CA VAL B 258 -40.45 -0.73 -36.14
C VAL B 258 -39.21 0.17 -36.14
N GLY B 259 -38.70 0.51 -34.95
CA GLY B 259 -37.52 1.34 -34.87
C GLY B 259 -36.74 1.22 -33.59
N TYR B 260 -35.42 1.13 -33.72
CA TYR B 260 -34.54 1.03 -32.56
C TYR B 260 -33.27 1.86 -32.77
N GLY B 261 -33.09 2.85 -31.91
CA GLY B 261 -31.91 3.69 -32.01
C GLY B 261 -30.99 3.51 -30.82
N ALA B 262 -29.68 3.56 -31.06
CA ALA B 262 -28.71 3.43 -29.98
C ALA B 262 -27.46 4.23 -30.36
N THR B 263 -27.23 5.32 -29.64
CA THR B 263 -26.07 6.17 -29.93
C THR B 263 -25.28 6.54 -28.69
N SER B 264 -24.26 7.37 -28.89
CA SER B 264 -23.38 7.78 -27.82
C SER B 264 -23.06 9.27 -27.95
N ASP B 265 -23.06 9.99 -26.83
CA ASP B 265 -22.77 11.41 -26.82
C ASP B 265 -21.27 11.70 -26.98
N GLY B 266 -20.44 10.97 -26.24
CA GLY B 266 -19.01 11.19 -26.29
C GLY B 266 -18.75 12.62 -25.84
N ALA B 267 -19.49 13.03 -24.82
CA ALA B 267 -19.40 14.39 -24.29
C ALA B 267 -19.13 14.42 -22.79
N ASP B 268 -20.21 14.43 -22.00
CA ASP B 268 -20.12 14.48 -20.55
C ASP B 268 -20.57 13.20 -19.85
N MET B 269 -19.97 12.91 -18.70
CA MET B 269 -20.28 11.71 -17.94
C MET B 269 -21.65 11.60 -17.28
N VAL B 270 -22.19 12.71 -16.78
CA VAL B 270 -23.47 12.67 -16.11
C VAL B 270 -24.54 13.63 -16.62
N ALA B 271 -24.25 14.34 -17.70
CA ALA B 271 -25.21 15.26 -18.29
C ALA B 271 -25.34 14.93 -19.77
N PRO B 272 -26.55 15.05 -20.32
CA PRO B 272 -26.75 14.76 -21.75
C PRO B 272 -26.27 15.89 -22.65
N SER B 273 -25.91 15.54 -23.88
CA SER B 273 -25.44 16.53 -24.85
C SER B 273 -26.58 16.93 -25.79
N GLY B 274 -27.61 16.09 -25.85
CA GLY B 274 -28.75 16.37 -26.72
C GLY B 274 -28.46 16.00 -28.16
N GLU B 275 -27.23 16.26 -28.59
CA GLU B 275 -26.78 15.96 -29.94
C GLU B 275 -26.90 14.45 -30.17
N GLY B 276 -26.57 13.68 -29.14
CA GLY B 276 -26.66 12.23 -29.26
C GLY B 276 -28.10 11.73 -29.30
N ALA B 277 -28.98 12.38 -28.55
CA ALA B 277 -30.38 11.99 -28.50
C ALA B 277 -31.06 12.25 -29.84
N VAL B 278 -30.63 13.32 -30.52
CA VAL B 278 -31.20 13.65 -31.82
C VAL B 278 -30.91 12.52 -32.79
N ARG B 279 -29.66 12.05 -32.82
CA ARG B 279 -29.28 10.96 -33.72
C ARG B 279 -29.97 9.66 -33.35
N CYS B 280 -30.14 9.45 -32.06
CA CYS B 280 -30.79 8.25 -31.55
C CYS B 280 -32.23 8.15 -32.04
N MET B 281 -33.00 9.23 -31.88
CA MET B 281 -34.39 9.23 -32.32
C MET B 281 -34.49 9.15 -33.84
N LYS B 282 -33.59 9.84 -34.53
CA LYS B 282 -33.62 9.83 -35.99
C LYS B 282 -33.34 8.41 -36.48
N MET B 283 -32.40 7.74 -35.84
CA MET B 283 -32.07 6.37 -36.24
C MET B 283 -33.29 5.48 -36.04
N ALA B 284 -33.99 5.67 -34.94
CA ALA B 284 -35.17 4.87 -34.63
C ALA B 284 -36.30 5.15 -35.62
N MET B 285 -36.28 6.34 -36.22
CA MET B 285 -37.31 6.73 -37.19
C MET B 285 -37.01 6.35 -38.63
N HIS B 286 -35.81 5.84 -38.90
CA HIS B 286 -35.46 5.45 -40.26
C HIS B 286 -36.45 4.45 -40.83
N GLY B 287 -37.07 4.80 -41.95
CA GLY B 287 -38.03 3.91 -42.58
C GLY B 287 -39.39 3.91 -41.90
N VAL B 288 -39.56 4.75 -40.88
CA VAL B 288 -40.84 4.84 -40.20
C VAL B 288 -41.53 6.08 -40.74
N ASP B 289 -42.45 5.87 -41.68
CA ASP B 289 -43.15 6.99 -42.29
C ASP B 289 -44.53 7.33 -41.74
N THR B 290 -44.86 6.77 -40.58
CA THR B 290 -46.12 7.09 -39.92
C THR B 290 -45.73 8.12 -38.87
N PRO B 291 -46.64 9.03 -38.52
CA PRO B 291 -46.27 10.03 -37.52
C PRO B 291 -46.19 9.43 -36.11
N ILE B 292 -45.35 10.02 -35.27
CA ILE B 292 -45.24 9.56 -33.90
C ILE B 292 -46.40 10.21 -33.17
N ASP B 293 -47.38 9.40 -32.78
CA ASP B 293 -48.56 9.90 -32.09
C ASP B 293 -48.34 10.20 -30.61
N TYR B 294 -47.39 9.52 -29.99
CA TYR B 294 -47.10 9.75 -28.58
C TYR B 294 -45.65 9.42 -28.23
N LEU B 295 -45.01 10.32 -27.49
CA LEU B 295 -43.63 10.13 -27.08
C LEU B 295 -43.54 10.07 -25.56
N ASN B 296 -43.12 8.91 -25.05
CA ASN B 296 -42.94 8.73 -23.61
C ASN B 296 -41.48 9.12 -23.34
N SER B 297 -41.30 10.33 -22.84
CA SER B 297 -39.98 10.86 -22.59
C SER B 297 -39.22 10.22 -21.46
N HIS B 298 -37.91 10.46 -21.48
CA HIS B 298 -37.01 9.97 -20.45
C HIS B 298 -37.29 10.86 -19.23
N GLY B 299 -37.59 12.14 -19.49
CA GLY B 299 -37.90 13.13 -18.48
C GLY B 299 -37.88 12.64 -17.05
N THR B 300 -36.72 12.79 -16.40
CA THR B 300 -36.52 12.32 -15.04
C THR B 300 -36.85 13.34 -13.95
N SER B 301 -37.19 14.56 -14.37
CA SER B 301 -37.52 15.66 -13.46
C SER B 301 -36.28 16.36 -12.91
N THR B 302 -35.26 16.50 -13.76
CA THR B 302 -34.03 17.17 -13.39
C THR B 302 -33.93 18.47 -14.19
N PRO B 303 -33.35 19.53 -13.60
CA PRO B 303 -33.21 20.82 -14.28
C PRO B 303 -32.65 20.79 -15.71
N VAL B 304 -31.42 20.29 -15.86
CA VAL B 304 -30.77 20.21 -17.16
C VAL B 304 -31.35 19.15 -18.10
N GLY B 305 -31.46 17.92 -17.60
CA GLY B 305 -31.98 16.84 -18.42
C GLY B 305 -33.32 17.01 -19.11
N ASP B 306 -34.34 17.41 -18.35
CA ASP B 306 -35.68 17.60 -18.89
C ASP B 306 -35.73 18.44 -20.16
N VAL B 307 -35.15 19.64 -20.12
CA VAL B 307 -35.19 20.51 -21.30
C VAL B 307 -34.23 20.08 -22.39
N LYS B 308 -33.12 19.47 -22.01
CA LYS B 308 -32.16 19.02 -23.02
C LYS B 308 -32.88 18.06 -23.96
N GLU B 309 -33.62 17.11 -23.40
CA GLU B 309 -34.36 16.16 -24.21
C GLU B 309 -35.47 16.84 -25.02
N LEU B 310 -36.12 17.84 -24.43
CA LEU B 310 -37.17 18.56 -25.17
C LEU B 310 -36.58 19.27 -26.36
N ALA B 311 -35.33 19.72 -26.21
CA ALA B 311 -34.64 20.41 -27.30
C ALA B 311 -34.35 19.41 -28.42
N ALA B 312 -33.87 18.22 -28.07
CA ALA B 312 -33.56 17.21 -29.08
C ALA B 312 -34.84 16.81 -29.82
N ILE B 313 -35.93 16.68 -29.08
CA ILE B 313 -37.21 16.33 -29.68
C ILE B 313 -37.59 17.40 -30.70
N ARG B 314 -37.41 18.67 -30.33
CA ARG B 314 -37.72 19.77 -31.24
C ARG B 314 -36.91 19.64 -32.53
N GLU B 315 -35.63 19.37 -32.38
CA GLU B 315 -34.73 19.23 -33.53
C GLU B 315 -35.16 18.11 -34.46
N VAL B 316 -35.63 17.02 -33.89
CA VAL B 316 -36.06 15.87 -34.67
C VAL B 316 -37.41 16.06 -35.36
N PHE B 317 -38.40 16.57 -34.63
CA PHE B 317 -39.74 16.74 -35.20
C PHE B 317 -40.13 18.12 -35.71
N GLY B 318 -39.49 19.16 -35.19
CA GLY B 318 -39.82 20.51 -35.64
C GLY B 318 -41.26 20.89 -35.34
N ASP B 319 -41.93 21.46 -36.32
CA ASP B 319 -43.33 21.86 -36.16
C ASP B 319 -44.24 20.64 -36.21
N LYS B 320 -43.65 19.46 -36.06
CA LYS B 320 -44.39 18.19 -36.08
C LYS B 320 -44.29 17.56 -34.69
N SER B 321 -44.22 18.39 -33.66
CA SER B 321 -44.12 17.93 -32.28
C SER B 321 -45.24 16.98 -31.88
N PRO B 322 -44.89 15.78 -31.41
CA PRO B 322 -45.88 14.80 -31.00
C PRO B 322 -46.37 15.05 -29.57
N ALA B 323 -47.43 14.35 -29.18
CA ALA B 323 -47.95 14.48 -27.82
C ALA B 323 -46.86 13.95 -26.90
N ILE B 324 -46.61 14.64 -25.80
CA ILE B 324 -45.56 14.21 -24.87
C ILE B 324 -46.03 14.19 -23.41
N SER B 325 -45.61 13.15 -22.69
CA SER B 325 -45.91 13.05 -21.27
C SER B 325 -44.76 12.26 -20.64
N ALA B 326 -44.36 12.68 -19.44
CA ALA B 326 -43.28 12.02 -18.72
C ALA B 326 -43.88 11.23 -17.56
N THR B 327 -44.02 9.93 -17.76
CA THR B 327 -44.60 9.06 -16.76
C THR B 327 -43.78 8.96 -15.46
N LYS B 328 -42.51 9.34 -15.48
CA LYS B 328 -41.69 9.30 -14.27
C LYS B 328 -42.25 10.26 -13.22
N ALA B 329 -43.02 11.25 -13.66
CA ALA B 329 -43.62 12.19 -12.73
C ALA B 329 -44.53 11.39 -11.78
N MET B 330 -45.03 10.26 -12.27
CA MET B 330 -45.89 9.37 -11.48
C MET B 330 -45.14 8.23 -10.82
N THR B 331 -44.28 7.57 -11.59
CA THR B 331 -43.55 6.39 -11.14
C THR B 331 -42.20 6.55 -10.48
N GLY B 332 -41.50 7.65 -10.76
CA GLY B 332 -40.18 7.80 -10.20
C GLY B 332 -39.23 7.18 -11.22
N HIS B 333 -37.94 7.21 -10.93
CA HIS B 333 -36.92 6.69 -11.85
C HIS B 333 -36.42 5.32 -11.42
N SER B 334 -36.82 4.27 -12.13
CA SER B 334 -36.38 2.92 -11.77
C SER B 334 -35.04 2.53 -12.40
N LEU B 335 -34.33 3.53 -12.90
CA LEU B 335 -33.00 3.34 -13.49
C LEU B 335 -32.91 2.26 -14.59
N GLY B 336 -32.20 1.18 -14.30
CA GLY B 336 -32.05 0.12 -15.28
C GLY B 336 -33.37 -0.50 -15.72
N ALA B 337 -34.40 -0.39 -14.88
CA ALA B 337 -35.70 -0.97 -15.20
C ALA B 337 -36.65 -0.03 -15.93
N ALA B 338 -36.30 1.26 -15.96
CA ALA B 338 -37.15 2.26 -16.61
C ALA B 338 -37.42 1.97 -18.09
N GLY B 339 -36.40 1.52 -18.81
CA GLY B 339 -36.56 1.24 -20.24
C GLY B 339 -37.71 0.31 -20.58
N VAL B 340 -37.73 -0.87 -19.97
CA VAL B 340 -38.79 -1.82 -20.25
C VAL B 340 -40.12 -1.41 -19.63
N GLN B 341 -40.08 -0.83 -18.43
CA GLN B 341 -41.30 -0.39 -17.77
C GLN B 341 -42.00 0.69 -18.59
N GLU B 342 -41.21 1.60 -19.18
CA GLU B 342 -41.79 2.67 -19.97
C GLU B 342 -42.25 2.23 -21.37
N ALA B 343 -41.69 1.13 -21.86
CA ALA B 343 -42.11 0.60 -23.15
C ALA B 343 -43.47 -0.03 -22.88
N ILE B 344 -43.60 -0.63 -21.69
CA ILE B 344 -44.86 -1.23 -21.31
C ILE B 344 -45.96 -0.17 -21.13
N TYR B 345 -45.64 0.93 -20.48
CA TYR B 345 -46.64 1.99 -20.30
C TYR B 345 -47.06 2.48 -21.69
N SER B 346 -46.10 2.60 -22.59
CA SER B 346 -46.36 3.03 -23.97
C SER B 346 -47.23 2.00 -24.70
N LEU B 347 -46.94 0.71 -24.51
CA LEU B 347 -47.71 -0.34 -25.16
C LEU B 347 -49.15 -0.38 -24.63
N LEU B 348 -49.32 -0.09 -23.34
CA LEU B 348 -50.65 -0.07 -22.72
C LEU B 348 -51.47 1.09 -23.29
N MET B 349 -50.82 2.25 -23.43
CA MET B 349 -51.48 3.43 -23.97
C MET B 349 -51.92 3.16 -25.41
N LEU B 350 -51.05 2.48 -26.16
CA LEU B 350 -51.29 2.12 -27.55
C LEU B 350 -52.43 1.12 -27.64
N GLU B 351 -52.38 0.12 -26.77
CA GLU B 351 -53.39 -0.93 -26.74
C GLU B 351 -54.78 -0.44 -26.33
N HIS B 352 -54.85 0.46 -25.36
CA HIS B 352 -56.13 0.95 -24.86
C HIS B 352 -56.60 2.33 -25.34
N GLY B 353 -55.84 2.93 -26.25
CA GLY B 353 -56.20 4.23 -26.80
C GLY B 353 -56.30 5.41 -25.85
N PHE B 354 -55.20 5.74 -25.18
CA PHE B 354 -55.17 6.86 -24.26
C PHE B 354 -53.76 7.33 -24.00
N ILE B 355 -53.63 8.59 -23.58
CA ILE B 355 -52.34 9.16 -23.27
C ILE B 355 -52.30 9.48 -21.78
N ALA B 356 -51.36 8.86 -21.07
CA ALA B 356 -51.18 9.07 -19.63
C ALA B 356 -50.68 10.50 -19.41
N PRO B 357 -51.20 11.18 -18.38
CA PRO B 357 -50.80 12.56 -18.08
C PRO B 357 -49.41 12.73 -17.51
N SER B 358 -48.82 13.89 -17.81
CA SER B 358 -47.50 14.25 -17.30
C SER B 358 -47.93 15.12 -16.12
N ILE B 359 -47.89 14.55 -14.91
CA ILE B 359 -48.36 15.26 -13.73
C ILE B 359 -47.38 16.17 -12.98
N ASN B 360 -47.95 16.88 -12.02
CA ASN B 360 -47.23 17.82 -11.15
C ASN B 360 -46.61 19.03 -11.83
N ILE B 361 -47.14 19.42 -12.98
CA ILE B 361 -46.62 20.60 -13.66
C ILE B 361 -47.48 21.78 -13.22
N GLU B 362 -47.08 22.45 -12.15
CA GLU B 362 -47.82 23.59 -11.62
C GLU B 362 -47.41 24.86 -12.37
N GLU B 363 -46.20 24.85 -12.90
CA GLU B 363 -45.67 25.98 -13.66
C GLU B 363 -44.76 25.40 -14.73
N LEU B 364 -45.19 25.48 -15.98
CA LEU B 364 -44.42 24.93 -17.07
C LEU B 364 -43.12 25.69 -17.31
N ASP B 365 -42.01 24.96 -17.37
CA ASP B 365 -40.70 25.55 -17.62
C ASP B 365 -40.86 26.31 -18.94
N GLU B 366 -40.32 27.53 -18.98
CA GLU B 366 -40.44 28.35 -20.18
C GLU B 366 -39.79 27.73 -21.42
N GLN B 367 -38.83 26.84 -21.22
CA GLN B 367 -38.18 26.19 -22.35
C GLN B 367 -39.07 25.12 -22.98
N ALA B 368 -40.20 24.82 -22.33
CA ALA B 368 -41.13 23.82 -22.86
C ALA B 368 -42.33 24.48 -23.52
N ALA B 369 -42.21 25.79 -23.76
CA ALA B 369 -43.29 26.56 -24.39
C ALA B 369 -43.51 26.13 -25.83
N GLY B 370 -44.77 25.91 -26.19
CA GLY B 370 -45.10 25.54 -27.55
C GLY B 370 -45.04 24.05 -27.86
N LEU B 371 -45.01 23.21 -26.82
CA LEU B 371 -44.96 21.77 -27.04
C LEU B 371 -46.28 21.14 -26.57
N ASN B 372 -46.65 20.01 -27.14
CA ASN B 372 -47.90 19.36 -26.74
C ASN B 372 -47.70 18.38 -25.60
N ILE B 373 -47.32 18.91 -24.44
CA ILE B 373 -47.12 18.11 -23.24
C ILE B 373 -48.48 17.88 -22.59
N VAL B 374 -48.94 16.62 -22.65
CA VAL B 374 -50.25 16.26 -22.11
C VAL B 374 -50.24 16.19 -20.58
N THR B 375 -51.11 16.99 -19.97
CA THR B 375 -51.20 17.04 -18.51
C THR B 375 -52.49 16.45 -17.97
N GLU B 376 -53.35 15.94 -18.85
CA GLU B 376 -54.62 15.35 -18.43
C GLU B 376 -54.81 14.06 -19.24
N THR B 377 -55.23 12.99 -18.57
CA THR B 377 -55.48 11.73 -19.27
C THR B 377 -56.34 12.05 -20.48
N THR B 378 -55.91 11.61 -21.66
CA THR B 378 -56.65 11.89 -22.88
C THR B 378 -56.88 10.63 -23.72
N ASP B 379 -58.13 10.38 -24.07
CA ASP B 379 -58.43 9.23 -24.91
C ASP B 379 -58.11 9.63 -26.34
N ARG B 380 -57.44 8.72 -27.05
CA ARG B 380 -57.07 8.98 -28.43
C ARG B 380 -56.58 7.69 -29.08
N GLU B 381 -56.89 7.53 -30.36
CA GLU B 381 -56.45 6.34 -31.09
C GLU B 381 -55.00 6.58 -31.45
N LEU B 382 -54.10 5.75 -30.94
CA LEU B 382 -52.68 5.88 -31.25
C LEU B 382 -52.30 4.75 -32.19
N THR B 383 -51.27 4.96 -32.99
CA THR B 383 -50.81 3.94 -33.92
C THR B 383 -49.31 3.73 -33.76
N THR B 384 -48.58 4.84 -33.62
CA THR B 384 -47.13 4.76 -33.49
C THR B 384 -46.68 5.56 -32.25
N VAL B 385 -45.83 4.95 -31.43
CA VAL B 385 -45.34 5.61 -30.22
C VAL B 385 -43.83 5.47 -30.08
N MET B 386 -43.21 6.48 -29.47
CA MET B 386 -41.77 6.50 -29.24
C MET B 386 -41.46 6.62 -27.75
N SER B 387 -40.43 5.92 -27.29
CA SER B 387 -40.02 5.97 -25.88
C SER B 387 -38.51 6.13 -25.76
N ASN B 388 -38.06 7.19 -25.08
CA ASN B 388 -36.63 7.46 -24.90
C ASN B 388 -36.03 7.00 -23.58
N SER B 389 -34.76 6.62 -23.63
CA SER B 389 -34.00 6.17 -22.46
C SER B 389 -32.56 6.65 -22.62
N PHE B 390 -32.12 7.49 -21.68
CA PHE B 390 -30.75 8.00 -21.71
C PHE B 390 -30.12 7.76 -20.34
N GLY B 391 -28.84 7.43 -20.31
CA GLY B 391 -28.19 7.19 -19.04
C GLY B 391 -26.82 7.81 -18.96
N PHE B 392 -26.28 7.85 -17.74
CA PHE B 392 -24.95 8.41 -17.50
C PHE B 392 -23.99 7.75 -18.47
N GLY B 393 -22.92 8.44 -18.83
CA GLY B 393 -21.97 7.89 -19.77
C GLY B 393 -22.38 8.24 -21.20
N GLY B 394 -23.41 9.07 -21.33
CA GLY B 394 -23.87 9.48 -22.64
C GLY B 394 -24.36 8.34 -23.50
N THR B 395 -25.07 7.40 -22.91
CA THR B 395 -25.60 6.25 -23.64
C THR B 395 -27.09 6.49 -23.96
N ASN B 396 -27.46 6.35 -25.23
CA ASN B 396 -28.83 6.61 -25.67
C ASN B 396 -29.54 5.48 -26.36
N ALA B 397 -30.84 5.36 -26.09
CA ALA B 397 -31.66 4.32 -26.68
C ALA B 397 -33.07 4.85 -26.94
N THR B 398 -33.65 4.48 -28.06
CA THR B 398 -35.01 4.90 -28.42
C THR B 398 -35.73 3.74 -29.08
N LEU B 399 -36.96 3.49 -28.63
CA LEU B 399 -37.77 2.42 -29.20
C LEU B 399 -39.03 3.02 -29.80
N VAL B 400 -39.35 2.63 -31.03
CA VAL B 400 -40.56 3.10 -31.69
C VAL B 400 -41.39 1.85 -31.92
N MET B 401 -42.62 1.88 -31.44
CA MET B 401 -43.53 0.75 -31.55
C MET B 401 -44.78 1.17 -32.30
N ARG B 402 -45.30 0.27 -33.13
CA ARG B 402 -46.49 0.58 -33.93
C ARG B 402 -47.48 -0.58 -34.03
N LYS B 403 -48.77 -0.22 -33.99
CA LYS B 403 -49.86 -1.19 -34.10
C LYS B 403 -49.85 -1.85 -35.47
N LEU B 404 -50.26 -3.11 -35.53
CA LEU B 404 -50.34 -3.83 -36.80
C LEU B 404 -51.82 -3.82 -37.21
N LYS B 405 -52.08 -3.84 -38.51
CA LYS B 405 -53.44 -3.79 -39.02
C LYS B 405 -54.35 -4.96 -38.62
N ASP B 406 -55.59 -4.63 -38.32
CA ASP B 406 -56.61 -5.60 -37.92
C ASP B 406 -56.24 -6.44 -36.71
N MET C 1 18.03 10.69 45.37
CA MET C 1 18.83 9.54 44.86
C MET C 1 20.30 9.91 44.75
N LYS C 2 21.08 9.08 44.05
CA LYS C 2 22.50 9.34 43.89
C LYS C 2 22.76 10.62 43.09
N ARG C 3 23.80 11.34 43.48
CA ARG C 3 24.16 12.57 42.80
C ARG C 3 25.41 12.37 41.96
N ALA C 4 25.47 13.04 40.81
CA ALA C 4 26.60 12.91 39.89
C ALA C 4 27.42 14.19 39.73
N VAL C 5 28.73 14.05 39.82
CA VAL C 5 29.66 15.18 39.67
C VAL C 5 30.70 14.88 38.60
N ILE C 6 31.32 15.95 38.10
CA ILE C 6 32.36 15.82 37.10
C ILE C 6 33.68 16.03 37.81
N THR C 7 34.49 14.97 37.86
CA THR C 7 35.76 15.01 38.55
C THR C 7 36.97 15.00 37.64
N GLY C 8 36.76 15.19 36.34
CA GLY C 8 37.87 15.18 35.41
C GLY C 8 37.42 15.47 34.00
N LEU C 9 38.30 16.09 33.22
CA LEU C 9 37.98 16.40 31.83
C LEU C 9 39.21 16.39 30.95
N GLY C 10 39.01 16.17 29.66
CA GLY C 10 40.10 16.13 28.72
C GLY C 10 39.52 16.59 27.40
N ILE C 11 40.33 17.24 26.58
CA ILE C 11 39.81 17.75 25.34
C ILE C 11 40.85 18.00 24.26
N VAL C 12 40.45 17.76 23.01
CA VAL C 12 41.28 17.95 21.83
C VAL C 12 40.39 18.75 20.88
N SER C 13 40.61 20.06 20.79
CA SER C 13 39.76 20.86 19.93
C SER C 13 40.51 21.83 19.04
N SER C 14 39.75 22.47 18.16
CA SER C 14 40.30 23.45 17.23
C SER C 14 40.98 24.62 17.93
N ILE C 15 40.60 24.87 19.19
CA ILE C 15 41.19 25.98 19.93
C ILE C 15 42.13 25.59 21.06
N GLY C 16 42.61 24.35 21.03
CA GLY C 16 43.51 23.89 22.07
C GLY C 16 43.56 22.38 22.21
N ASN C 17 44.76 21.84 22.40
CA ASN C 17 44.95 20.39 22.51
C ASN C 17 44.84 19.84 23.93
N ASN C 18 44.48 20.70 24.88
CA ASN C 18 44.29 20.30 26.28
C ASN C 18 43.55 21.43 26.99
N GLN C 19 43.11 21.21 28.22
CA GLN C 19 42.35 22.25 28.91
C GLN C 19 43.09 23.55 29.15
N GLN C 20 44.41 23.51 29.26
CA GLN C 20 45.18 24.73 29.49
C GLN C 20 45.11 25.61 28.24
N GLU C 21 45.32 25.01 27.07
CA GLU C 21 45.28 25.74 25.81
C GLU C 21 43.88 26.26 25.51
N VAL C 22 42.87 25.44 25.78
CA VAL C 22 41.50 25.84 25.54
C VAL C 22 41.13 27.06 26.40
N LEU C 23 41.51 27.01 27.68
CA LEU C 23 41.23 28.10 28.60
C LEU C 23 41.85 29.40 28.05
N ALA C 24 43.12 29.35 27.68
CA ALA C 24 43.78 30.53 27.14
C ALA C 24 43.00 31.06 25.95
N SER C 25 42.61 30.17 25.05
CA SER C 25 41.84 30.54 23.86
C SER C 25 40.50 31.17 24.21
N LEU C 26 39.78 30.58 25.15
CA LEU C 26 38.47 31.10 25.56
C LEU C 26 38.59 32.51 26.12
N ARG C 27 39.65 32.76 26.89
CA ARG C 27 39.83 34.08 27.47
C ARG C 27 40.26 35.11 26.42
N GLU C 28 40.97 34.66 25.40
CA GLU C 28 41.41 35.58 24.36
C GLU C 28 40.46 35.72 23.19
N GLY C 29 39.35 34.98 23.23
CA GLY C 29 38.38 35.04 22.15
C GLY C 29 39.06 34.63 20.85
N ARG C 30 39.99 33.70 20.95
CA ARG C 30 40.77 33.20 19.82
C ARG C 30 40.04 32.18 18.94
N SER C 31 40.04 32.42 17.64
CA SER C 31 39.39 31.54 16.67
C SER C 31 40.26 30.33 16.35
N GLY C 32 39.64 29.17 16.18
CA GLY C 32 40.38 27.98 15.84
C GLY C 32 40.06 27.58 14.41
N ILE C 33 39.43 28.51 13.68
CA ILE C 33 39.03 28.28 12.30
C ILE C 33 40.11 28.69 11.30
N THR C 34 40.39 27.83 10.33
CA THR C 34 41.40 28.12 9.31
C THR C 34 40.92 27.76 7.91
N PHE C 35 41.75 28.10 6.93
CA PHE C 35 41.44 27.80 5.55
C PHE C 35 41.75 26.33 5.30
N SER C 36 40.93 25.67 4.49
CA SER C 36 41.14 24.25 4.21
C SER C 36 41.31 23.93 2.74
N GLN C 37 42.55 23.65 2.36
CA GLN C 37 42.84 23.31 0.98
C GLN C 37 42.07 22.04 0.60
N GLU C 38 41.90 21.13 1.58
CA GLU C 38 41.18 19.87 1.35
C GLU C 38 39.74 20.09 0.91
N LEU C 39 39.02 20.96 1.62
CA LEU C 39 37.62 21.20 1.28
C LEU C 39 37.47 21.90 -0.07
N LYS C 40 38.35 22.86 -0.35
CA LYS C 40 38.31 23.59 -1.61
C LYS C 40 38.56 22.60 -2.75
N ASP C 41 39.59 21.77 -2.60
CA ASP C 41 39.95 20.79 -3.62
C ASP C 41 38.83 19.79 -3.90
N SER C 42 37.98 19.53 -2.92
CA SER C 42 36.89 18.58 -3.09
C SER C 42 35.76 19.19 -3.92
N GLY C 43 35.85 20.50 -4.18
CA GLY C 43 34.82 21.17 -4.95
C GLY C 43 33.71 21.74 -4.11
N MET C 44 33.95 21.89 -2.81
CA MET C 44 32.96 22.46 -1.91
C MET C 44 32.99 23.99 -1.95
N ARG C 45 31.89 24.61 -1.56
CA ARG C 45 31.81 26.06 -1.54
C ARG C 45 32.36 26.58 -0.22
N SER C 46 32.27 25.77 0.84
CA SER C 46 32.79 26.13 2.15
C SER C 46 34.25 25.67 2.20
N HIS C 47 35.18 26.61 2.40
CA HIS C 47 36.61 26.27 2.43
C HIS C 47 37.24 26.51 3.79
N VAL C 48 36.41 26.57 4.83
CA VAL C 48 36.89 26.83 6.18
C VAL C 48 36.42 25.77 7.16
N TRP C 49 37.27 25.47 8.14
CA TRP C 49 36.94 24.47 9.14
C TRP C 49 37.67 24.66 10.46
N GLY C 50 37.16 24.01 11.50
CA GLY C 50 37.77 24.06 12.81
C GLY C 50 38.55 22.77 12.97
N ASN C 51 39.81 22.82 12.53
CA ASN C 51 40.69 21.66 12.57
C ASN C 51 41.45 21.48 13.87
N VAL C 52 41.78 20.23 14.18
CA VAL C 52 42.56 19.95 15.37
C VAL C 52 43.98 20.14 14.90
N LYS C 53 44.71 21.07 15.52
CA LYS C 53 46.09 21.31 15.14
C LYS C 53 46.99 20.66 16.16
N LEU C 54 47.07 19.33 16.05
CA LEU C 54 47.87 18.52 16.94
C LEU C 54 48.31 17.29 16.18
N ASP C 55 49.61 17.07 16.10
CA ASP C 55 50.13 15.90 15.42
C ASP C 55 49.88 14.71 16.33
N THR C 56 48.91 13.87 15.97
CA THR C 56 48.55 12.70 16.76
C THR C 56 49.41 11.48 16.48
N THR C 57 50.41 11.65 15.62
CA THR C 57 51.31 10.56 15.26
C THR C 57 52.09 10.05 16.46
N GLY C 58 52.03 8.73 16.66
CA GLY C 58 52.74 8.11 17.76
C GLY C 58 52.19 8.31 19.16
N LEU C 59 51.03 8.94 19.30
CA LEU C 59 50.50 9.15 20.65
C LEU C 59 49.73 7.94 21.18
N ILE C 60 49.42 7.00 20.31
CA ILE C 60 48.67 5.82 20.72
C ILE C 60 49.38 4.55 20.28
N ASP C 61 49.39 3.56 21.16
CA ASP C 61 50.02 2.27 20.88
C ASP C 61 49.47 1.75 19.55
N ARG C 62 50.33 1.20 18.69
CA ARG C 62 49.88 0.72 17.39
C ARG C 62 48.82 -0.38 17.37
N LYS C 63 48.89 -1.32 18.31
CA LYS C 63 47.90 -2.40 18.33
C LYS C 63 46.53 -1.83 18.67
N VAL C 64 46.52 -0.65 19.27
CA VAL C 64 45.27 0.00 19.64
C VAL C 64 44.80 0.92 18.52
N VAL C 65 45.65 1.84 18.08
CA VAL C 65 45.28 2.81 17.06
C VAL C 65 44.91 2.21 15.70
N ARG C 66 45.33 0.98 15.44
CA ARG C 66 45.04 0.34 14.17
C ARG C 66 43.56 0.01 13.98
N PHE C 67 42.76 0.12 15.04
CA PHE C 67 41.34 -0.15 14.92
C PHE C 67 40.57 1.16 14.92
N MET C 68 41.29 2.27 15.10
CA MET C 68 40.68 3.59 15.21
C MET C 68 40.62 4.52 14.01
N SER C 69 39.60 5.38 14.05
CA SER C 69 39.40 6.42 13.05
C SER C 69 39.68 7.70 13.84
N ASP C 70 39.76 8.83 13.17
CA ASP C 70 40.05 10.08 13.86
C ASP C 70 39.13 10.36 15.07
N ALA C 71 37.83 10.15 14.90
CA ALA C 71 36.90 10.38 16.00
C ALA C 71 37.36 9.61 17.24
N SER C 72 37.70 8.33 17.06
CA SER C 72 38.17 7.50 18.17
C SER C 72 39.51 7.98 18.71
N ILE C 73 40.36 8.47 17.82
CA ILE C 73 41.66 8.97 18.24
C ILE C 73 41.48 10.21 19.12
N TYR C 74 40.62 11.13 18.71
CA TYR C 74 40.39 12.36 19.48
C TYR C 74 39.78 12.04 20.84
N ALA C 75 38.83 11.12 20.87
CA ALA C 75 38.19 10.75 22.12
C ALA C 75 39.20 10.06 23.05
N PHE C 76 39.99 9.14 22.50
CA PHE C 76 40.99 8.43 23.29
C PHE C 76 41.94 9.39 24.01
N LEU C 77 42.54 10.30 23.26
CA LEU C 77 43.46 11.28 23.82
C LEU C 77 42.75 12.14 24.88
N SER C 78 41.48 12.47 24.63
CA SER C 78 40.72 13.27 25.58
C SER C 78 40.50 12.46 26.85
N MET C 79 40.40 11.13 26.71
CA MET C 79 40.19 10.28 27.87
C MET C 79 41.46 10.17 28.72
N GLU C 80 42.62 10.09 28.07
CA GLU C 80 43.88 10.03 28.83
C GLU C 80 43.98 11.27 29.71
N GLN C 81 43.67 12.42 29.11
CA GLN C 81 43.71 13.69 29.83
C GLN C 81 42.76 13.65 31.01
N ALA C 82 41.53 13.18 30.75
CA ALA C 82 40.50 13.09 31.77
C ALA C 82 40.92 12.21 32.94
N ILE C 83 41.51 11.06 32.63
CA ILE C 83 42.00 10.12 33.65
C ILE C 83 43.08 10.75 34.51
N ALA C 84 44.01 11.46 33.87
CA ALA C 84 45.11 12.11 34.58
C ALA C 84 44.58 13.28 35.39
N ASP C 85 43.66 14.04 34.81
CA ASP C 85 43.06 15.19 35.48
C ASP C 85 42.24 14.73 36.69
N ALA C 86 41.58 13.57 36.56
CA ALA C 86 40.77 13.04 37.65
C ALA C 86 41.61 12.45 38.78
N GLY C 87 42.87 12.14 38.49
CA GLY C 87 43.73 11.56 39.50
C GLY C 87 43.39 10.09 39.72
N LEU C 88 42.88 9.44 38.67
CA LEU C 88 42.51 8.04 38.75
C LEU C 88 43.63 7.11 38.31
N SER C 89 43.92 6.10 39.11
CA SER C 89 44.96 5.15 38.77
C SER C 89 44.29 3.91 38.17
N PRO C 90 45.02 3.17 37.32
CA PRO C 90 44.50 1.96 36.68
C PRO C 90 43.88 1.00 37.69
N GLU C 91 44.52 0.86 38.84
CA GLU C 91 44.01 -0.05 39.87
C GLU C 91 42.59 0.34 40.27
N ALA C 92 42.28 1.62 40.12
CA ALA C 92 40.96 2.11 40.50
C ALA C 92 39.88 1.96 39.43
N TYR C 93 40.18 2.29 38.18
CA TYR C 93 39.14 2.20 37.15
C TYR C 93 39.19 1.01 36.18
N GLN C 94 40.35 0.37 36.04
CA GLN C 94 40.44 -0.78 35.14
C GLN C 94 39.90 -2.06 35.75
N ASN C 95 39.28 -2.89 34.91
CA ASN C 95 38.69 -4.16 35.33
C ASN C 95 37.73 -3.95 36.50
N ASN C 96 36.98 -2.86 36.46
CA ASN C 96 36.03 -2.54 37.53
C ASN C 96 34.61 -2.49 36.96
N PRO C 97 33.75 -3.43 37.37
CA PRO C 97 32.35 -3.52 36.91
C PRO C 97 31.56 -2.23 37.14
N ARG C 98 32.02 -1.40 38.05
CA ARG C 98 31.32 -0.16 38.35
C ARG C 98 31.88 1.07 37.66
N VAL C 99 32.69 0.84 36.64
CA VAL C 99 33.28 1.92 35.85
C VAL C 99 32.91 1.65 34.40
N GLY C 100 32.13 2.57 33.83
CA GLY C 100 31.69 2.40 32.45
C GLY C 100 32.20 3.45 31.49
N LEU C 101 31.71 3.39 30.25
CA LEU C 101 32.11 4.33 29.20
C LEU C 101 30.95 4.55 28.24
N ILE C 102 30.53 5.80 28.10
CA ILE C 102 29.44 6.13 27.19
C ILE C 102 29.88 7.33 26.36
N ALA C 103 30.32 7.06 25.14
CA ALA C 103 30.77 8.12 24.25
C ALA C 103 30.48 7.73 22.81
N GLY C 104 30.21 8.71 21.97
CA GLY C 104 29.92 8.40 20.57
C GLY C 104 30.29 9.51 19.62
N SER C 105 29.97 9.32 18.35
CA SER C 105 30.25 10.31 17.33
C SER C 105 28.97 10.56 16.57
N GLY C 106 28.90 11.67 15.86
CA GLY C 106 27.72 11.98 15.08
C GLY C 106 27.63 11.17 13.81
N GLY C 107 28.76 10.93 13.15
CA GLY C 107 28.73 10.17 11.91
C GLY C 107 29.72 9.03 11.75
N GLY C 108 30.19 8.46 12.85
CA GLY C 108 31.15 7.37 12.77
C GLY C 108 32.37 7.77 12.00
N SER C 109 32.56 7.20 10.82
CA SER C 109 33.69 7.55 9.97
C SER C 109 33.41 7.47 8.47
N PRO C 110 32.90 8.56 7.89
CA PRO C 110 32.63 8.54 6.45
C PRO C 110 33.92 8.33 5.66
N ARG C 111 35.04 8.80 6.20
CA ARG C 111 36.32 8.66 5.51
C ARG C 111 36.74 7.21 5.30
N PHE C 112 36.68 6.40 6.35
CA PHE C 112 37.07 5.00 6.21
C PHE C 112 36.00 4.17 5.54
N GLN C 113 34.75 4.65 5.63
CA GLN C 113 33.65 3.96 4.98
C GLN C 113 33.87 4.11 3.47
N VAL C 114 34.25 5.32 3.06
CA VAL C 114 34.53 5.60 1.67
C VAL C 114 35.82 4.90 1.23
N PHE C 115 36.83 4.92 2.08
CA PHE C 115 38.10 4.26 1.76
C PHE C 115 37.84 2.78 1.47
N GLY C 116 36.97 2.18 2.26
CA GLY C 116 36.65 0.78 2.09
C GLY C 116 36.01 0.49 0.76
N ALA C 117 34.98 1.28 0.40
CA ALA C 117 34.29 1.09 -0.87
C ALA C 117 35.23 1.36 -2.05
N ASP C 118 36.02 2.44 -1.96
CA ASP C 118 36.95 2.78 -3.02
C ASP C 118 37.98 1.68 -3.21
N ALA C 119 38.39 1.06 -2.11
CA ALA C 119 39.37 -0.02 -2.18
C ALA C 119 38.73 -1.27 -2.79
N MET C 120 37.56 -1.63 -2.27
CA MET C 120 36.86 -2.81 -2.76
C MET C 120 36.63 -2.78 -4.28
N ARG C 121 36.29 -1.60 -4.81
CA ARG C 121 36.03 -1.45 -6.23
C ARG C 121 37.27 -1.49 -7.12
N GLY C 122 38.45 -1.51 -6.50
CA GLY C 122 39.68 -1.57 -7.26
C GLY C 122 40.02 -3.01 -7.69
N PRO C 123 41.18 -3.21 -8.32
CA PRO C 123 41.67 -4.52 -8.80
C PRO C 123 42.00 -5.53 -7.70
N ARG C 124 42.33 -5.03 -6.51
CA ARG C 124 42.70 -5.89 -5.39
C ARG C 124 41.56 -6.26 -4.43
N GLY C 125 40.37 -5.73 -4.68
CA GLY C 125 39.22 -6.03 -3.84
C GLY C 125 39.47 -6.12 -2.34
N LEU C 126 39.13 -7.28 -1.76
CA LEU C 126 39.28 -7.52 -0.34
C LEU C 126 40.68 -7.24 0.18
N LYS C 127 41.68 -7.55 -0.62
CA LYS C 127 43.07 -7.33 -0.25
C LYS C 127 43.36 -5.86 0.03
N ALA C 128 42.79 -4.97 -0.78
CA ALA C 128 43.02 -3.54 -0.61
C ALA C 128 42.26 -2.96 0.59
N VAL C 129 41.13 -3.58 0.94
CA VAL C 129 40.32 -3.11 2.05
C VAL C 129 40.99 -3.34 3.41
N GLY C 130 41.60 -4.49 3.58
CA GLY C 130 42.26 -4.79 4.84
C GLY C 130 41.27 -5.25 5.89
N PRO C 131 41.75 -5.73 7.05
CA PRO C 131 40.83 -6.20 8.08
C PRO C 131 40.54 -5.24 9.24
N TYR C 132 40.77 -3.95 9.08
CA TYR C 132 40.51 -3.00 10.16
C TYR C 132 39.46 -1.94 9.86
N VAL C 133 38.78 -2.06 8.74
CA VAL C 133 37.80 -1.05 8.37
C VAL C 133 36.53 -1.04 9.24
N VAL C 134 36.04 -2.21 9.62
CA VAL C 134 34.81 -2.28 10.41
C VAL C 134 34.83 -1.49 11.73
N THR C 135 35.88 -1.61 12.53
CA THR C 135 35.92 -0.89 13.79
C THR C 135 36.14 0.60 13.57
N LYS C 136 36.70 0.95 12.42
CA LYS C 136 36.93 2.35 12.12
C LYS C 136 35.64 2.99 11.61
N ALA C 137 34.88 2.22 10.84
CA ALA C 137 33.65 2.72 10.24
C ALA C 137 32.36 2.57 11.05
N MET C 138 32.27 1.57 11.92
CA MET C 138 31.05 1.36 12.72
C MET C 138 30.72 2.58 13.59
N ALA C 139 29.43 2.79 13.82
CA ALA C 139 28.96 3.94 14.59
C ALA C 139 29.41 3.94 16.04
N SER C 140 29.68 2.74 16.57
CA SER C 140 30.12 2.59 17.97
C SER C 140 31.63 2.68 18.11
N GLY C 141 32.32 3.08 17.04
CA GLY C 141 33.76 3.19 17.07
C GLY C 141 34.35 3.89 18.28
N VAL C 142 33.81 5.07 18.57
CA VAL C 142 34.30 5.87 19.69
C VAL C 142 34.25 5.16 21.04
N SER C 143 33.19 4.39 21.29
CA SER C 143 33.11 3.69 22.56
C SER C 143 33.88 2.39 22.54
N ALA C 144 33.75 1.64 21.44
CA ALA C 144 34.43 0.37 21.29
C ALA C 144 35.94 0.49 21.37
N CYS C 145 36.48 1.50 20.67
CA CYS C 145 37.92 1.72 20.63
C CYS C 145 38.52 2.23 21.93
N LEU C 146 37.70 2.73 22.83
CA LEU C 146 38.19 3.25 24.09
C LEU C 146 37.96 2.27 25.26
N ALA C 147 36.79 1.62 25.27
CA ALA C 147 36.44 0.68 26.32
C ALA C 147 37.39 -0.52 26.37
N THR C 148 37.92 -0.89 25.21
CA THR C 148 38.83 -2.03 25.16
C THR C 148 40.22 -1.72 25.72
N PRO C 149 40.92 -0.71 25.17
CA PRO C 149 42.26 -0.42 25.70
C PRO C 149 42.31 0.09 27.15
N PHE C 150 41.28 0.81 27.57
CA PHE C 150 41.26 1.31 28.94
C PHE C 150 40.74 0.27 29.93
N LYS C 151 40.44 -0.92 29.42
CA LYS C 151 39.98 -2.04 30.24
C LYS C 151 38.69 -1.77 31.05
N ILE C 152 37.68 -1.23 30.38
CA ILE C 152 36.41 -0.95 31.03
C ILE C 152 35.56 -2.21 31.16
N HIS C 153 35.00 -2.46 32.34
CA HIS C 153 34.18 -3.64 32.55
C HIS C 153 32.69 -3.30 32.74
N GLY C 154 32.40 -2.01 32.94
CA GLY C 154 31.03 -1.61 33.13
C GLY C 154 30.29 -1.39 31.83
N VAL C 155 29.42 -0.39 31.82
CA VAL C 155 28.64 -0.07 30.64
C VAL C 155 29.57 0.34 29.49
N ASN C 156 29.21 -0.04 28.27
CA ASN C 156 30.02 0.28 27.10
C ASN C 156 29.20 0.31 25.81
N TYR C 157 28.89 1.53 25.37
CA TYR C 157 28.14 1.74 24.13
C TYR C 157 28.12 3.24 23.79
N SER C 158 27.67 3.56 22.59
CA SER C 158 27.63 4.95 22.15
C SER C 158 26.22 5.51 22.00
N ILE C 159 26.02 6.73 22.47
CA ILE C 159 24.74 7.38 22.29
C ILE C 159 25.03 8.24 21.08
N SER C 160 24.08 8.29 20.15
CA SER C 160 24.29 9.11 18.96
C SER C 160 23.02 9.87 18.64
N SER C 161 23.15 11.18 18.44
CA SER C 161 22.01 12.01 18.14
C SER C 161 22.45 13.28 17.43
N ALA C 162 23.19 13.08 16.34
CA ALA C 162 23.69 14.19 15.55
C ALA C 162 24.46 15.19 16.42
N CYS C 163 24.06 16.46 16.38
CA CYS C 163 24.73 17.51 17.13
C CYS C 163 24.44 17.52 18.63
N ALA C 164 23.71 16.52 19.11
CA ALA C 164 23.40 16.43 20.54
C ALA C 164 24.12 15.24 21.16
N THR C 165 24.69 14.41 20.28
CA THR C 165 25.40 13.19 20.67
C THR C 165 26.11 13.15 22.01
N SER C 166 27.23 13.87 22.15
CA SER C 166 27.99 13.83 23.40
C SER C 166 27.26 14.40 24.61
N ALA C 167 26.30 15.28 24.38
CA ALA C 167 25.53 15.84 25.49
C ALA C 167 24.67 14.71 26.05
N HIS C 168 23.99 13.99 25.16
CA HIS C 168 23.15 12.86 25.56
C HIS C 168 23.99 11.77 26.24
N CYS C 169 25.24 11.63 25.80
CA CYS C 169 26.14 10.64 26.40
C CYS C 169 26.39 10.98 27.86
N ILE C 170 26.62 12.27 28.12
CA ILE C 170 26.87 12.73 29.48
C ILE C 170 25.64 12.53 30.35
N GLY C 171 24.46 12.80 29.79
CA GLY C 171 23.22 12.63 30.54
C GLY C 171 22.97 11.17 30.86
N ASN C 172 23.26 10.28 29.91
CA ASN C 172 23.07 8.85 30.12
C ASN C 172 23.99 8.38 31.24
N ALA C 173 25.21 8.93 31.27
CA ALA C 173 26.18 8.57 32.30
C ALA C 173 25.64 8.99 33.67
N VAL C 174 25.00 10.16 33.72
CA VAL C 174 24.43 10.64 34.96
C VAL C 174 23.31 9.70 35.40
N GLU C 175 22.58 9.17 34.42
CA GLU C 175 21.50 8.24 34.72
C GLU C 175 22.03 6.93 35.31
N GLN C 176 23.24 6.53 34.90
CA GLN C 176 23.83 5.31 35.42
C GLN C 176 24.16 5.48 36.90
N ILE C 177 24.61 6.68 37.27
CA ILE C 177 24.93 6.93 38.67
C ILE C 177 23.64 6.99 39.50
N GLN C 178 22.62 7.62 38.93
CA GLN C 178 21.34 7.75 39.63
C GLN C 178 20.69 6.36 39.84
N LEU C 179 20.80 5.50 38.84
CA LEU C 179 20.24 4.16 38.94
C LEU C 179 21.10 3.34 39.90
N GLY C 180 22.22 3.93 40.30
CA GLY C 180 23.13 3.24 41.21
C GLY C 180 23.85 2.07 40.58
N LYS C 181 23.88 2.02 39.24
CA LYS C 181 24.57 0.94 38.55
C LYS C 181 26.07 1.19 38.38
N GLN C 182 26.49 2.46 38.32
CA GLN C 182 27.89 2.79 38.12
C GLN C 182 28.42 3.86 39.07
N ASP C 183 29.69 3.74 39.47
CA ASP C 183 30.30 4.73 40.35
C ASP C 183 30.97 5.79 39.48
N ILE C 184 31.44 5.35 38.31
CA ILE C 184 32.11 6.24 37.38
C ILE C 184 31.78 5.88 35.95
N VAL C 185 31.56 6.90 35.13
CA VAL C 185 31.30 6.68 33.72
C VAL C 185 32.01 7.77 32.94
N PHE C 186 32.89 7.35 32.05
CA PHE C 186 33.59 8.30 31.20
C PHE C 186 32.61 8.63 30.08
N ALA C 187 32.21 9.89 29.99
CA ALA C 187 31.26 10.31 28.96
C ALA C 187 31.88 11.39 28.09
N GLY C 188 31.57 11.34 26.80
CA GLY C 188 32.11 12.31 25.86
C GLY C 188 31.90 11.86 24.43
N GLY C 189 32.80 12.27 23.55
CA GLY C 189 32.66 11.87 22.16
C GLY C 189 33.76 12.39 21.25
N GLY C 190 33.64 12.06 19.97
CA GLY C 190 34.63 12.48 19.01
C GLY C 190 34.00 12.61 17.64
N GLU C 191 34.72 13.23 16.72
CA GLU C 191 34.20 13.41 15.37
C GLU C 191 35.37 13.74 14.46
N GLU C 192 35.45 13.06 13.32
CA GLU C 192 36.53 13.34 12.38
C GLU C 192 36.19 14.56 11.53
N LEU C 193 37.22 15.13 10.91
CA LEU C 193 37.06 16.29 10.05
C LEU C 193 37.53 15.89 8.65
N CYS C 194 36.61 15.88 7.69
CA CYS C 194 36.94 15.46 6.34
C CYS C 194 35.92 15.93 5.30
N TRP C 195 36.36 16.01 4.05
CA TRP C 195 35.47 16.43 2.97
C TRP C 195 34.40 15.36 2.69
N GLU C 196 34.71 14.11 2.97
CA GLU C 196 33.74 13.03 2.75
C GLU C 196 32.44 13.33 3.48
N MET C 197 32.56 13.85 4.70
CA MET C 197 31.38 14.18 5.49
C MET C 197 30.95 15.64 5.28
N ALA C 198 31.92 16.54 5.18
CA ALA C 198 31.65 17.96 4.99
C ALA C 198 30.76 18.28 3.79
N CYS C 199 31.02 17.64 2.66
CA CYS C 199 30.24 17.91 1.46
C CYS C 199 28.75 17.64 1.65
N GLU C 200 28.40 16.70 2.51
CA GLU C 200 27.00 16.39 2.78
C GLU C 200 26.28 17.61 3.33
N PHE C 201 26.93 18.33 4.25
CA PHE C 201 26.33 19.52 4.82
C PHE C 201 26.32 20.66 3.83
N ASP C 202 27.42 20.82 3.10
CA ASP C 202 27.53 21.87 2.10
C ASP C 202 26.39 21.66 1.10
N ALA C 203 26.13 20.40 0.75
CA ALA C 203 25.06 20.05 -0.19
C ALA C 203 23.69 20.44 0.36
N MET C 204 23.60 20.55 1.68
CA MET C 204 22.38 20.96 2.37
C MET C 204 22.36 22.49 2.42
N GLY C 205 23.49 23.11 2.13
CA GLY C 205 23.58 24.56 2.17
C GLY C 205 23.69 25.03 3.62
N ALA C 206 24.09 24.12 4.50
CA ALA C 206 24.21 24.42 5.92
C ALA C 206 25.55 25.05 6.33
N LEU C 207 26.55 24.97 5.46
CA LEU C 207 27.87 25.52 5.78
C LEU C 207 28.09 26.94 5.27
N SER C 208 28.95 27.68 5.97
CA SER C 208 29.28 29.05 5.59
C SER C 208 30.11 29.02 4.31
N THR C 209 29.82 29.91 3.36
CA THR C 209 30.54 29.95 2.09
C THR C 209 30.98 31.34 1.64
N LYS C 210 30.56 32.38 2.35
CA LYS C 210 30.91 33.75 1.95
C LYS C 210 32.09 34.41 2.66
N TYR C 211 32.80 33.66 3.50
CA TYR C 211 33.93 34.25 4.21
C TYR C 211 35.18 33.39 4.09
N ASN C 212 35.31 32.69 2.97
CA ASN C 212 36.48 31.83 2.79
C ASN C 212 37.79 32.61 2.79
N ASP C 213 37.74 33.89 2.39
CA ASP C 213 38.94 34.73 2.34
C ASP C 213 39.37 35.19 3.73
N THR C 214 38.46 35.09 4.69
CA THR C 214 38.74 35.48 6.06
C THR C 214 38.16 34.41 6.98
N PRO C 215 38.82 33.23 7.02
CA PRO C 215 38.41 32.07 7.82
C PRO C 215 37.90 32.38 9.22
N GLU C 216 38.68 33.16 9.97
CA GLU C 216 38.33 33.52 11.33
C GLU C 216 37.06 34.33 11.52
N LYS C 217 36.43 34.75 10.43
CA LYS C 217 35.21 35.55 10.52
C LYS C 217 33.95 34.81 10.09
N ALA C 218 34.12 33.62 9.50
CA ALA C 218 32.99 32.85 9.00
C ALA C 218 31.96 32.47 10.07
N SER C 219 32.43 31.86 11.15
CA SER C 219 31.53 31.46 12.24
C SER C 219 31.20 32.75 13.00
N ARG C 220 29.95 33.19 12.88
CA ARG C 220 29.53 34.44 13.52
C ARG C 220 28.11 34.37 14.08
N THR C 221 27.91 33.48 15.05
CA THR C 221 26.61 33.31 15.69
C THR C 221 26.00 34.63 16.12
N TYR C 222 24.73 34.84 15.75
CA TYR C 222 23.95 36.04 16.08
C TYR C 222 24.25 37.27 15.24
N ASP C 223 25.21 37.14 14.32
CA ASP C 223 25.56 38.26 13.45
C ASP C 223 24.52 38.34 12.33
N ALA C 224 24.14 39.57 12.00
CA ALA C 224 23.15 39.80 10.94
C ALA C 224 23.54 39.14 9.62
N HIS C 225 24.84 38.97 9.39
CA HIS C 225 25.28 38.40 8.13
C HIS C 225 25.83 36.98 8.17
N ARG C 226 25.45 36.23 9.20
CA ARG C 226 25.87 34.84 9.33
C ARG C 226 25.31 34.09 8.12
N ASP C 227 25.94 32.99 7.73
CA ASP C 227 25.48 32.24 6.57
C ASP C 227 25.76 30.73 6.66
N GLY C 228 25.62 30.14 7.85
CA GLY C 228 25.88 28.72 7.99
C GLY C 228 27.03 28.45 8.96
N PHE C 229 27.05 27.25 9.54
CA PHE C 229 28.10 26.93 10.50
C PHE C 229 29.40 26.48 9.83
N VAL C 230 30.50 26.57 10.58
CA VAL C 230 31.80 26.16 10.09
C VAL C 230 32.05 24.78 10.70
N ILE C 231 32.16 23.77 9.85
CA ILE C 231 32.37 22.41 10.34
C ILE C 231 33.72 22.29 11.05
N ALA C 232 33.77 21.40 12.04
CA ALA C 232 34.98 21.16 12.80
C ALA C 232 35.07 19.72 13.28
N GLY C 233 36.22 19.37 13.84
CA GLY C 233 36.43 18.03 14.35
C GLY C 233 37.11 18.08 15.70
N GLY C 234 37.13 16.96 16.42
CA GLY C 234 37.77 16.93 17.71
C GLY C 234 37.10 15.99 18.68
N GLY C 235 37.46 16.11 19.95
CA GLY C 235 36.89 15.25 20.96
C GLY C 235 36.94 15.84 22.36
N GLY C 236 36.28 15.17 23.29
CA GLY C 236 36.24 15.62 24.67
C GLY C 236 35.71 14.49 25.53
N MET C 237 36.09 14.50 26.80
CA MET C 237 35.63 13.44 27.69
C MET C 237 35.61 13.99 29.10
N VAL C 238 34.59 13.64 29.86
CA VAL C 238 34.50 14.07 31.24
C VAL C 238 34.31 12.85 32.10
N VAL C 239 34.66 12.96 33.37
CA VAL C 239 34.51 11.87 34.30
C VAL C 239 33.27 12.15 35.15
N VAL C 240 32.22 11.38 34.93
CA VAL C 240 30.99 11.52 35.69
C VAL C 240 31.13 10.50 36.82
N GLU C 241 31.09 11.00 38.05
CA GLU C 241 31.27 10.13 39.21
C GLU C 241 30.18 10.39 40.27
N GLU C 242 29.86 9.36 41.04
CA GLU C 242 28.86 9.47 42.10
C GLU C 242 29.49 10.31 43.22
N LEU C 243 28.71 11.21 43.80
CA LEU C 243 29.19 12.11 44.84
C LEU C 243 30.01 11.49 45.99
N GLU C 244 29.41 10.58 46.76
CA GLU C 244 30.13 9.97 47.87
C GLU C 244 31.43 9.30 47.43
N HIS C 245 31.37 8.58 46.32
CA HIS C 245 32.55 7.90 45.80
C HIS C 245 33.65 8.92 45.52
N ALA C 246 33.27 10.04 44.87
CA ALA C 246 34.24 11.08 44.56
C ALA C 246 34.78 11.74 45.82
N LEU C 247 33.89 12.08 46.76
CA LEU C 247 34.32 12.70 48.00
C LEU C 247 35.22 11.76 48.80
N ALA C 248 34.96 10.45 48.71
CA ALA C 248 35.74 9.47 49.43
C ALA C 248 37.20 9.41 49.05
N ARG C 249 37.52 9.64 47.77
CA ARG C 249 38.91 9.59 47.33
C ARG C 249 39.51 10.98 47.19
N GLY C 250 38.86 11.98 47.77
CA GLY C 250 39.36 13.34 47.71
C GLY C 250 39.55 13.87 46.30
N ALA C 251 38.58 13.61 45.43
CA ALA C 251 38.65 14.05 44.05
C ALA C 251 38.39 15.54 43.90
N HIS C 252 38.92 16.11 42.82
CA HIS C 252 38.69 17.50 42.52
C HIS C 252 37.36 17.55 41.78
N ILE C 253 36.36 18.17 42.39
CA ILE C 253 35.03 18.24 41.79
C ILE C 253 34.79 19.59 41.12
N TYR C 254 34.68 19.57 39.80
CA TYR C 254 34.44 20.80 39.04
C TYR C 254 33.03 21.29 39.35
N ALA C 255 32.07 20.37 39.27
CA ALA C 255 30.69 20.73 39.51
C ALA C 255 29.79 19.51 39.54
N GLU C 256 28.54 19.74 39.92
CA GLU C 256 27.54 18.69 39.98
C GLU C 256 26.54 18.90 38.85
N ILE C 257 26.21 17.82 38.16
CA ILE C 257 25.24 17.89 37.09
C ILE C 257 23.88 17.82 37.80
N VAL C 258 23.26 18.99 37.98
CA VAL C 258 21.98 19.08 38.68
C VAL C 258 20.78 19.06 37.75
N GLY C 259 21.04 18.94 36.45
CA GLY C 259 19.95 18.91 35.51
C GLY C 259 20.32 18.33 34.16
N TYR C 260 19.42 17.53 33.60
CA TYR C 260 19.65 16.92 32.30
C TYR C 260 18.31 16.72 31.58
N GLY C 261 18.10 17.50 30.53
CA GLY C 261 16.87 17.38 29.78
C GLY C 261 17.13 16.76 28.42
N ALA C 262 16.18 15.92 27.98
CA ALA C 262 16.31 15.27 26.68
C ALA C 262 14.91 15.17 26.08
N THR C 263 14.63 15.98 25.06
CA THR C 263 13.32 15.97 24.43
C THR C 263 13.39 15.78 22.92
N SER C 264 12.22 15.81 22.28
CA SER C 264 12.11 15.63 20.84
C SER C 264 11.11 16.65 20.29
N ASP C 265 11.37 17.18 19.09
CA ASP C 265 10.48 18.15 18.48
C ASP C 265 9.31 17.44 17.80
N GLY C 266 9.60 16.35 17.08
CA GLY C 266 8.56 15.63 16.38
C GLY C 266 7.90 16.56 15.37
N ALA C 267 8.72 17.35 14.69
CA ALA C 267 8.21 18.31 13.71
C ALA C 267 9.00 18.29 12.40
N ASP C 268 10.13 19.00 12.36
CA ASP C 268 10.94 19.06 11.16
C ASP C 268 12.26 18.27 11.27
N MET C 269 12.73 17.75 10.15
CA MET C 269 13.96 16.94 10.10
C MET C 269 15.30 17.68 10.20
N VAL C 270 15.36 18.91 9.69
CA VAL C 270 16.62 19.65 9.74
C VAL C 270 16.51 21.07 10.29
N ALA C 271 15.38 21.38 10.92
CA ALA C 271 15.18 22.70 11.50
C ALA C 271 14.52 22.53 12.87
N PRO C 272 14.90 23.37 13.85
CA PRO C 272 14.34 23.30 15.20
C PRO C 272 12.96 23.96 15.27
N SER C 273 12.11 23.44 16.15
CA SER C 273 10.76 23.99 16.32
C SER C 273 10.75 25.05 17.42
N GLY C 274 11.58 24.84 18.44
CA GLY C 274 11.64 25.77 19.54
C GLY C 274 10.89 25.27 20.77
N GLU C 275 9.66 24.78 20.58
CA GLU C 275 8.88 24.27 21.69
C GLU C 275 9.55 23.05 22.32
N GLY C 276 10.30 22.32 21.50
CA GLY C 276 11.02 21.16 22.00
C GLY C 276 12.18 21.66 22.85
N ALA C 277 12.78 22.75 22.42
CA ALA C 277 13.90 23.35 23.13
C ALA C 277 13.41 23.91 24.47
N VAL C 278 12.23 24.54 24.45
CA VAL C 278 11.66 25.08 25.68
C VAL C 278 11.46 23.97 26.71
N ARG C 279 10.83 22.88 26.29
CA ARG C 279 10.58 21.76 27.20
C ARG C 279 11.90 21.16 27.69
N CYS C 280 12.89 21.11 26.80
CA CYS C 280 14.20 20.55 27.16
C CYS C 280 14.90 21.37 28.25
N MET C 281 14.90 22.69 28.13
CA MET C 281 15.55 23.54 29.12
C MET C 281 14.79 23.53 30.45
N LYS C 282 13.46 23.48 30.39
CA LYS C 282 12.67 23.45 31.62
C LYS C 282 12.90 22.13 32.35
N MET C 283 13.00 21.04 31.58
CA MET C 283 13.23 19.73 32.18
C MET C 283 14.55 19.73 32.94
N ALA C 284 15.56 20.37 32.37
CA ALA C 284 16.86 20.43 33.00
C ALA C 284 16.87 21.36 34.22
N MET C 285 15.91 22.27 34.28
CA MET C 285 15.82 23.21 35.38
C MET C 285 14.97 22.71 36.54
N HIS C 286 14.14 21.71 36.28
CA HIS C 286 13.26 21.17 37.30
C HIS C 286 14.05 20.73 38.53
N GLY C 287 13.73 21.34 39.68
CA GLY C 287 14.44 20.99 40.90
C GLY C 287 15.62 21.89 41.16
N VAL C 288 16.09 22.60 40.14
CA VAL C 288 17.24 23.48 40.33
C VAL C 288 16.75 24.80 40.94
N ASP C 289 17.10 25.04 42.19
CA ASP C 289 16.67 26.24 42.89
C ASP C 289 17.62 27.42 42.75
N THR C 290 18.50 27.39 41.76
CA THR C 290 19.41 28.51 41.54
C THR C 290 19.25 29.03 40.12
N PRO C 291 19.46 30.32 39.91
CA PRO C 291 19.32 30.90 38.57
C PRO C 291 20.54 30.58 37.72
N ILE C 292 20.35 30.54 36.41
CA ILE C 292 21.45 30.25 35.49
C ILE C 292 22.26 31.54 35.33
N ASP C 293 23.57 31.46 35.55
CA ASP C 293 24.43 32.64 35.45
C ASP C 293 25.06 32.78 34.09
N TYR C 294 25.14 31.66 33.37
CA TYR C 294 25.72 31.65 32.05
C TYR C 294 25.08 30.53 31.25
N LEU C 295 24.76 30.83 30.00
CA LEU C 295 24.13 29.87 29.11
C LEU C 295 25.01 29.70 27.88
N ASN C 296 25.60 28.53 27.71
CA ASN C 296 26.42 28.27 26.54
C ASN C 296 25.45 27.73 25.50
N SER C 297 25.09 28.59 24.55
CA SER C 297 24.12 28.23 23.52
C SER C 297 24.61 27.23 22.49
N HIS C 298 23.65 26.69 21.75
CA HIS C 298 23.94 25.75 20.68
C HIS C 298 24.48 26.57 19.51
N GLY C 299 23.90 27.76 19.33
CA GLY C 299 24.28 28.71 18.29
C GLY C 299 25.37 28.30 17.32
N THR C 300 24.97 27.68 16.22
CA THR C 300 25.89 27.21 15.20
C THR C 300 26.26 28.28 14.18
N SER C 301 25.55 29.40 14.21
CA SER C 301 25.76 30.52 13.30
C SER C 301 24.96 30.35 12.01
N THR C 302 23.73 29.87 12.15
CA THR C 302 22.82 29.66 11.03
C THR C 302 21.70 30.69 11.14
N PRO C 303 21.11 31.10 10.00
CA PRO C 303 20.02 32.08 10.00
C PRO C 303 18.83 31.74 10.89
N VAL C 304 18.23 30.58 10.67
CA VAL C 304 17.06 30.18 11.45
C VAL C 304 17.39 29.63 12.84
N GLY C 305 18.37 28.73 12.91
CA GLY C 305 18.72 28.13 14.18
C GLY C 305 19.09 29.07 15.32
N ASP C 306 19.98 30.01 15.06
CA ASP C 306 20.41 30.94 16.11
C ASP C 306 19.28 31.66 16.83
N VAL C 307 18.34 32.22 16.07
CA VAL C 307 17.25 32.95 16.69
C VAL C 307 16.15 32.08 17.28
N LYS C 308 15.91 30.91 16.68
CA LYS C 308 14.88 30.01 17.22
C LYS C 308 15.27 29.68 18.65
N GLU C 309 16.55 29.39 18.87
CA GLU C 309 17.02 29.07 20.20
C GLU C 309 16.84 30.27 21.14
N LEU C 310 17.17 31.46 20.67
CA LEU C 310 17.01 32.65 21.52
C LEU C 310 15.55 32.85 21.87
N ALA C 311 14.65 32.50 20.95
CA ALA C 311 13.22 32.64 21.19
C ALA C 311 12.82 31.64 22.26
N ALA C 312 13.42 30.45 22.20
CA ALA C 312 13.13 29.42 23.18
C ALA C 312 13.66 29.84 24.54
N ILE C 313 14.85 30.43 24.56
CA ILE C 313 15.43 30.87 25.82
C ILE C 313 14.55 31.94 26.48
N ARG C 314 14.05 32.89 25.70
CA ARG C 314 13.18 33.93 26.23
C ARG C 314 11.98 33.34 26.96
N GLU C 315 11.30 32.40 26.32
CA GLU C 315 10.12 31.79 26.92
C GLU C 315 10.43 31.09 28.24
N VAL C 316 11.57 30.42 28.29
CA VAL C 316 11.98 29.71 29.49
C VAL C 316 12.35 30.63 30.66
N PHE C 317 13.18 31.63 30.40
CA PHE C 317 13.60 32.53 31.47
C PHE C 317 12.77 33.80 31.63
N GLY C 318 11.77 33.97 30.76
CA GLY C 318 10.93 35.14 30.83
C GLY C 318 11.71 36.43 30.96
N ASP C 319 11.48 37.16 32.05
CA ASP C 319 12.17 38.42 32.28
C ASP C 319 13.35 38.23 33.23
N LYS C 320 14.06 37.13 33.06
CA LYS C 320 15.22 36.81 33.89
C LYS C 320 16.23 36.06 33.03
N SER C 321 16.53 36.64 31.87
CA SER C 321 17.48 36.06 30.93
C SER C 321 18.90 36.03 31.46
N PRO C 322 19.61 34.90 31.28
CA PRO C 322 20.99 34.74 31.74
C PRO C 322 22.00 35.23 30.69
N ALA C 323 23.24 35.44 31.13
CA ALA C 323 24.30 35.85 30.21
C ALA C 323 24.43 34.72 29.18
N ILE C 324 24.70 35.07 27.94
CA ILE C 324 24.80 34.08 26.87
C ILE C 324 25.98 34.36 25.96
N SER C 325 26.51 33.30 25.37
CA SER C 325 27.60 33.42 24.42
C SER C 325 27.68 32.12 23.65
N ALA C 326 27.95 32.20 22.35
CA ALA C 326 28.05 31.02 21.53
C ALA C 326 29.54 30.82 21.25
N THR C 327 30.14 29.81 21.88
CA THR C 327 31.55 29.57 21.68
C THR C 327 31.88 29.03 20.29
N LYS C 328 30.88 28.52 19.58
CA LYS C 328 31.10 28.01 18.24
C LYS C 328 31.68 29.08 17.30
N ALA C 329 31.44 30.35 17.62
CA ALA C 329 31.96 31.44 16.81
C ALA C 329 33.48 31.34 16.77
N MET C 330 34.07 30.77 17.81
CA MET C 330 35.52 30.58 17.89
C MET C 330 35.95 29.19 17.43
N THR C 331 35.29 28.18 17.99
CA THR C 331 35.61 26.78 17.76
C THR C 331 35.06 26.09 16.52
N GLY C 332 33.96 26.59 15.98
CA GLY C 332 33.36 25.92 14.85
C GLY C 332 32.42 24.88 15.43
N HIS C 333 31.77 24.11 14.56
CA HIS C 333 30.80 23.11 14.99
C HIS C 333 31.38 21.69 14.90
N SER C 334 31.71 21.07 16.04
CA SER C 334 32.28 19.74 16.02
C SER C 334 31.25 18.61 15.95
N LEU C 335 30.00 18.99 15.68
CA LEU C 335 28.91 18.03 15.55
C LEU C 335 28.79 17.10 16.76
N GLY C 336 29.11 15.81 16.58
CA GLY C 336 29.01 14.86 17.68
C GLY C 336 29.81 15.21 18.92
N ALA C 337 30.96 15.85 18.75
CA ALA C 337 31.80 16.23 19.87
C ALA C 337 31.43 17.58 20.49
N ALA C 338 30.49 18.31 19.90
CA ALA C 338 30.10 19.63 20.41
C ALA C 338 29.60 19.63 21.85
N GLY C 339 28.66 18.73 22.15
CA GLY C 339 28.11 18.65 23.49
C GLY C 339 29.12 18.57 24.61
N VAL C 340 30.01 17.58 24.54
CA VAL C 340 31.02 17.43 25.59
C VAL C 340 32.06 18.55 25.58
N GLN C 341 32.52 18.95 24.40
CA GLN C 341 33.49 20.03 24.33
C GLN C 341 32.91 21.31 24.93
N GLU C 342 31.64 21.59 24.63
CA GLU C 342 30.98 22.79 25.12
C GLU C 342 30.64 22.67 26.60
N ALA C 343 30.48 21.44 27.09
CA ALA C 343 30.20 21.23 28.49
C ALA C 343 31.52 21.57 29.20
N ILE C 344 32.62 21.18 28.57
CA ILE C 344 33.94 21.44 29.12
C ILE C 344 34.24 22.94 29.14
N TYR C 345 33.86 23.67 28.09
CA TYR C 345 34.10 25.11 28.06
C TYR C 345 33.30 25.76 29.20
N SER C 346 32.09 25.26 29.42
CA SER C 346 31.23 25.79 30.48
C SER C 346 31.80 25.46 31.86
N LEU C 347 32.41 24.28 32.00
CA LEU C 347 33.01 23.90 33.26
C LEU C 347 34.23 24.77 33.53
N LEU C 348 35.00 25.05 32.47
CA LEU C 348 36.19 25.88 32.63
C LEU C 348 35.82 27.30 33.01
N MET C 349 34.75 27.80 32.42
CA MET C 349 34.31 29.15 32.76
C MET C 349 33.89 29.17 34.22
N LEU C 350 33.22 28.11 34.63
CA LEU C 350 32.73 27.96 35.99
C LEU C 350 33.88 27.82 36.97
N GLU C 351 34.89 27.04 36.60
CA GLU C 351 36.04 26.80 37.46
C GLU C 351 36.98 28.01 37.61
N HIS C 352 37.15 28.80 36.56
CA HIS C 352 38.05 29.95 36.60
C HIS C 352 37.35 31.31 36.71
N GLY C 353 36.02 31.27 36.81
CA GLY C 353 35.26 32.51 36.95
C GLY C 353 35.33 33.51 35.81
N PHE C 354 34.84 33.14 34.65
CA PHE C 354 34.85 34.07 33.53
C PHE C 354 33.86 33.59 32.47
N ILE C 355 33.44 34.51 31.62
CA ILE C 355 32.51 34.16 30.56
C ILE C 355 33.22 34.40 29.23
N ALA C 356 33.34 33.34 28.43
CA ALA C 356 33.99 33.42 27.13
C ALA C 356 33.12 34.28 26.24
N PRO C 357 33.73 35.10 25.36
CA PRO C 357 32.96 35.97 24.47
C PRO C 357 32.32 35.29 23.27
N SER C 358 31.27 35.91 22.77
CA SER C 358 30.58 35.43 21.58
C SER C 358 31.15 36.37 20.53
N ILE C 359 32.18 35.93 19.82
CA ILE C 359 32.85 36.78 18.84
C ILE C 359 32.20 36.94 17.47
N ASN C 360 32.81 37.81 16.67
CA ASN C 360 32.38 38.14 15.31
C ASN C 360 30.98 38.71 15.14
N ILE C 361 30.45 39.35 16.18
CA ILE C 361 29.14 39.95 16.04
C ILE C 361 29.34 41.42 15.67
N GLU C 362 29.43 41.68 14.36
CA GLU C 362 29.64 43.04 13.88
C GLU C 362 28.34 43.82 13.85
N GLU C 363 27.23 43.10 13.71
CA GLU C 363 25.91 43.72 13.71
C GLU C 363 24.96 42.70 14.33
N LEU C 364 24.51 42.97 15.55
CA LEU C 364 23.62 42.05 16.24
C LEU C 364 22.27 41.88 15.55
N ASP C 365 21.86 40.63 15.34
CA ASP C 365 20.58 40.35 14.70
C ASP C 365 19.50 41.00 15.56
N GLU C 366 18.50 41.61 14.93
CA GLU C 366 17.44 42.26 15.68
C GLU C 366 16.70 41.30 16.59
N GLN C 367 16.76 40.01 16.29
CA GLN C 367 16.07 39.03 17.12
C GLN C 367 16.86 38.59 18.34
N ALA C 368 17.98 39.27 18.61
CA ALA C 368 18.81 38.95 19.76
C ALA C 368 18.83 40.14 20.70
N ALA C 369 17.98 41.12 20.39
CA ALA C 369 17.88 42.33 21.18
C ALA C 369 17.39 42.06 22.59
N GLY C 370 17.84 42.87 23.54
CA GLY C 370 17.41 42.71 24.92
C GLY C 370 18.03 41.57 25.71
N LEU C 371 18.98 40.85 25.11
CA LEU C 371 19.62 39.75 25.81
C LEU C 371 21.06 40.13 26.10
N ASN C 372 21.65 39.48 27.10
CA ASN C 372 23.04 39.77 27.42
C ASN C 372 23.96 38.81 26.68
N ILE C 373 24.18 39.09 25.40
CA ILE C 373 25.06 38.27 24.58
C ILE C 373 26.43 38.86 24.87
N VAL C 374 27.21 38.18 25.72
CA VAL C 374 28.55 38.62 26.09
C VAL C 374 29.52 38.59 24.90
N THR C 375 30.04 39.76 24.53
CA THR C 375 30.97 39.83 23.40
C THR C 375 32.40 40.16 23.77
N GLU C 376 32.68 40.25 25.06
CA GLU C 376 34.02 40.54 25.55
C GLU C 376 34.25 39.67 26.77
N THR C 377 35.42 39.04 26.86
CA THR C 377 35.74 38.19 27.99
C THR C 377 35.40 38.95 29.28
N THR C 378 34.69 38.29 30.18
CA THR C 378 34.29 38.93 31.42
C THR C 378 34.55 38.04 32.63
N ASP C 379 35.32 38.57 33.58
CA ASP C 379 35.60 37.80 34.79
C ASP C 379 34.39 37.94 35.69
N ARG C 380 33.88 36.81 36.16
CA ARG C 380 32.69 36.82 37.00
C ARG C 380 32.58 35.50 37.73
N GLU C 381 32.17 35.55 38.99
CA GLU C 381 32.01 34.35 39.78
C GLU C 381 30.69 33.71 39.38
N LEU C 382 30.75 32.51 38.79
CA LEU C 382 29.54 31.82 38.37
C LEU C 382 29.21 30.67 39.30
N THR C 383 27.95 30.29 39.36
CA THR C 383 27.51 29.19 40.23
C THR C 383 26.76 28.09 39.50
N THR C 384 25.89 28.48 38.57
CA THR C 384 25.09 27.51 37.82
C THR C 384 25.14 27.88 36.35
N VAL C 385 25.50 26.90 35.52
CA VAL C 385 25.59 27.14 34.09
C VAL C 385 24.78 26.12 33.31
N MET C 386 24.32 26.52 32.13
CA MET C 386 23.51 25.67 31.27
C MET C 386 24.16 25.61 29.89
N SER C 387 24.02 24.47 29.23
CA SER C 387 24.59 24.25 27.91
C SER C 387 23.58 23.50 27.04
N ASN C 388 23.29 24.05 25.86
CA ASN C 388 22.34 23.44 24.94
C ASN C 388 22.99 22.71 23.77
N SER C 389 22.35 21.62 23.35
CA SER C 389 22.80 20.85 22.22
C SER C 389 21.57 20.34 21.47
N PHE C 390 21.32 20.86 20.27
CA PHE C 390 20.18 20.42 19.48
C PHE C 390 20.72 19.79 18.20
N GLY C 391 20.10 18.71 17.75
CA GLY C 391 20.59 18.06 16.54
C GLY C 391 19.49 17.83 15.52
N PHE C 392 19.90 17.43 14.31
CA PHE C 392 18.95 17.13 13.25
C PHE C 392 18.08 15.98 13.74
N GLY C 393 16.82 15.96 13.31
CA GLY C 393 15.89 14.93 13.73
C GLY C 393 15.13 15.41 14.94
N GLY C 394 15.21 16.72 15.19
CA GLY C 394 14.53 17.32 16.32
C GLY C 394 14.88 16.72 17.66
N THR C 395 16.16 16.40 17.85
CA THR C 395 16.63 15.82 19.10
C THR C 395 17.31 16.88 19.97
N ASN C 396 16.85 17.03 21.21
CA ASN C 396 17.40 18.06 22.10
C ASN C 396 17.98 17.56 23.43
N ALA C 397 18.98 18.29 23.91
CA ALA C 397 19.64 17.98 25.16
C ALA C 397 20.20 19.24 25.80
N THR C 398 19.97 19.42 27.10
CA THR C 398 20.53 20.58 27.79
C THR C 398 21.09 20.05 29.11
N LEU C 399 22.22 20.59 29.53
CA LEU C 399 22.84 20.18 30.76
C LEU C 399 23.02 21.38 31.68
N VAL C 400 22.79 21.18 32.97
CA VAL C 400 22.96 22.24 33.94
C VAL C 400 23.95 21.77 34.99
N MET C 401 25.02 22.53 35.14
CA MET C 401 26.08 22.20 36.08
C MET C 401 26.23 23.29 37.12
N ARG C 402 26.25 22.89 38.39
CA ARG C 402 26.38 23.83 39.49
C ARG C 402 27.57 23.54 40.38
N LYS C 403 28.18 24.60 40.87
CA LYS C 403 29.33 24.50 41.76
C LYS C 403 28.88 23.74 43.01
N LEU C 404 29.73 22.85 43.51
CA LEU C 404 29.39 22.10 44.71
C LEU C 404 29.73 22.99 45.90
N LYS C 405 28.82 23.06 46.87
CA LYS C 405 29.01 23.88 48.06
C LYS C 405 30.39 23.77 48.70
N ASP C 406 30.78 24.83 49.42
CA ASP C 406 32.07 24.92 50.10
C ASP C 406 33.25 25.16 49.16
N MET D 1 10.75 0.20 42.37
CA MET D 1 10.69 1.20 41.26
C MET D 1 9.81 0.68 40.12
N LYS D 2 9.56 1.55 39.15
CA LYS D 2 8.72 1.20 38.01
C LYS D 2 9.15 -0.04 37.25
N ARG D 3 8.16 -0.81 36.81
CA ARG D 3 8.38 -2.03 36.07
C ARG D 3 8.05 -1.77 34.61
N ALA D 4 8.78 -2.40 33.71
CA ALA D 4 8.56 -2.20 32.28
C ALA D 4 8.10 -3.48 31.57
N VAL D 5 7.14 -3.33 30.67
CA VAL D 5 6.60 -4.45 29.92
C VAL D 5 6.53 -4.15 28.42
N ILE D 6 6.47 -5.20 27.61
CA ILE D 6 6.39 -5.07 26.15
C ILE D 6 4.93 -5.23 25.75
N THR D 7 4.33 -4.16 25.25
CA THR D 7 2.92 -4.19 24.86
C THR D 7 2.69 -4.11 23.36
N GLY D 8 3.72 -4.37 22.58
CA GLY D 8 3.57 -4.32 21.13
C GLY D 8 4.89 -4.59 20.46
N LEU D 9 4.83 -5.10 19.23
CA LEU D 9 6.03 -5.40 18.48
C LEU D 9 5.79 -5.33 16.97
N GLY D 10 6.87 -5.10 16.23
CA GLY D 10 6.79 -5.01 14.78
C GLY D 10 8.12 -5.46 14.25
N ILE D 11 8.16 -6.06 13.07
CA ILE D 11 9.42 -6.55 12.55
C ILE D 11 9.47 -6.75 11.04
N VAL D 12 10.67 -6.60 10.49
CA VAL D 12 10.93 -6.76 9.06
C VAL D 12 12.26 -7.50 9.01
N SER D 13 12.23 -8.79 8.68
CA SER D 13 13.46 -9.58 8.65
C SER D 13 13.57 -10.56 7.49
N SER D 14 14.66 -11.33 7.55
CA SER D 14 14.97 -12.33 6.55
C SER D 14 13.90 -13.42 6.51
N ILE D 15 13.30 -13.69 7.65
CA ILE D 15 12.30 -14.73 7.76
C ILE D 15 10.87 -14.23 7.94
N GLY D 16 10.61 -12.97 7.59
CA GLY D 16 9.28 -12.45 7.73
C GLY D 16 9.18 -10.94 7.74
N ASN D 17 8.12 -10.43 7.11
CA ASN D 17 7.88 -8.99 7.01
C ASN D 17 6.91 -8.51 8.06
N ASN D 18 6.47 -9.44 8.90
CA ASN D 18 5.55 -9.14 9.98
C ASN D 18 5.57 -10.27 11.00
N GLN D 19 4.95 -10.01 12.14
CA GLN D 19 4.88 -10.97 13.23
C GLN D 19 4.43 -12.37 12.82
N GLN D 20 3.36 -12.45 12.03
CA GLN D 20 2.82 -13.73 11.59
C GLN D 20 3.80 -14.55 10.77
N GLU D 21 4.37 -13.93 9.74
CA GLU D 21 5.33 -14.62 8.89
C GLU D 21 6.52 -15.11 9.69
N VAL D 22 6.94 -14.30 10.67
CA VAL D 22 8.07 -14.68 11.50
C VAL D 22 7.75 -15.88 12.39
N LEU D 23 6.57 -15.86 13.00
CA LEU D 23 6.15 -16.97 13.86
C LEU D 23 6.19 -18.28 13.09
N ALA D 24 5.59 -18.28 11.91
CA ALA D 24 5.56 -19.47 11.06
C ALA D 24 6.97 -19.91 10.69
N SER D 25 7.80 -18.96 10.26
CA SER D 25 9.17 -19.30 9.90
C SER D 25 9.89 -19.92 11.10
N LEU D 26 9.73 -19.33 12.28
CA LEU D 26 10.36 -19.85 13.48
C LEU D 26 9.94 -21.30 13.74
N ARG D 27 8.64 -21.57 13.66
CA ARG D 27 8.10 -22.90 13.90
C ARG D 27 8.56 -23.96 12.91
N GLU D 28 8.87 -23.53 11.69
CA GLU D 28 9.29 -24.45 10.64
C GLU D 28 10.79 -24.53 10.37
N GLY D 29 11.58 -23.77 11.12
CA GLY D 29 13.02 -23.79 10.89
C GLY D 29 13.35 -23.35 9.47
N ARG D 30 12.56 -22.42 8.96
CA ARG D 30 12.73 -21.89 7.62
C ARG D 30 13.87 -20.88 7.56
N SER D 31 14.81 -21.11 6.65
CA SER D 31 15.95 -20.23 6.45
C SER D 31 15.51 -19.01 5.65
N GLY D 32 16.16 -17.87 5.90
CA GLY D 32 15.83 -16.66 5.17
C GLY D 32 17.02 -16.23 4.34
N ILE D 33 18.01 -17.12 4.23
CA ILE D 33 19.21 -16.82 3.49
C ILE D 33 19.10 -17.20 2.02
N THR D 34 19.46 -16.27 1.14
CA THR D 34 19.40 -16.49 -0.30
C THR D 34 20.74 -16.12 -0.92
N PHE D 35 20.94 -16.53 -2.17
CA PHE D 35 22.16 -16.19 -2.88
C PHE D 35 22.08 -14.70 -3.23
N SER D 36 23.22 -14.02 -3.25
CA SER D 36 23.22 -12.59 -3.57
C SER D 36 24.15 -12.24 -4.72
N GLN D 37 23.57 -11.90 -5.86
CA GLN D 37 24.36 -11.54 -7.03
C GLN D 37 25.15 -10.28 -6.74
N GLU D 38 24.54 -9.37 -6.00
CA GLU D 38 25.20 -8.11 -5.64
C GLU D 38 26.52 -8.33 -4.89
N LEU D 39 26.52 -9.18 -3.87
CA LEU D 39 27.76 -9.41 -3.12
C LEU D 39 28.81 -10.04 -4.02
N LYS D 40 28.38 -10.96 -4.87
CA LYS D 40 29.30 -11.62 -5.78
C LYS D 40 29.86 -10.59 -6.77
N ASP D 41 29.00 -9.73 -7.30
CA ASP D 41 29.43 -8.71 -8.24
C ASP D 41 30.44 -7.76 -7.60
N SER D 42 30.20 -7.37 -6.35
CA SER D 42 31.11 -6.45 -5.65
C SER D 42 32.50 -7.05 -5.46
N GLY D 43 32.65 -8.34 -5.77
CA GLY D 43 33.95 -8.98 -5.64
C GLY D 43 34.25 -9.69 -4.34
N MET D 44 33.22 -9.94 -3.54
CA MET D 44 33.37 -10.62 -2.25
C MET D 44 33.45 -12.14 -2.42
N ARG D 45 33.89 -12.83 -1.37
CA ARG D 45 34.00 -14.28 -1.35
C ARG D 45 32.69 -14.84 -0.82
N SER D 46 32.03 -14.04 0.02
CA SER D 46 30.75 -14.41 0.63
C SER D 46 29.62 -13.92 -0.26
N HIS D 47 28.86 -14.84 -0.85
CA HIS D 47 27.77 -14.48 -1.75
C HIS D 47 26.40 -14.85 -1.19
N VAL D 48 26.24 -14.78 0.12
CA VAL D 48 24.96 -15.11 0.73
C VAL D 48 24.54 -14.04 1.75
N TRP D 49 23.24 -13.83 1.90
CA TRP D 49 22.76 -12.84 2.85
C TRP D 49 21.33 -13.03 3.35
N GLY D 50 21.00 -12.32 4.42
CA GLY D 50 19.66 -12.40 4.98
C GLY D 50 18.93 -11.16 4.51
N ASN D 51 18.41 -11.21 3.29
CA ASN D 51 17.70 -10.06 2.72
C ASN D 51 16.23 -9.93 3.08
N VAL D 52 15.77 -8.69 3.14
CA VAL D 52 14.36 -8.43 3.42
C VAL D 52 13.71 -8.66 2.08
N LYS D 53 12.70 -9.50 2.05
CA LYS D 53 12.01 -9.81 0.80
C LYS D 53 10.68 -9.06 0.81
N LEU D 54 10.78 -7.75 0.57
CA LEU D 54 9.62 -6.89 0.56
C LEU D 54 9.84 -5.69 -0.35
N ASP D 55 8.80 -5.29 -1.07
CA ASP D 55 8.89 -4.13 -1.94
C ASP D 55 8.35 -2.99 -1.09
N THR D 56 9.24 -2.10 -0.65
CA THR D 56 8.86 -0.97 0.20
C THR D 56 8.37 0.25 -0.55
N THR D 57 8.37 0.17 -1.88
CA THR D 57 7.92 1.27 -2.73
C THR D 57 6.52 1.72 -2.32
N GLY D 58 6.38 3.03 -2.08
CA GLY D 58 5.09 3.60 -1.72
C GLY D 58 4.54 3.27 -0.35
N LEU D 59 5.33 2.61 0.49
CA LEU D 59 4.87 2.27 1.83
C LEU D 59 5.01 3.45 2.78
N ILE D 60 5.86 4.40 2.41
CA ILE D 60 6.10 5.58 3.24
C ILE D 60 5.92 6.84 2.40
N ASP D 61 5.34 7.88 3.00
CA ASP D 61 5.13 9.14 2.29
C ASP D 61 6.42 9.66 1.66
N ARG D 62 6.31 10.20 0.45
CA ARG D 62 7.45 10.72 -0.28
C ARG D 62 8.22 11.77 0.51
N LYS D 63 7.50 12.66 1.19
CA LYS D 63 8.13 13.74 1.96
C LYS D 63 8.82 13.23 3.22
N VAL D 64 8.49 12.01 3.63
CA VAL D 64 9.08 11.43 4.82
C VAL D 64 10.22 10.48 4.49
N VAL D 65 10.02 9.61 3.51
CA VAL D 65 11.05 8.65 3.14
C VAL D 65 12.28 9.29 2.48
N ARG D 66 12.11 10.48 1.93
CA ARG D 66 13.21 11.15 1.26
C ARG D 66 14.41 11.40 2.17
N PHE D 67 14.20 11.35 3.49
CA PHE D 67 15.27 11.56 4.46
C PHE D 67 15.88 10.25 4.95
N MET D 68 15.27 9.14 4.57
CA MET D 68 15.70 7.83 5.06
C MET D 68 16.63 6.94 4.25
N SER D 69 17.37 6.12 4.98
CA SER D 69 18.27 5.13 4.42
C SER D 69 17.48 3.84 4.71
N ASP D 70 17.88 2.70 4.14
CA ASP D 70 17.14 1.45 4.38
C ASP D 70 16.98 1.11 5.86
N ALA D 71 18.02 1.35 6.66
CA ALA D 71 17.93 1.05 8.08
C ALA D 71 16.71 1.73 8.69
N SER D 72 16.53 3.00 8.35
CA SER D 72 15.40 3.76 8.87
C SER D 72 14.07 3.28 8.30
N ILE D 73 14.06 2.91 7.03
CA ILE D 73 12.86 2.40 6.37
C ILE D 73 12.34 1.17 7.12
N TYR D 74 13.23 0.19 7.31
CA TYR D 74 12.86 -1.05 8.01
C TYR D 74 12.35 -0.77 9.42
N ALA D 75 13.01 0.12 10.13
CA ALA D 75 12.62 0.46 11.49
C ALA D 75 11.29 1.22 11.50
N PHE D 76 11.03 1.99 10.45
CA PHE D 76 9.79 2.75 10.35
C PHE D 76 8.61 1.78 10.24
N LEU D 77 8.70 0.88 9.26
CA LEU D 77 7.64 -0.11 9.04
C LEU D 77 7.44 -0.95 10.30
N SER D 78 8.54 -1.26 10.99
CA SER D 78 8.49 -2.06 12.22
C SER D 78 7.74 -1.33 13.33
N MET D 79 8.03 -0.05 13.48
CA MET D 79 7.38 0.77 14.50
C MET D 79 5.90 0.89 14.18
N GLU D 80 5.63 1.01 12.89
CA GLU D 80 4.26 1.13 12.39
C GLU D 80 3.48 -0.12 12.81
N GLN D 81 4.08 -1.29 12.62
CA GLN D 81 3.45 -2.55 13.01
C GLN D 81 3.28 -2.55 14.51
N ALA D 82 4.34 -2.17 15.22
CA ALA D 82 4.33 -2.13 16.68
C ALA D 82 3.24 -1.20 17.23
N ILE D 83 3.02 -0.07 16.58
CA ILE D 83 2.00 0.87 17.03
C ILE D 83 0.62 0.20 16.87
N ALA D 84 0.42 -0.43 15.73
CA ALA D 84 -0.84 -1.11 15.46
C ALA D 84 -1.03 -2.26 16.46
N ASP D 85 0.04 -2.99 16.72
CA ASP D 85 0.00 -4.14 17.63
C ASP D 85 -0.30 -3.75 19.07
N ALA D 86 0.20 -2.60 19.49
CA ALA D 86 0.00 -2.10 20.86
C ALA D 86 -1.34 -1.38 21.03
N GLY D 87 -2.06 -1.20 19.94
CA GLY D 87 -3.34 -0.52 19.98
C GLY D 87 -3.24 0.95 20.35
N LEU D 88 -2.18 1.59 19.90
CA LEU D 88 -1.96 3.00 20.19
C LEU D 88 -2.52 3.88 19.07
N SER D 89 -3.44 4.76 19.42
CA SER D 89 -4.02 5.66 18.44
C SER D 89 -3.08 6.86 18.39
N PRO D 90 -3.13 7.63 17.29
CA PRO D 90 -2.24 8.80 17.20
C PRO D 90 -2.33 9.68 18.44
N GLU D 91 -3.56 9.90 18.91
CA GLU D 91 -3.80 10.75 20.08
C GLU D 91 -3.15 10.19 21.35
N ALA D 92 -2.81 8.90 21.32
CA ALA D 92 -2.23 8.25 22.48
C ALA D 92 -0.70 8.40 22.63
N TYR D 93 0.02 8.44 21.52
CA TYR D 93 1.47 8.55 21.59
C TYR D 93 2.10 9.81 20.99
N GLN D 94 1.37 10.47 20.10
CA GLN D 94 1.89 11.68 19.46
C GLN D 94 1.83 12.92 20.33
N ASN D 95 2.75 13.86 20.07
CA ASN D 95 2.81 15.12 20.82
C ASN D 95 2.71 14.90 22.33
N ASN D 96 3.23 13.77 22.79
CA ASN D 96 3.20 13.43 24.21
C ASN D 96 4.63 13.41 24.74
N PRO D 97 4.97 14.37 25.61
CA PRO D 97 6.33 14.42 26.16
C PRO D 97 6.70 13.19 27.00
N ARG D 98 5.71 12.34 27.27
CA ARG D 98 5.94 11.12 28.07
C ARG D 98 6.21 9.93 27.15
N VAL D 99 6.15 10.15 25.84
CA VAL D 99 6.39 9.10 24.86
C VAL D 99 7.73 9.32 24.19
N GLY D 100 8.60 8.32 24.21
CA GLY D 100 9.92 8.45 23.61
C GLY D 100 10.31 7.42 22.57
N LEU D 101 11.52 7.56 22.05
CA LEU D 101 12.03 6.65 21.02
C LEU D 101 13.55 6.51 21.10
N ILE D 102 14.00 5.27 21.25
CA ILE D 102 15.42 4.97 21.31
C ILE D 102 15.66 3.79 20.39
N ALA D 103 16.23 4.08 19.23
CA ALA D 103 16.50 3.06 18.23
C ALA D 103 17.75 3.47 17.47
N GLY D 104 18.56 2.50 17.08
CA GLY D 104 19.77 2.80 16.35
C GLY D 104 20.14 1.74 15.34
N SER D 105 21.32 1.88 14.76
CA SER D 105 21.81 0.92 13.78
C SER D 105 23.28 0.71 14.08
N GLY D 106 23.86 -0.36 13.52
CA GLY D 106 25.26 -0.63 13.75
C GLY D 106 26.20 0.19 12.89
N GLY D 107 25.80 0.50 11.67
CA GLY D 107 26.67 1.27 10.81
C GLY D 107 26.05 2.48 10.14
N GLY D 108 24.89 2.91 10.61
CA GLY D 108 24.23 4.05 10.00
C GLY D 108 23.84 3.68 8.58
N SER D 109 24.52 4.29 7.61
CA SER D 109 24.26 4.02 6.20
C SER D 109 25.52 4.12 5.37
N PRO D 110 26.33 3.05 5.37
CA PRO D 110 27.57 3.07 4.58
C PRO D 110 27.26 3.39 3.11
N ARG D 111 26.15 2.86 2.62
CA ARG D 111 25.76 3.09 1.24
C ARG D 111 25.64 4.56 0.90
N PHE D 112 24.93 5.32 1.72
CA PHE D 112 24.78 6.73 1.42
C PHE D 112 26.02 7.54 1.74
N GLN D 113 26.85 7.05 2.65
CA GLN D 113 28.10 7.73 2.98
C GLN D 113 28.95 7.64 1.71
N VAL D 114 28.94 6.47 1.09
CA VAL D 114 29.69 6.25 -0.14
C VAL D 114 29.04 7.00 -1.30
N PHE D 115 27.70 7.04 -1.33
CA PHE D 115 27.00 7.76 -2.39
C PHE D 115 27.43 9.23 -2.40
N GLY D 116 27.44 9.85 -1.23
CA GLY D 116 27.82 11.25 -1.13
C GLY D 116 29.20 11.54 -1.68
N ALA D 117 30.17 10.72 -1.32
CA ALA D 117 31.55 10.88 -1.79
C ALA D 117 31.64 10.65 -3.29
N ASP D 118 30.91 9.65 -3.78
CA ASP D 118 30.91 9.36 -5.22
C ASP D 118 30.29 10.53 -5.97
N ALA D 119 29.17 11.01 -5.47
CA ALA D 119 28.46 12.13 -6.10
C ALA D 119 29.34 13.36 -6.18
N MET D 120 29.94 13.72 -5.04
CA MET D 120 30.80 14.89 -4.95
C MET D 120 31.97 14.88 -5.92
N ARG D 121 32.50 13.68 -6.20
CA ARG D 121 33.63 13.52 -7.10
C ARG D 121 33.20 13.45 -8.56
N GLY D 122 31.90 13.58 -8.78
CA GLY D 122 31.34 13.53 -10.13
C GLY D 122 31.11 14.91 -10.74
N PRO D 123 30.65 14.96 -12.00
CA PRO D 123 30.39 16.20 -12.73
C PRO D 123 29.33 17.14 -12.15
N ARG D 124 28.50 16.65 -11.23
CA ARG D 124 27.46 17.49 -10.65
C ARG D 124 27.78 17.93 -9.21
N GLY D 125 28.81 17.31 -8.62
CA GLY D 125 29.21 17.64 -7.27
C GLY D 125 28.04 17.79 -6.32
N LEU D 126 27.99 18.91 -5.61
CA LEU D 126 26.93 19.19 -4.66
C LEU D 126 25.53 18.88 -5.21
N LYS D 127 25.29 19.19 -6.48
CA LYS D 127 23.98 18.93 -7.09
C LYS D 127 23.60 17.46 -6.95
N ALA D 128 24.53 16.57 -7.31
CA ALA D 128 24.30 15.13 -7.24
C ALA D 128 24.12 14.66 -5.80
N VAL D 129 24.96 15.17 -4.90
CA VAL D 129 24.88 14.78 -3.49
C VAL D 129 23.48 14.97 -2.96
N GLY D 130 22.92 16.16 -3.20
CA GLY D 130 21.57 16.44 -2.73
C GLY D 130 21.53 16.86 -1.28
N PRO D 131 20.39 17.39 -0.82
CA PRO D 131 20.19 17.85 0.55
C PRO D 131 19.68 16.78 1.51
N TYR D 132 19.76 15.51 1.13
CA TYR D 132 19.25 14.46 2.00
C TYR D 132 20.26 13.40 2.47
N VAL D 133 21.53 13.58 2.15
CA VAL D 133 22.51 12.58 2.57
C VAL D 133 22.80 12.56 4.07
N VAL D 134 22.83 13.73 4.70
CA VAL D 134 23.12 13.79 6.13
C VAL D 134 22.16 12.95 6.98
N THR D 135 20.86 13.17 6.83
CA THR D 135 19.88 12.43 7.62
C THR D 135 19.92 10.94 7.33
N LYS D 136 20.37 10.57 6.13
CA LYS D 136 20.44 9.16 5.75
C LYS D 136 21.72 8.51 6.25
N ALA D 137 22.80 9.28 6.27
CA ALA D 137 24.10 8.77 6.69
C ALA D 137 24.46 8.90 8.17
N MET D 138 23.98 9.95 8.85
CA MET D 138 24.30 10.13 10.26
C MET D 138 23.92 8.90 11.08
N ALA D 139 24.72 8.59 12.08
CA ALA D 139 24.51 7.43 12.93
C ALA D 139 23.12 7.38 13.56
N SER D 140 22.59 8.53 13.92
CA SER D 140 21.29 8.61 14.57
C SER D 140 20.14 8.60 13.56
N GLY D 141 20.45 8.24 12.33
CA GLY D 141 19.43 8.21 11.28
C GLY D 141 18.14 7.51 11.68
N VAL D 142 18.27 6.29 12.18
CA VAL D 142 17.12 5.49 12.59
C VAL D 142 16.20 6.18 13.59
N SER D 143 16.76 6.88 14.57
CA SER D 143 15.86 7.53 15.52
C SER D 143 15.31 8.85 14.98
N ALA D 144 16.15 9.63 14.33
CA ALA D 144 15.74 10.92 13.78
C ALA D 144 14.66 10.78 12.71
N CYS D 145 14.82 9.81 11.81
CA CYS D 145 13.84 9.60 10.74
C CYS D 145 12.51 9.05 11.21
N LEU D 146 12.45 8.58 12.46
CA LEU D 146 11.22 8.03 13.02
C LEU D 146 10.58 8.99 14.01
N ALA D 147 11.39 9.55 14.90
CA ALA D 147 10.90 10.49 15.91
C ALA D 147 10.15 11.68 15.30
N THR D 148 10.63 12.15 14.15
CA THR D 148 10.02 13.31 13.49
C THR D 148 8.63 13.01 12.90
N PRO D 149 8.53 12.03 11.98
CA PRO D 149 7.19 11.75 11.43
C PRO D 149 6.18 11.21 12.44
N PHE D 150 6.65 10.41 13.39
CA PHE D 150 5.76 9.84 14.41
C PHE D 150 5.42 10.84 15.53
N LYS D 151 5.87 12.08 15.37
CA LYS D 151 5.60 13.15 16.32
C LYS D 151 5.97 12.84 17.76
N ILE D 152 7.12 12.22 18.00
CA ILE D 152 7.53 11.92 19.37
C ILE D 152 8.03 13.19 20.06
N HIS D 153 7.65 13.38 21.31
CA HIS D 153 8.08 14.56 22.05
C HIS D 153 9.00 14.22 23.22
N GLY D 154 9.10 12.94 23.55
CA GLY D 154 9.94 12.51 24.64
C GLY D 154 11.41 12.38 24.28
N VAL D 155 12.07 11.39 24.85
CA VAL D 155 13.49 11.18 24.54
C VAL D 155 13.62 10.80 23.07
N ASN D 156 14.72 11.21 22.45
CA ASN D 156 14.95 10.91 21.06
C ASN D 156 16.45 10.88 20.73
N TYR D 157 16.96 9.66 20.58
CA TYR D 157 18.35 9.42 20.23
C TYR D 157 18.57 7.95 19.93
N SER D 158 19.77 7.63 19.47
CA SER D 158 20.09 6.25 19.12
C SER D 158 21.23 5.73 19.97
N ILE D 159 21.14 4.47 20.36
CA ILE D 159 22.23 3.85 21.10
C ILE D 159 22.89 3.08 19.95
N SER D 160 24.20 2.92 20.02
CA SER D 160 24.89 2.15 18.98
C SER D 160 26.04 1.42 19.63
N SER D 161 26.05 0.11 19.44
CA SER D 161 27.07 -0.74 20.02
C SER D 161 27.19 -1.97 19.16
N ALA D 162 27.44 -1.74 17.88
CA ALA D 162 27.59 -2.82 16.92
C ALA D 162 26.47 -3.85 17.04
N CYS D 163 26.85 -5.12 17.16
CA CYS D 163 25.89 -6.20 17.25
C CYS D 163 25.02 -6.21 18.50
N ALA D 164 25.28 -5.30 19.43
CA ALA D 164 24.49 -5.24 20.66
C ALA D 164 23.55 -4.03 20.60
N THR D 165 23.75 -3.20 19.58
CA THR D 165 22.99 -1.98 19.35
C THR D 165 21.52 -1.94 19.82
N SER D 166 20.62 -2.65 19.13
CA SER D 166 19.22 -2.59 19.51
C SER D 166 18.82 -3.26 20.83
N ALA D 167 19.75 -3.98 21.44
CA ALA D 167 19.44 -4.61 22.72
C ALA D 167 19.65 -3.54 23.79
N HIS D 168 20.71 -2.74 23.60
CA HIS D 168 20.99 -1.67 24.53
C HIS D 168 19.88 -0.62 24.44
N CYS D 169 19.29 -0.47 23.26
CA CYS D 169 18.20 0.48 23.06
C CYS D 169 17.01 0.07 23.94
N ILE D 170 16.68 -1.22 23.92
CA ILE D 170 15.56 -1.73 24.71
C ILE D 170 15.82 -1.55 26.21
N GLY D 171 17.03 -1.88 26.64
CA GLY D 171 17.37 -1.76 28.05
C GLY D 171 17.41 -0.31 28.50
N ASN D 172 17.87 0.56 27.61
CA ASN D 172 17.94 1.98 27.94
C ASN D 172 16.52 2.52 28.00
N ALA D 173 15.63 1.91 27.23
CA ALA D 173 14.22 2.31 27.23
C ALA D 173 13.65 1.92 28.58
N VAL D 174 14.01 0.72 29.05
CA VAL D 174 13.55 0.21 30.34
C VAL D 174 13.97 1.18 31.43
N GLU D 175 15.20 1.66 31.36
CA GLU D 175 15.72 2.61 32.33
C GLU D 175 14.89 3.90 32.36
N GLN D 176 14.51 4.41 31.19
CA GLN D 176 13.72 5.63 31.14
C GLN D 176 12.44 5.44 31.96
N ILE D 177 11.88 4.23 31.88
CA ILE D 177 10.66 3.91 32.60
C ILE D 177 10.91 3.75 34.10
N GLN D 178 12.00 3.09 34.47
CA GLN D 178 12.32 2.89 35.89
C GLN D 178 12.55 4.24 36.55
N LEU D 179 13.17 5.15 35.81
CA LEU D 179 13.44 6.50 36.31
C LEU D 179 12.16 7.31 36.39
N GLY D 180 11.13 6.85 35.68
CA GLY D 180 9.85 7.54 35.69
C GLY D 180 9.81 8.74 34.74
N LYS D 181 10.71 8.77 33.77
CA LYS D 181 10.76 9.88 32.83
C LYS D 181 9.81 9.67 31.66
N GLN D 182 9.59 8.41 31.30
CA GLN D 182 8.71 8.09 30.18
C GLN D 182 7.72 6.99 30.58
N ASP D 183 6.55 7.00 29.96
CA ASP D 183 5.54 5.98 30.21
C ASP D 183 5.60 4.99 29.06
N ILE D 184 6.05 5.48 27.91
CA ILE D 184 6.18 4.67 26.72
C ILE D 184 7.43 5.08 25.93
N VAL D 185 8.20 4.09 25.51
CA VAL D 185 9.39 4.32 24.71
C VAL D 185 9.50 3.25 23.66
N PHE D 186 9.45 3.65 22.39
CA PHE D 186 9.58 2.69 21.30
C PHE D 186 11.07 2.38 21.18
N ALA D 187 11.42 1.12 21.42
CA ALA D 187 12.81 0.71 21.36
C ALA D 187 13.06 -0.30 20.24
N GLY D 188 14.23 -0.20 19.62
CA GLY D 188 14.58 -1.10 18.54
C GLY D 188 15.70 -0.61 17.65
N GLY D 189 15.58 -0.86 16.36
CA GLY D 189 16.60 -0.43 15.43
C GLY D 189 16.45 -1.01 14.04
N GLY D 190 17.42 -0.70 13.18
CA GLY D 190 17.40 -1.21 11.83
C GLY D 190 18.81 -1.28 11.29
N GLU D 191 18.97 -1.93 10.13
CA GLU D 191 20.28 -2.07 9.50
C GLU D 191 20.07 -2.37 8.03
N GLU D 192 20.85 -1.71 7.17
CA GLU D 192 20.73 -1.93 5.73
C GLU D 192 21.59 -3.12 5.34
N LEU D 193 21.32 -3.65 4.15
CA LEU D 193 22.06 -4.77 3.61
C LEU D 193 22.70 -4.25 2.33
N CYS D 194 24.02 -4.27 2.27
CA CYS D 194 24.73 -3.74 1.12
C CYS D 194 26.18 -4.21 1.05
N TRP D 195 26.71 -4.28 -0.17
CA TRP D 195 28.08 -4.72 -0.34
C TRP D 195 29.05 -3.72 0.28
N GLU D 196 28.69 -2.43 0.28
CA GLU D 196 29.54 -1.40 0.86
C GLU D 196 30.00 -1.79 2.27
N MET D 197 29.07 -2.26 3.09
CA MET D 197 29.37 -2.67 4.45
C MET D 197 29.80 -4.14 4.54
N ALA D 198 29.17 -4.98 3.72
CA ALA D 198 29.47 -6.41 3.73
C ALA D 198 30.92 -6.74 3.36
N CYS D 199 31.49 -6.01 2.40
CA CYS D 199 32.85 -6.29 1.98
C CYS D 199 33.84 -6.08 3.11
N GLU D 200 33.53 -5.13 3.99
CA GLU D 200 34.39 -4.82 5.12
C GLU D 200 34.48 -6.00 6.09
N PHE D 201 33.39 -6.74 6.24
CA PHE D 201 33.36 -7.89 7.13
C PHE D 201 34.05 -9.07 6.46
N ASP D 202 33.85 -9.18 5.15
CA ASP D 202 34.47 -10.26 4.39
C ASP D 202 35.97 -10.00 4.39
N ALA D 203 36.33 -8.72 4.36
CA ALA D 203 37.71 -8.31 4.36
C ALA D 203 38.46 -8.75 5.62
N MET D 204 37.73 -9.01 6.70
CA MET D 204 38.37 -9.47 7.93
C MET D 204 38.10 -10.94 8.18
N GLY D 205 37.54 -11.60 7.17
CA GLY D 205 37.23 -13.02 7.25
C GLY D 205 36.11 -13.40 8.19
N ALA D 206 35.20 -12.47 8.47
CA ALA D 206 34.10 -12.73 9.40
C ALA D 206 32.90 -13.45 8.80
N LEU D 207 32.75 -13.39 7.48
CA LEU D 207 31.61 -14.01 6.81
C LEU D 207 31.83 -15.41 6.23
N SER D 208 30.73 -16.15 6.10
CA SER D 208 30.76 -17.49 5.54
C SER D 208 31.10 -17.37 4.04
N THR D 209 31.95 -18.27 3.55
CA THR D 209 32.34 -18.24 2.14
C THR D 209 32.36 -19.63 1.49
N LYS D 210 32.24 -20.68 2.29
CA LYS D 210 32.31 -22.03 1.75
C LYS D 210 30.98 -22.69 1.35
N TYR D 211 29.86 -22.00 1.54
CA TYR D 211 28.57 -22.59 1.21
C TYR D 211 27.70 -21.79 0.24
N ASN D 212 28.32 -21.01 -0.64
CA ASN D 212 27.57 -20.20 -1.58
C ASN D 212 26.61 -21.03 -2.43
N ASP D 213 27.06 -22.21 -2.86
CA ASP D 213 26.25 -23.09 -3.68
C ASP D 213 24.97 -23.51 -2.94
N THR D 214 25.05 -23.51 -1.61
CA THR D 214 23.90 -23.88 -0.79
C THR D 214 23.68 -22.81 0.27
N PRO D 215 23.17 -21.64 -0.14
CA PRO D 215 22.90 -20.50 0.74
C PRO D 215 22.20 -20.81 2.07
N GLU D 216 21.22 -21.70 2.03
CA GLU D 216 20.46 -22.03 3.23
C GLU D 216 21.17 -22.86 4.31
N LYS D 217 22.41 -23.24 4.05
CA LYS D 217 23.18 -24.02 5.01
C LYS D 217 24.44 -23.28 5.44
N ALA D 218 24.62 -22.07 4.94
CA ALA D 218 25.78 -21.25 5.26
C ALA D 218 25.83 -20.91 6.75
N SER D 219 24.74 -20.36 7.26
CA SER D 219 24.64 -19.98 8.67
C SER D 219 24.34 -21.25 9.47
N ARG D 220 25.31 -21.70 10.25
CA ARG D 220 25.15 -22.94 11.01
C ARG D 220 25.79 -22.93 12.40
N THR D 221 25.24 -22.10 13.27
CA THR D 221 25.73 -21.94 14.64
C THR D 221 25.92 -23.27 15.38
N TYR D 222 27.12 -23.47 15.90
CA TYR D 222 27.51 -24.67 16.67
C TYR D 222 27.90 -25.86 15.81
N ASP D 223 27.60 -25.82 14.52
CA ASP D 223 27.97 -26.93 13.65
C ASP D 223 29.48 -26.96 13.55
N ALA D 224 30.04 -28.16 13.44
CA ALA D 224 31.48 -28.33 13.37
C ALA D 224 32.15 -27.69 12.16
N HIS D 225 31.38 -27.43 11.11
CA HIS D 225 31.95 -26.84 9.90
C HIS D 225 31.49 -25.41 9.60
N ARG D 226 31.19 -24.65 10.65
CA ARG D 226 30.77 -23.27 10.47
C ARG D 226 32.00 -22.49 10.02
N ASP D 227 31.82 -21.48 9.17
CA ASP D 227 32.97 -20.70 8.69
C ASP D 227 32.70 -19.20 8.64
N GLY D 228 31.92 -18.69 9.58
CA GLY D 228 31.61 -17.27 9.59
C GLY D 228 30.12 -16.99 9.53
N PHE D 229 29.71 -15.79 9.93
CA PHE D 229 28.30 -15.47 9.91
C PHE D 229 27.80 -15.02 8.55
N VAL D 230 26.49 -15.04 8.38
CA VAL D 230 25.87 -14.62 7.14
C VAL D 230 25.22 -13.26 7.41
N ILE D 231 25.74 -12.23 6.77
CA ILE D 231 25.24 -10.89 6.97
C ILE D 231 23.77 -10.76 6.55
N ALA D 232 23.03 -9.94 7.28
CA ALA D 232 21.62 -9.74 7.00
C ALA D 232 21.19 -8.31 7.30
N GLY D 233 20.02 -7.95 6.81
CA GLY D 233 19.50 -6.62 7.04
C GLY D 233 18.07 -6.70 7.53
N GLY D 234 17.52 -5.58 7.96
CA GLY D 234 16.16 -5.59 8.45
C GLY D 234 15.98 -4.65 9.61
N GLY D 235 14.82 -4.72 10.26
CA GLY D 235 14.55 -3.85 11.39
C GLY D 235 13.60 -4.49 12.39
N GLY D 236 13.41 -3.82 13.52
CA GLY D 236 12.53 -4.34 14.55
C GLY D 236 12.27 -3.22 15.53
N MET D 237 11.16 -3.31 16.25
CA MET D 237 10.80 -2.28 17.21
C MET D 237 9.80 -2.90 18.19
N VAL D 238 9.90 -2.52 19.46
CA VAL D 238 8.99 -3.03 20.47
C VAL D 238 8.49 -1.85 21.28
N VAL D 239 7.35 -2.02 21.95
CA VAL D 239 6.79 -0.95 22.76
C VAL D 239 7.06 -1.20 24.24
N VAL D 240 8.06 -0.50 24.77
CA VAL D 240 8.41 -0.61 26.17
C VAL D 240 7.48 0.37 26.87
N GLU D 241 6.71 -0.14 27.84
CA GLU D 241 5.73 0.69 28.55
C GLU D 241 5.71 0.43 30.05
N GLU D 242 5.42 1.48 30.83
CA GLU D 242 5.34 1.36 32.27
C GLU D 242 4.14 0.49 32.60
N LEU D 243 4.33 -0.48 33.48
CA LEU D 243 3.30 -1.43 33.88
C LEU D 243 1.88 -0.88 34.16
N GLU D 244 1.76 0.01 35.14
CA GLU D 244 0.46 0.57 35.48
C GLU D 244 -0.24 1.21 34.27
N HIS D 245 0.54 1.98 33.51
CA HIS D 245 0.04 2.66 32.32
C HIS D 245 -0.49 1.66 31.29
N ALA D 246 0.23 0.55 31.13
CA ALA D 246 -0.17 -0.48 30.18
C ALA D 246 -1.46 -1.18 30.64
N LEU D 247 -1.60 -1.38 31.93
CA LEU D 247 -2.79 -2.02 32.48
C LEU D 247 -3.98 -1.07 32.39
N ALA D 248 -3.75 0.18 32.80
CA ALA D 248 -4.78 1.21 32.79
C ALA D 248 -5.46 1.37 31.43
N ARG D 249 -4.77 1.05 30.35
CA ARG D 249 -5.35 1.19 29.02
C ARG D 249 -5.73 -0.14 28.37
N GLY D 250 -5.80 -1.19 29.17
CA GLY D 250 -6.17 -2.50 28.66
C GLY D 250 -5.29 -3.04 27.54
N ALA D 251 -3.99 -2.78 27.65
CA ALA D 251 -3.04 -3.23 26.64
C ALA D 251 -2.70 -4.72 26.77
N HIS D 252 -2.37 -5.33 25.65
CA HIS D 252 -1.98 -6.73 25.64
C HIS D 252 -0.50 -6.76 26.01
N ILE D 253 -0.18 -7.37 27.14
CA ILE D 253 1.20 -7.44 27.61
C ILE D 253 1.88 -8.75 27.26
N TYR D 254 2.88 -8.69 26.40
CA TYR D 254 3.63 -9.88 26.00
C TYR D 254 4.41 -10.40 27.20
N ALA D 255 5.24 -9.53 27.78
CA ALA D 255 6.04 -9.89 28.93
C ALA D 255 6.61 -8.67 29.63
N GLU D 256 7.26 -8.90 30.76
CA GLU D 256 7.89 -7.85 31.54
C GLU D 256 9.40 -8.02 31.41
N ILE D 257 10.10 -6.90 31.23
CA ILE D 257 11.55 -6.95 31.13
C ILE D 257 12.02 -6.95 32.57
N VAL D 258 12.29 -8.14 33.11
CA VAL D 258 12.73 -8.28 34.49
C VAL D 258 14.23 -8.20 34.69
N GLY D 259 14.98 -8.23 33.60
CA GLY D 259 16.43 -8.15 33.72
C GLY D 259 17.10 -7.53 32.51
N TYR D 260 18.13 -6.73 32.78
CA TYR D 260 18.89 -6.06 31.74
C TYR D 260 20.37 -5.90 32.13
N GLY D 261 21.23 -6.66 31.46
CA GLY D 261 22.65 -6.57 31.74
C GLY D 261 23.38 -5.81 30.65
N ALA D 262 24.38 -5.03 31.04
CA ALA D 262 25.17 -4.24 30.11
C ALA D 262 26.59 -4.18 30.64
N THR D 263 27.49 -4.92 30.01
CA THR D 263 28.87 -4.95 30.47
C THR D 263 29.88 -4.76 29.33
N SER D 264 31.15 -4.69 29.71
CA SER D 264 32.23 -4.50 28.76
C SER D 264 33.35 -5.51 29.01
N ASP D 265 33.99 -6.01 27.95
CA ASP D 265 35.07 -6.97 28.12
C ASP D 265 36.39 -6.32 28.54
N GLY D 266 36.72 -5.19 27.91
CA GLY D 266 37.96 -4.51 28.22
C GLY D 266 39.14 -5.38 27.85
N ALA D 267 39.02 -6.09 26.73
CA ALA D 267 40.08 -7.00 26.29
C ALA D 267 40.41 -6.90 24.81
N ASP D 268 39.62 -7.57 23.96
CA ASP D 268 39.85 -7.57 22.51
C ASP D 268 38.79 -6.82 21.70
N MET D 269 39.22 -6.25 20.57
CA MET D 269 38.33 -5.47 19.70
C MET D 269 37.31 -6.26 18.88
N VAL D 270 37.71 -7.43 18.41
CA VAL D 270 36.81 -8.23 17.57
C VAL D 270 36.54 -9.65 18.08
N ALA D 271 37.20 -10.02 19.17
CA ALA D 271 37.01 -11.35 19.76
C ALA D 271 36.48 -11.19 21.19
N PRO D 272 35.46 -11.98 21.57
CA PRO D 272 34.89 -11.91 22.92
C PRO D 272 35.79 -12.60 23.93
N SER D 273 35.84 -12.07 25.15
CA SER D 273 36.66 -12.63 26.22
C SER D 273 35.95 -13.78 26.94
N GLY D 274 34.62 -13.73 26.91
CA GLY D 274 33.83 -14.76 27.57
C GLY D 274 33.40 -14.24 28.92
N GLU D 275 34.36 -13.71 29.67
CA GLU D 275 34.12 -13.18 31.00
C GLU D 275 33.04 -12.10 30.99
N GLY D 276 33.08 -11.22 30.00
CA GLY D 276 32.09 -10.17 29.89
C GLY D 276 30.68 -10.72 29.71
N ALA D 277 30.59 -11.80 28.93
CA ALA D 277 29.33 -12.46 28.66
C ALA D 277 28.80 -13.01 29.98
N VAL D 278 29.71 -13.58 30.75
CA VAL D 278 29.35 -14.16 32.05
C VAL D 278 28.79 -13.08 32.96
N ARG D 279 29.54 -11.98 33.11
CA ARG D 279 29.13 -10.89 33.97
C ARG D 279 27.84 -10.23 33.51
N CYS D 280 27.66 -10.16 32.19
CA CYS D 280 26.46 -9.54 31.63
C CYS D 280 25.21 -10.40 31.92
N MET D 281 25.30 -11.70 31.66
CA MET D 281 24.16 -12.57 31.93
C MET D 281 23.78 -12.60 33.41
N LYS D 282 24.80 -12.64 34.27
CA LYS D 282 24.56 -12.65 35.71
C LYS D 282 23.90 -11.36 36.16
N MET D 283 24.31 -10.24 35.56
CA MET D 283 23.75 -8.94 35.92
C MET D 283 22.27 -8.89 35.53
N ALA D 284 21.93 -9.54 34.42
CA ALA D 284 20.56 -9.57 33.94
C ALA D 284 19.69 -10.52 34.76
N MET D 285 20.31 -11.53 35.35
CA MET D 285 19.59 -12.53 36.13
C MET D 285 19.36 -12.14 37.59
N HIS D 286 20.15 -11.18 38.07
CA HIS D 286 20.04 -10.72 39.45
C HIS D 286 18.64 -10.28 39.83
N GLY D 287 18.09 -10.91 40.87
CA GLY D 287 16.75 -10.56 41.34
C GLY D 287 15.63 -11.39 40.73
N VAL D 288 15.95 -12.12 39.65
CA VAL D 288 14.97 -12.95 38.97
C VAL D 288 14.80 -14.27 39.73
N ASP D 289 13.67 -14.41 40.42
CA ASP D 289 13.40 -15.61 41.22
C ASP D 289 12.96 -16.86 40.46
N THR D 290 12.89 -16.78 39.14
CA THR D 290 12.50 -17.95 38.35
C THR D 290 13.68 -18.38 37.48
N PRO D 291 13.71 -19.65 37.08
CA PRO D 291 14.79 -20.15 36.25
C PRO D 291 14.63 -19.71 34.80
N ILE D 292 15.74 -19.64 34.07
CA ILE D 292 15.69 -19.26 32.67
C ILE D 292 15.26 -20.49 31.87
N ASP D 293 14.07 -20.44 31.29
CA ASP D 293 13.53 -21.55 30.52
C ASP D 293 14.16 -21.69 29.14
N TYR D 294 14.31 -20.58 28.43
CA TYR D 294 14.89 -20.58 27.08
C TYR D 294 15.90 -19.48 26.93
N LEU D 295 16.95 -19.75 26.16
CA LEU D 295 17.99 -18.76 25.94
C LEU D 295 18.28 -18.59 24.45
N ASN D 296 17.92 -17.42 23.92
CA ASN D 296 18.18 -17.13 22.52
C ASN D 296 19.60 -16.57 22.52
N SER D 297 20.54 -17.38 22.04
CA SER D 297 21.94 -17.02 22.04
C SER D 297 22.35 -16.06 20.94
N HIS D 298 23.52 -15.47 21.13
CA HIS D 298 24.09 -14.53 20.17
C HIS D 298 24.50 -15.33 18.92
N GLY D 299 25.00 -16.54 19.17
CA GLY D 299 25.42 -17.49 18.14
C GLY D 299 25.41 -17.06 16.68
N THR D 300 26.49 -16.44 16.23
CA THR D 300 26.58 -15.96 14.86
C THR D 300 27.06 -17.00 13.84
N SER D 301 27.48 -18.16 14.32
CA SER D 301 27.98 -19.24 13.47
C SER D 301 29.45 -18.99 13.13
N THR D 302 30.17 -18.45 14.11
CA THR D 302 31.59 -18.18 13.95
C THR D 302 32.37 -19.22 14.74
N PRO D 303 33.56 -19.62 14.24
CA PRO D 303 34.39 -20.62 14.91
C PRO D 303 34.64 -20.36 16.40
N VAL D 304 35.23 -19.21 16.71
CA VAL D 304 35.54 -18.86 18.08
C VAL D 304 34.37 -18.32 18.89
N GLY D 305 33.68 -17.31 18.36
CA GLY D 305 32.56 -16.72 19.08
C GLY D 305 31.54 -17.72 19.61
N ASP D 306 31.11 -18.63 18.75
CA ASP D 306 30.12 -19.64 19.11
C ASP D 306 30.42 -20.39 20.41
N VAL D 307 31.61 -20.96 20.51
CA VAL D 307 31.98 -21.72 21.71
C VAL D 307 32.39 -20.83 22.88
N LYS D 308 32.77 -19.60 22.58
CA LYS D 308 33.16 -18.66 23.63
C LYS D 308 31.90 -18.37 24.46
N GLU D 309 30.78 -18.19 23.78
CA GLU D 309 29.51 -17.92 24.44
C GLU D 309 29.00 -19.17 25.15
N LEU D 310 29.20 -20.33 24.53
CA LEU D 310 28.76 -21.59 25.15
C LEU D 310 29.48 -21.77 26.50
N ALA D 311 30.76 -21.43 26.52
CA ALA D 311 31.55 -21.55 27.75
C ALA D 311 31.03 -20.61 28.83
N ALA D 312 30.64 -19.40 28.42
CA ALA D 312 30.11 -18.43 29.36
C ALA D 312 28.78 -18.93 29.91
N ILE D 313 27.96 -19.51 29.03
CA ILE D 313 26.68 -20.04 29.43
C ILE D 313 26.89 -21.17 30.43
N ARG D 314 27.80 -22.07 30.11
CA ARG D 314 28.09 -23.20 30.99
C ARG D 314 28.53 -22.69 32.36
N GLU D 315 29.33 -21.62 32.36
CA GLU D 315 29.82 -21.02 33.60
C GLU D 315 28.67 -20.40 34.39
N VAL D 316 27.72 -19.80 33.69
CA VAL D 316 26.57 -19.18 34.35
C VAL D 316 25.52 -20.17 34.87
N PHE D 317 25.17 -21.17 34.06
CA PHE D 317 24.15 -22.12 34.50
C PHE D 317 24.69 -23.46 35.02
N GLY D 318 25.99 -23.65 34.92
CA GLY D 318 26.57 -24.89 35.39
C GLY D 318 25.92 -26.07 34.66
N ASP D 319 25.31 -26.97 35.42
CA ASP D 319 24.68 -28.15 34.84
C ASP D 319 23.17 -28.01 34.62
N LYS D 320 22.63 -26.83 34.90
CA LYS D 320 21.21 -26.59 34.74
C LYS D 320 20.95 -25.64 33.59
N SER D 321 21.45 -26.01 32.42
CA SER D 321 21.31 -25.23 31.20
C SER D 321 19.88 -25.02 30.73
N PRO D 322 19.57 -23.81 30.25
CA PRO D 322 18.21 -23.57 29.76
C PRO D 322 18.20 -24.10 28.32
N ALA D 323 17.04 -24.21 27.70
CA ALA D 323 17.00 -24.67 26.31
C ALA D 323 17.69 -23.60 25.49
N ILE D 324 18.54 -23.99 24.55
CA ILE D 324 19.26 -23.03 23.73
C ILE D 324 19.13 -23.26 22.23
N SER D 325 18.97 -22.17 21.50
CA SER D 325 18.90 -22.23 20.05
C SER D 325 19.35 -20.88 19.53
N ALA D 326 20.12 -20.91 18.44
CA ALA D 326 20.64 -19.71 17.80
C ALA D 326 19.81 -19.48 16.54
N THR D 327 18.88 -18.53 16.60
CA THR D 327 18.03 -18.24 15.45
C THR D 327 18.78 -17.67 14.25
N LYS D 328 20.01 -17.24 14.47
CA LYS D 328 20.81 -16.68 13.38
C LYS D 328 21.08 -17.73 12.29
N ALA D 329 21.07 -19.00 12.68
CA ALA D 329 21.29 -20.08 11.72
C ALA D 329 20.21 -19.98 10.65
N MET D 330 19.07 -19.43 11.06
CA MET D 330 17.92 -19.23 10.18
C MET D 330 17.87 -17.82 9.56
N THR D 331 18.07 -16.82 10.39
CA THR D 331 17.97 -15.43 9.96
C THR D 331 19.22 -14.73 9.45
N GLY D 332 20.38 -15.22 9.82
CA GLY D 332 21.60 -14.54 9.40
C GLY D 332 21.82 -13.46 10.45
N HIS D 333 22.89 -12.68 10.31
CA HIS D 333 23.22 -11.64 11.29
C HIS D 333 22.79 -10.23 10.84
N SER D 334 21.73 -9.70 11.45
CA SER D 334 21.27 -8.35 11.11
C SER D 334 22.01 -7.23 11.85
N LEU D 335 23.14 -7.58 12.45
CA LEU D 335 23.99 -6.62 13.15
C LEU D 335 23.30 -5.77 14.22
N GLY D 336 23.11 -4.49 13.91
CA GLY D 336 22.48 -3.58 14.84
C GLY D 336 21.01 -3.87 15.09
N ALA D 337 20.40 -4.64 14.20
CA ALA D 337 18.97 -4.97 14.33
C ALA D 337 18.77 -6.33 14.98
N ALA D 338 19.86 -7.07 15.15
CA ALA D 338 19.80 -8.41 15.74
C ALA D 338 19.20 -8.40 17.14
N GLY D 339 19.60 -7.43 17.96
CA GLY D 339 19.11 -7.35 19.32
C GLY D 339 17.59 -7.32 19.48
N VAL D 340 16.94 -6.36 18.82
CA VAL D 340 15.50 -6.23 18.90
C VAL D 340 14.76 -7.38 18.19
N GLN D 341 15.25 -7.81 17.03
CA GLN D 341 14.60 -8.89 16.30
C GLN D 341 14.61 -10.18 17.11
N GLU D 342 15.79 -10.52 17.65
CA GLU D 342 15.94 -11.72 18.45
C GLU D 342 15.16 -11.62 19.75
N ALA D 343 14.95 -10.40 20.23
CA ALA D 343 14.18 -10.20 21.44
C ALA D 343 12.72 -10.50 21.09
N ILE D 344 12.36 -10.21 19.85
CA ILE D 344 11.01 -10.45 19.36
C ILE D 344 10.80 -11.94 19.10
N TYR D 345 11.83 -12.62 18.60
CA TYR D 345 11.71 -14.07 18.37
C TYR D 345 11.49 -14.72 19.73
N SER D 346 12.20 -14.22 20.74
CA SER D 346 12.08 -14.75 22.10
C SER D 346 10.69 -14.47 22.65
N LEU D 347 10.18 -13.26 22.41
CA LEU D 347 8.86 -12.89 22.87
C LEU D 347 7.77 -13.74 22.20
N LEU D 348 7.98 -14.08 20.92
CA LEU D 348 7.01 -14.90 20.20
C LEU D 348 7.00 -16.34 20.68
N MET D 349 8.17 -16.83 21.12
CA MET D 349 8.27 -18.19 21.63
C MET D 349 7.61 -18.24 23.00
N LEU D 350 7.76 -17.17 23.76
CA LEU D 350 7.17 -17.08 25.10
C LEU D 350 5.66 -16.92 24.99
N GLU D 351 5.23 -16.20 23.97
CA GLU D 351 3.81 -15.94 23.74
C GLU D 351 3.10 -17.17 23.18
N HIS D 352 3.75 -17.90 22.27
CA HIS D 352 3.13 -19.08 21.68
C HIS D 352 3.61 -20.44 22.19
N GLY D 353 4.36 -20.41 23.28
CA GLY D 353 4.84 -21.65 23.88
C GLY D 353 5.58 -22.66 23.02
N PHE D 354 6.72 -22.27 22.47
CA PHE D 354 7.50 -23.19 21.66
C PHE D 354 8.95 -22.72 21.61
N ILE D 355 9.84 -23.62 21.21
CA ILE D 355 11.26 -23.30 21.12
C ILE D 355 11.70 -23.40 19.66
N ALA D 356 12.17 -22.29 19.10
CA ALA D 356 12.64 -22.28 17.72
C ALA D 356 13.85 -23.19 17.66
N PRO D 357 14.01 -23.92 16.56
CA PRO D 357 15.15 -24.83 16.42
C PRO D 357 16.44 -24.17 15.98
N SER D 358 17.55 -24.72 16.45
CA SER D 358 18.87 -24.23 16.07
C SER D 358 19.19 -25.16 14.90
N ILE D 359 19.00 -24.67 13.68
CA ILE D 359 19.19 -25.47 12.48
C ILE D 359 20.58 -25.58 11.87
N ASN D 360 20.68 -26.44 10.87
CA ASN D 360 21.90 -26.70 10.12
C ASN D 360 23.05 -27.33 10.90
N ILE D 361 22.73 -27.96 12.02
CA ILE D 361 23.76 -28.63 12.81
C ILE D 361 23.78 -30.11 12.42
N GLU D 362 24.78 -30.50 11.63
CA GLU D 362 24.89 -31.89 11.20
C GLU D 362 25.89 -32.62 12.08
N GLU D 363 26.73 -31.86 12.76
CA GLU D 363 27.74 -32.39 13.66
C GLU D 363 27.98 -31.36 14.75
N LEU D 364 27.27 -31.51 15.87
CA LEU D 364 27.38 -30.57 16.98
C LEU D 364 28.82 -30.42 17.46
N ASP D 365 29.21 -29.18 17.77
CA ASP D 365 30.55 -28.92 18.26
C ASP D 365 30.67 -29.63 19.60
N GLU D 366 31.82 -30.23 19.88
CA GLU D 366 32.02 -30.95 21.12
C GLU D 366 31.86 -30.05 22.35
N GLN D 367 32.29 -28.80 22.22
CA GLN D 367 32.23 -27.85 23.32
C GLN D 367 30.80 -27.46 23.69
N ALA D 368 29.82 -28.08 23.04
CA ALA D 368 28.42 -27.82 23.30
C ALA D 368 27.83 -28.89 24.22
N ALA D 369 28.57 -29.97 24.43
CA ALA D 369 28.11 -31.05 25.29
C ALA D 369 27.96 -30.50 26.71
N GLY D 370 26.92 -30.93 27.41
CA GLY D 370 26.70 -30.44 28.75
C GLY D 370 25.63 -29.37 28.74
N LEU D 371 25.29 -28.89 27.56
CA LEU D 371 24.28 -27.86 27.43
C LEU D 371 23.09 -28.40 26.65
N ASN D 372 21.94 -27.73 26.77
CA ASN D 372 20.73 -28.17 26.10
C ASN D 372 20.46 -27.37 24.82
N ILE D 373 21.03 -27.84 23.71
CA ILE D 373 20.84 -27.19 22.43
C ILE D 373 19.71 -27.87 21.66
N VAL D 374 18.59 -27.16 21.53
CA VAL D 374 17.40 -27.68 20.84
C VAL D 374 17.52 -27.51 19.33
N THR D 375 17.41 -28.61 18.59
CA THR D 375 17.53 -28.59 17.14
C THR D 375 16.26 -28.93 16.38
N GLU D 376 15.13 -28.99 17.10
CA GLU D 376 13.84 -29.27 16.49
C GLU D 376 12.76 -28.49 17.23
N THR D 377 11.81 -27.93 16.49
CA THR D 377 10.74 -27.15 17.10
C THR D 377 10.11 -27.95 18.22
N THR D 378 9.99 -27.32 19.38
CA THR D 378 9.44 -27.99 20.55
C THR D 378 8.41 -27.17 21.30
N ASP D 379 7.18 -27.67 21.37
CA ASP D 379 6.14 -26.97 22.10
C ASP D 379 6.46 -27.13 23.58
N ARG D 380 6.43 -26.03 24.32
CA ARG D 380 6.71 -26.07 25.75
C ARG D 380 6.21 -24.78 26.38
N GLU D 381 5.74 -24.89 27.62
CA GLU D 381 5.23 -23.74 28.33
C GLU D 381 6.39 -22.95 28.93
N LEU D 382 6.73 -21.83 28.31
CA LEU D 382 7.83 -21.00 28.78
C LEU D 382 7.29 -19.91 29.69
N THR D 383 8.13 -19.49 30.64
CA THR D 383 7.74 -18.43 31.56
C THR D 383 8.78 -17.31 31.57
N THR D 384 10.06 -17.70 31.60
CA THR D 384 11.15 -16.74 31.62
C THR D 384 12.14 -17.05 30.49
N VAL D 385 12.46 -16.04 29.68
CA VAL D 385 13.39 -16.22 28.57
C VAL D 385 14.51 -15.19 28.59
N MET D 386 15.62 -15.52 27.95
CA MET D 386 16.80 -14.66 27.90
C MET D 386 17.32 -14.54 26.47
N SER D 387 17.89 -13.38 26.14
CA SER D 387 18.46 -13.13 24.82
C SER D 387 19.78 -12.36 24.94
N ASN D 388 20.86 -12.93 24.41
CA ASN D 388 22.17 -12.30 24.48
C ASN D 388 22.55 -11.58 23.19
N SER D 389 23.31 -10.51 23.35
CA SER D 389 23.79 -9.71 22.22
C SER D 389 25.19 -9.18 22.56
N PHE D 390 26.17 -9.58 21.76
CA PHE D 390 27.55 -9.16 21.97
C PHE D 390 28.09 -8.54 20.68
N GLY D 391 28.88 -7.47 20.83
CA GLY D 391 29.42 -6.84 19.63
C GLY D 391 30.89 -6.50 19.70
N PHE D 392 31.44 -6.07 18.57
CA PHE D 392 32.84 -5.69 18.49
C PHE D 392 33.08 -4.58 19.50
N GLY D 393 34.27 -4.58 20.10
CA GLY D 393 34.60 -3.58 21.09
C GLY D 393 34.34 -4.10 22.48
N GLY D 394 34.00 -5.39 22.56
CA GLY D 394 33.73 -6.02 23.84
C GLY D 394 32.50 -5.47 24.53
N THR D 395 31.45 -5.18 23.76
CA THR D 395 30.23 -4.64 24.32
C THR D 395 29.20 -5.76 24.45
N ASN D 396 28.65 -5.91 25.65
CA ASN D 396 27.68 -6.96 25.91
C ASN D 396 26.35 -6.47 26.45
N ALA D 397 25.26 -7.11 26.01
CA ALA D 397 23.93 -6.77 26.45
C ALA D 397 23.09 -8.04 26.55
N THR D 398 22.38 -8.20 27.68
CA THR D 398 21.53 -9.35 27.90
C THR D 398 20.19 -8.88 28.42
N LEU D 399 19.11 -9.39 27.82
CA LEU D 399 17.75 -9.05 28.23
C LEU D 399 17.05 -10.31 28.73
N VAL D 400 16.25 -10.18 29.77
CA VAL D 400 15.49 -11.30 30.31
C VAL D 400 14.03 -10.89 30.40
N MET D 401 13.18 -11.60 29.68
CA MET D 401 11.75 -11.30 29.64
C MET D 401 10.94 -12.41 30.30
N ARG D 402 9.98 -12.03 31.13
CA ARG D 402 9.15 -13.00 31.84
C ARG D 402 7.68 -12.65 31.79
N LYS D 403 6.83 -13.68 31.76
CA LYS D 403 5.39 -13.49 31.74
C LYS D 403 4.94 -12.80 33.02
N LEU D 404 3.79 -12.13 32.95
CA LEU D 404 3.25 -11.43 34.11
C LEU D 404 2.27 -12.35 34.84
N LYS D 405 2.15 -12.21 36.08
N NH4 E . -10.93 -18.98 -23.20
C1 OCA F . -17.98 -16.41 -13.58
C2 OCA F . -18.10 -16.31 -12.07
C3 OCA F . -18.94 -15.13 -11.61
C4 OCA F . -18.29 -13.79 -11.96
C5 OCA F . -19.11 -12.65 -11.38
C6 OCA F . -18.31 -11.36 -11.31
C7 OCA F . -18.97 -10.34 -10.38
C8 OCA F . -19.10 -10.81 -8.93
O1 OCA F . -19.00 -16.72 -14.22
N NH4 G . -39.29 6.57 -22.03
C1 OCA H . -28.92 6.71 -15.18
C2 OCA H . -28.24 7.09 -13.89
C3 OCA H . -27.18 6.09 -13.48
C4 OCA H . -27.78 4.76 -13.03
C5 OCA H . -26.72 3.68 -12.90
C6 OCA H . -27.27 2.40 -12.32
C7 OCA H . -27.25 2.41 -10.79
C8 OCA H . -25.85 2.28 -10.20
O1 OCA H . -28.23 6.74 -16.22
N NH4 I . 26.28 24.33 24.00
C1 OCA J . 23.74 18.28 13.83
C2 OCA J . 23.90 18.10 12.33
C3 OCA J . 24.03 16.63 11.94
C4 OCA J . 25.38 16.03 12.34
C5 OCA J . 25.36 14.51 12.16
C6 OCA J . 26.76 13.91 12.12
C7 OCA J . 27.29 13.86 10.70
C8 OCA J . 26.60 12.85 9.80
O1 OCA J . 22.66 17.91 14.34
N NH4 K . 20.15 -13.33 21.07
C1 OCA L . 29.05 -6.79 15.53
C2 OCA L . 29.93 -6.64 14.30
C3 OCA L . 30.15 -5.17 13.93
C4 OCA L . 28.86 -4.46 13.56
C5 OCA L . 29.12 -3.05 13.03
C6 OCA L . 28.35 -2.78 11.74
C7 OCA L . 28.70 -1.43 11.12
C8 OCA L . 30.13 -1.29 10.62
O1 OCA L . 29.50 -6.31 16.59
#